data_6N25
#
_entry.id   6N25
#
_cell.length_a   1.0
_cell.length_b   1.0
_cell.length_c   1.0
_cell.angle_alpha   90.00
_cell.angle_beta   90.00
_cell.angle_gamma   90.00
#
_symmetry.space_group_name_H-M   'P 1'
#
loop_
_entity.id
_entity.type
_entity.pdbx_description
1 polymer 'Bestrophin homolog'
2 non-polymer 'CALCIUM ION'
#
_entity_poly.entity_id   1
_entity_poly.type   'polypeptide(L)'
_entity_poly.pdbx_seq_one_letter_code
;TVTYTNRVADARLGTFSQLLLQWKGSIYKLLYSEFLIFISLYFAISLVYRLILSESQRLMFEKLALYCNSYAELIPVSFV
LGFYVSLVVSRWWAQYESIPWPDRIMNLVSCNVDGEDEYGRLLRRTLMRYSNLCSVLILRSVSTAVYKRFPSMEHVVRAG
LMTPEEHKKFESLNSPHNKFWIPCVWFSNLAVKARNEGRIRDSVLLQGILNELNTLRSQCGRLYGYDWISIPLVYTQVVT
VAVYSFFLACLIGRQFLDPEKAYPGHELDLFVPVFTFLQFFFYAGFLKVAEQLINPFGEDDDDFETNWLIDRNLQVSLMA
VDEMHQDLPILEKDLYWNEPDPQEGEEF
;
_entity_poly.pdbx_strand_id   A,B,C,D,E
#
loop_
_chem_comp.id
_chem_comp.type
_chem_comp.name
_chem_comp.formula
CA non-polymer 'CALCIUM ION' 'Ca 2'
#
# COMPACT_ATOMS: atom_id res chain seq x y z
N THR A 1 -5.35 -21.79 12.93
CA THR A 1 -5.86 -20.51 13.38
C THR A 1 -7.06 -20.69 14.29
N VAL A 2 -7.35 -19.65 15.06
CA VAL A 2 -8.52 -19.60 15.92
C VAL A 2 -9.49 -18.62 15.28
N THR A 3 -10.57 -19.15 14.72
CA THR A 3 -11.56 -18.32 14.02
C THR A 3 -12.66 -17.91 14.98
N TYR A 4 -12.92 -16.61 15.05
CA TYR A 4 -14.00 -16.07 15.87
C TYR A 4 -14.82 -15.06 15.09
N THR A 5 -14.77 -15.12 13.75
CA THR A 5 -15.46 -14.14 12.90
C THR A 5 -16.97 -14.25 13.03
N ASN A 6 -17.48 -15.47 13.25
CA ASN A 6 -18.91 -15.68 13.42
C ASN A 6 -19.44 -15.11 14.74
N ARG A 7 -18.57 -14.82 15.69
CA ARG A 7 -18.98 -14.31 16.99
C ARG A 7 -18.99 -12.79 17.07
N VAL A 8 -18.32 -12.11 16.15
CA VAL A 8 -18.19 -10.66 16.20
C VAL A 8 -18.84 -10.04 14.97
N ALA A 9 -19.90 -10.68 14.47
CA ALA A 9 -20.60 -10.17 13.29
C ALA A 9 -21.36 -8.88 13.62
N ASP A 10 -21.96 -8.81 14.80
CA ASP A 10 -22.61 -7.61 15.29
C ASP A 10 -21.80 -7.02 16.42
N ALA A 11 -22.22 -5.87 16.92
CA ALA A 11 -21.51 -5.17 17.99
C ALA A 11 -22.51 -4.70 19.04
N ARG A 12 -22.82 -5.55 20.03
CA ARG A 12 -23.86 -5.12 20.96
C ARG A 12 -23.36 -4.58 22.31
N LEU A 13 -22.85 -5.39 23.24
CA LEU A 13 -22.18 -4.87 24.43
C LEU A 13 -20.85 -5.57 24.70
N GLY A 14 -20.93 -6.87 24.92
CA GLY A 14 -19.79 -7.70 25.21
C GLY A 14 -19.32 -8.37 23.95
N THR A 15 -19.09 -7.56 22.91
CA THR A 15 -18.64 -8.09 21.64
C THR A 15 -17.23 -8.64 21.75
N PHE A 16 -16.34 -7.88 22.38
CA PHE A 16 -14.99 -8.33 22.64
C PHE A 16 -14.79 -8.82 24.07
N SER A 17 -15.78 -8.60 24.94
CA SER A 17 -15.63 -9.03 26.33
C SER A 17 -15.81 -10.52 26.51
N GLN A 18 -16.58 -11.16 25.63
CA GLN A 18 -16.71 -12.60 25.67
C GLN A 18 -15.51 -13.31 25.06
N LEU A 19 -14.65 -12.58 24.35
CA LEU A 19 -13.46 -13.18 23.77
C LEU A 19 -12.26 -13.17 24.70
N LEU A 20 -12.31 -12.42 25.80
CA LEU A 20 -11.20 -12.43 26.74
C LEU A 20 -11.34 -13.51 27.80
N LEU A 21 -12.30 -14.42 27.66
CA LEU A 21 -12.42 -15.59 28.51
C LEU A 21 -11.99 -16.86 27.81
N GLN A 22 -11.33 -16.74 26.67
CA GLN A 22 -10.91 -17.89 25.87
C GLN A 22 -9.42 -18.11 26.04
N TRP A 23 -9.02 -19.37 26.17
CA TRP A 23 -7.63 -19.73 26.44
C TRP A 23 -6.84 -20.08 25.20
N LYS A 24 -7.45 -20.75 24.22
CA LYS A 24 -6.71 -21.22 23.07
C LYS A 24 -6.43 -20.08 22.09
N GLY A 25 -5.16 -19.87 21.76
CA GLY A 25 -4.77 -18.79 20.88
C GLY A 25 -4.88 -17.43 21.53
N SER A 26 -4.63 -17.33 22.82
CA SER A 26 -4.87 -16.12 23.59
C SER A 26 -3.56 -15.46 23.96
N ILE A 27 -3.67 -14.22 24.47
CA ILE A 27 -2.53 -13.54 25.05
C ILE A 27 -2.11 -14.19 26.37
N TYR A 28 -3.03 -14.86 27.05
CA TYR A 28 -2.70 -15.50 28.33
C TYR A 28 -1.85 -16.74 28.16
N LYS A 29 -1.92 -17.40 27.01
CA LYS A 29 -1.06 -18.56 26.77
C LYS A 29 0.33 -18.14 26.32
N LEU A 30 0.44 -17.04 25.56
CA LEU A 30 1.73 -16.61 25.06
C LEU A 30 2.59 -16.01 26.17
N LEU A 31 2.02 -15.13 26.97
CA LEU A 31 2.78 -14.41 27.98
C LEU A 31 2.94 -15.16 29.29
N TYR A 32 2.42 -16.37 29.42
CA TYR A 32 2.33 -17.03 30.72
C TYR A 32 3.70 -17.34 31.33
N SER A 33 4.70 -17.60 30.51
CA SER A 33 6.03 -17.87 31.06
C SER A 33 6.82 -16.60 31.31
N GLU A 34 6.71 -15.61 30.43
CA GLU A 34 7.45 -14.38 30.62
C GLU A 34 6.85 -13.52 31.72
N PHE A 35 5.55 -13.67 31.98
CA PHE A 35 4.92 -12.88 33.04
C PHE A 35 5.36 -13.37 34.41
N LEU A 36 5.34 -14.69 34.63
CA LEU A 36 5.71 -15.25 35.92
C LEU A 36 7.19 -15.05 36.24
N ILE A 37 8.05 -14.93 35.24
CA ILE A 37 9.43 -14.55 35.50
C ILE A 37 9.49 -13.10 35.94
N PHE A 38 8.72 -12.22 35.28
CA PHE A 38 8.74 -10.80 35.61
C PHE A 38 8.08 -10.51 36.95
N ILE A 39 7.06 -11.28 37.33
CA ILE A 39 6.46 -11.12 38.65
C ILE A 39 7.43 -11.58 39.73
N SER A 40 8.07 -12.73 39.52
CA SER A 40 8.95 -13.29 40.55
C SER A 40 10.24 -12.51 40.68
N LEU A 41 10.75 -11.97 39.58
CA LEU A 41 11.92 -11.10 39.67
C LEU A 41 11.58 -9.77 40.34
N TYR A 42 10.34 -9.31 40.20
CA TYR A 42 9.95 -8.07 40.87
C TYR A 42 9.82 -8.28 42.36
N PHE A 43 9.07 -9.30 42.77
CA PHE A 43 8.82 -9.54 44.19
C PHE A 43 10.05 -10.03 44.93
N ALA A 44 11.05 -10.56 44.23
CA ALA A 44 12.31 -10.87 44.88
C ALA A 44 13.04 -9.60 45.29
N ILE A 45 13.12 -8.63 44.37
CA ILE A 45 13.77 -7.36 44.66
C ILE A 45 12.98 -6.56 45.69
N SER A 46 11.65 -6.72 45.71
CA SER A 46 10.84 -6.03 46.69
C SER A 46 11.04 -6.59 48.09
N LEU A 47 11.11 -7.92 48.21
CA LEU A 47 11.29 -8.51 49.53
C LEU A 47 12.73 -8.40 50.03
N VAL A 48 13.70 -8.28 49.14
CA VAL A 48 15.07 -8.05 49.58
C VAL A 48 15.23 -6.62 50.08
N TYR A 49 14.57 -5.67 49.42
CA TYR A 49 14.58 -4.27 49.86
C TYR A 49 13.88 -4.07 51.19
N ARG A 50 12.83 -4.83 51.47
CA ARG A 50 12.03 -4.62 52.67
C ARG A 50 12.49 -5.46 53.86
N LEU A 51 13.36 -6.43 53.66
CA LEU A 51 13.69 -7.34 54.75
C LEU A 51 15.19 -7.53 54.98
N ILE A 52 15.99 -7.38 53.93
CA ILE A 52 17.38 -7.80 53.95
C ILE A 52 18.35 -6.61 54.01
N LEU A 53 18.09 -5.56 53.24
CA LEU A 53 18.98 -4.40 53.24
C LEU A 53 18.92 -3.66 54.58
N SER A 54 20.06 -3.15 55.00
CA SER A 54 20.14 -2.35 56.21
C SER A 54 19.75 -0.90 55.92
N GLU A 55 19.67 -0.09 56.98
CA GLU A 55 19.18 1.27 56.85
C GLU A 55 20.16 2.15 56.06
N SER A 56 21.45 1.91 56.19
CA SER A 56 22.43 2.63 55.38
C SER A 56 22.51 2.08 53.96
N GLN A 57 21.95 0.90 53.70
CA GLN A 57 21.96 0.33 52.37
C GLN A 57 20.64 0.46 51.64
N ARG A 58 19.54 0.71 52.36
CA ARG A 58 18.28 1.01 51.69
C ARG A 58 18.34 2.36 50.99
N LEU A 59 19.07 3.31 51.57
CA LEU A 59 19.17 4.64 50.98
C LEU A 59 20.00 4.63 49.71
N MET A 60 20.87 3.65 49.54
CA MET A 60 21.59 3.50 48.28
C MET A 60 20.66 2.95 47.20
N PHE A 61 19.72 2.10 47.58
CA PHE A 61 18.74 1.56 46.65
C PHE A 61 17.71 2.62 46.26
N GLU A 62 17.41 3.55 47.15
CA GLU A 62 16.45 4.60 46.85
C GLU A 62 16.98 5.56 45.80
N LYS A 63 18.29 5.78 45.79
CA LYS A 63 18.89 6.66 44.80
C LYS A 63 18.95 6.01 43.42
N LEU A 64 19.18 4.69 43.36
CA LEU A 64 19.14 3.99 42.08
C LEU A 64 17.73 3.84 41.55
N ALA A 65 16.75 3.70 42.45
CA ALA A 65 15.37 3.54 41.99
C ALA A 65 14.82 4.83 41.41
N LEU A 66 15.32 5.98 41.87
CA LEU A 66 14.92 7.24 41.29
C LEU A 66 15.69 7.55 40.01
N TYR A 67 16.93 7.09 39.92
CA TYR A 67 17.69 7.26 38.68
C TYR A 67 17.10 6.41 37.57
N CYS A 68 16.79 5.15 37.87
CA CYS A 68 16.27 4.24 36.85
C CYS A 68 14.82 4.52 36.50
N ASN A 69 14.12 5.32 37.31
CA ASN A 69 12.75 5.66 36.97
C ASN A 69 12.71 6.85 36.02
N SER A 70 13.63 7.80 36.19
CA SER A 70 13.61 9.01 35.39
C SER A 70 14.18 8.79 34.00
N TYR A 71 15.22 7.97 33.88
CA TYR A 71 15.96 7.84 32.64
C TYR A 71 15.67 6.56 31.88
N ALA A 72 14.73 5.73 32.34
CA ALA A 72 14.27 4.61 31.53
C ALA A 72 13.38 5.05 30.39
N GLU A 73 12.89 6.30 30.42
CA GLU A 73 12.12 6.86 29.33
C GLU A 73 12.97 7.20 28.12
N LEU A 74 14.30 7.15 28.24
CA LEU A 74 15.18 7.36 27.09
C LEU A 74 15.22 6.16 26.17
N ILE A 75 14.69 5.01 26.58
CA ILE A 75 14.63 3.83 25.73
C ILE A 75 13.41 3.97 24.83
N PRO A 76 13.57 4.15 23.52
CA PRO A 76 12.41 4.41 22.67
C PRO A 76 11.62 3.14 22.34
N VAL A 77 10.85 2.67 23.32
CA VAL A 77 10.23 1.35 23.22
C VAL A 77 9.10 1.38 22.20
N SER A 78 8.27 2.42 22.23
CA SER A 78 7.16 2.49 21.28
C SER A 78 7.64 2.79 19.86
N PHE A 79 8.75 3.48 19.71
CA PHE A 79 9.30 3.74 18.39
C PHE A 79 9.93 2.47 17.79
N VAL A 80 10.65 1.73 18.61
CA VAL A 80 11.34 0.53 18.12
C VAL A 80 10.34 -0.60 17.91
N LEU A 81 9.44 -0.82 18.88
CA LEU A 81 8.47 -1.91 18.75
C LEU A 81 7.38 -1.59 17.75
N GLY A 82 7.00 -0.31 17.62
CA GLY A 82 5.96 0.05 16.67
C GLY A 82 6.38 -0.10 15.23
N PHE A 83 7.68 0.05 14.95
CA PHE A 83 8.16 -0.19 13.60
C PHE A 83 8.24 -1.68 13.30
N TYR A 84 8.54 -2.49 14.31
CA TYR A 84 8.78 -3.91 14.09
C TYR A 84 7.48 -4.66 13.87
N VAL A 85 6.44 -4.27 14.59
CA VAL A 85 5.14 -4.93 14.47
C VAL A 85 4.50 -4.57 13.13
N SER A 86 4.87 -3.43 12.54
CA SER A 86 4.40 -3.10 11.21
C SER A 86 5.03 -4.00 10.15
N LEU A 87 6.29 -4.42 10.35
CA LEU A 87 6.92 -5.34 9.40
C LEU A 87 6.34 -6.74 9.48
N VAL A 88 6.06 -7.22 10.69
CA VAL A 88 5.60 -8.59 10.85
C VAL A 88 4.18 -8.73 10.33
N VAL A 89 3.35 -7.72 10.54
CA VAL A 89 1.95 -7.78 10.10
C VAL A 89 1.84 -7.56 8.59
N SER A 90 2.71 -6.74 8.00
CA SER A 90 2.69 -6.52 6.56
C SER A 90 3.07 -7.79 5.80
N ARG A 91 4.00 -8.57 6.36
CA ARG A 91 4.38 -9.83 5.75
C ARG A 91 3.43 -10.95 6.11
N TRP A 92 2.58 -10.77 7.12
CA TRP A 92 1.73 -11.84 7.59
C TRP A 92 0.63 -12.18 6.60
N TRP A 93 -0.14 -11.17 6.17
CA TRP A 93 -1.20 -11.43 5.22
C TRP A 93 -0.67 -11.67 3.82
N ALA A 94 0.52 -11.17 3.51
CA ALA A 94 1.11 -11.40 2.20
C ALA A 94 1.57 -12.84 2.02
N GLN A 95 1.82 -13.57 3.10
CA GLN A 95 2.16 -14.98 2.99
C GLN A 95 0.94 -15.89 2.98
N TYR A 96 -0.21 -15.43 3.47
CA TYR A 96 -1.41 -16.21 3.26
C TYR A 96 -1.84 -16.19 1.80
N GLU A 97 -1.70 -15.05 1.15
CA GLU A 97 -2.07 -14.92 -0.24
C GLU A 97 -1.12 -15.63 -1.18
N SER A 98 0.06 -16.02 -0.70
CA SER A 98 1.02 -16.75 -1.51
C SER A 98 0.79 -18.25 -1.45
N ILE A 99 -0.09 -18.72 -0.59
CA ILE A 99 -0.40 -20.15 -0.50
C ILE A 99 -1.17 -20.55 -1.74
N PRO A 100 -0.68 -21.50 -2.53
CA PRO A 100 -1.35 -21.83 -3.79
C PRO A 100 -2.59 -22.68 -3.58
N TRP A 101 -3.60 -22.38 -4.38
CA TRP A 101 -4.88 -23.07 -4.45
C TRP A 101 -5.04 -23.70 -5.82
N PRO A 102 -5.53 -24.94 -5.89
CA PRO A 102 -5.60 -25.63 -7.18
C PRO A 102 -6.80 -25.24 -8.03
N ASP A 103 -7.70 -24.40 -7.51
CA ASP A 103 -9.05 -24.31 -8.02
C ASP A 103 -9.16 -23.60 -9.36
N ARG A 104 -8.16 -22.82 -9.76
CA ARG A 104 -8.18 -22.24 -11.10
C ARG A 104 -7.67 -23.23 -12.14
N ILE A 105 -6.66 -24.04 -11.79
CA ILE A 105 -6.24 -25.12 -12.66
C ILE A 105 -7.31 -26.20 -12.71
N MET A 106 -7.97 -26.43 -11.58
CA MET A 106 -8.97 -27.46 -11.44
C MET A 106 -10.19 -27.22 -12.32
N ASN A 107 -10.54 -25.95 -12.56
CA ASN A 107 -11.64 -25.63 -13.44
C ASN A 107 -11.32 -25.93 -14.90
N LEU A 108 -10.06 -25.77 -15.29
CA LEU A 108 -9.69 -25.90 -16.69
C LEU A 108 -9.29 -27.32 -17.07
N VAL A 109 -8.74 -28.09 -16.15
CA VAL A 109 -8.42 -29.48 -16.43
C VAL A 109 -9.69 -30.32 -16.44
N SER A 110 -10.68 -29.95 -15.63
CA SER A 110 -11.91 -30.72 -15.53
C SER A 110 -12.78 -30.62 -16.78
N CYS A 111 -12.56 -29.63 -17.63
CA CYS A 111 -13.40 -29.44 -18.80
C CYS A 111 -12.66 -29.55 -20.12
N ASN A 112 -11.39 -29.18 -20.19
CA ASN A 112 -10.69 -29.11 -21.47
C ASN A 112 -9.90 -30.37 -21.81
N VAL A 113 -9.65 -31.25 -20.87
CA VAL A 113 -8.90 -32.48 -21.13
C VAL A 113 -9.94 -33.58 -21.32
N ASP A 114 -10.18 -33.95 -22.57
CA ASP A 114 -11.33 -34.76 -22.91
C ASP A 114 -11.08 -36.23 -22.60
N GLY A 115 -12.15 -37.02 -22.65
CA GLY A 115 -12.05 -38.44 -22.45
C GLY A 115 -12.77 -38.96 -21.23
N GLU A 116 -13.71 -39.89 -21.43
CA GLU A 116 -14.35 -40.58 -20.34
C GLU A 116 -13.79 -41.98 -20.13
N ASP A 117 -12.89 -42.44 -21.00
CA ASP A 117 -12.26 -43.75 -20.87
C ASP A 117 -11.22 -43.72 -19.76
N GLU A 118 -10.57 -44.87 -19.54
CA GLU A 118 -9.64 -44.99 -18.42
C GLU A 118 -8.32 -44.28 -18.65
N TYR A 119 -8.03 -43.85 -19.89
CA TYR A 119 -6.80 -43.13 -20.15
C TYR A 119 -6.95 -41.62 -19.94
N GLY A 120 -8.05 -41.04 -20.41
CA GLY A 120 -8.31 -39.64 -20.12
C GLY A 120 -8.67 -39.41 -18.68
N ARG A 121 -9.22 -40.42 -18.02
CA ARG A 121 -9.44 -40.34 -16.58
C ARG A 121 -8.13 -40.37 -15.82
N LEU A 122 -7.16 -41.14 -16.32
CA LEU A 122 -5.84 -41.18 -15.71
C LEU A 122 -5.05 -39.92 -16.00
N LEU A 123 -5.32 -39.29 -17.14
CA LEU A 123 -4.56 -38.12 -17.58
C LEU A 123 -4.96 -36.86 -16.82
N ARG A 124 -6.23 -36.74 -16.45
CA ARG A 124 -6.66 -35.59 -15.65
C ARG A 124 -6.25 -35.71 -14.20
N ARG A 125 -6.23 -36.93 -13.66
CA ARG A 125 -5.82 -37.10 -12.27
C ARG A 125 -4.33 -36.88 -12.09
N THR A 126 -3.53 -37.19 -13.11
CA THR A 126 -2.09 -37.01 -13.01
C THR A 126 -1.71 -35.54 -13.12
N LEU A 127 -2.45 -34.76 -13.91
CA LEU A 127 -2.22 -33.32 -13.98
C LEU A 127 -2.50 -32.65 -12.64
N MET A 128 -3.64 -32.92 -12.04
CA MET A 128 -3.96 -32.31 -10.75
C MET A 128 -3.16 -32.88 -9.60
N ARG A 129 -2.53 -34.04 -9.77
CA ARG A 129 -1.62 -34.53 -8.74
C ARG A 129 -0.25 -33.89 -8.87
N TYR A 130 0.14 -33.49 -10.07
CA TYR A 130 1.39 -32.72 -10.24
C TYR A 130 1.24 -31.30 -9.74
N SER A 131 0.04 -30.72 -9.82
CA SER A 131 -0.15 -29.37 -9.29
C SER A 131 -0.16 -29.37 -7.77
N ASN A 132 -0.68 -30.43 -7.17
CA ASN A 132 -0.68 -30.50 -5.71
C ASN A 132 0.70 -30.86 -5.18
N LEU A 133 1.46 -31.65 -5.94
CA LEU A 133 2.82 -32.00 -5.53
C LEU A 133 3.75 -30.81 -5.63
N CYS A 134 3.52 -29.90 -6.59
CA CYS A 134 4.36 -28.72 -6.73
C CYS A 134 4.12 -27.74 -5.59
N SER A 135 3.03 -27.91 -4.85
CA SER A 135 2.68 -27.12 -3.68
C SER A 135 3.08 -27.77 -2.37
N VAL A 136 3.05 -29.11 -2.29
CA VAL A 136 3.49 -29.79 -1.08
C VAL A 136 5.00 -29.66 -0.90
N LEU A 137 5.74 -29.71 -2.00
CA LEU A 137 7.19 -29.64 -1.92
C LEU A 137 7.70 -28.26 -1.54
N ILE A 138 6.91 -27.20 -1.73
CA ILE A 138 7.31 -25.91 -1.22
C ILE A 138 6.79 -25.68 0.19
N LEU A 139 5.66 -26.30 0.57
CA LEU A 139 5.18 -26.14 1.93
C LEU A 139 6.01 -26.93 2.93
N ARG A 140 6.58 -28.06 2.53
CA ARG A 140 7.46 -28.75 3.46
C ARG A 140 8.85 -28.15 3.51
N SER A 141 9.13 -27.13 2.70
CA SER A 141 10.34 -26.33 2.85
C SER A 141 10.11 -25.10 3.71
N VAL A 142 8.89 -24.57 3.73
CA VAL A 142 8.62 -23.32 4.43
C VAL A 142 7.83 -23.52 5.72
N SER A 143 7.25 -24.69 5.94
CA SER A 143 6.46 -24.95 7.13
C SER A 143 7.08 -26.09 7.92
N THR A 144 7.20 -25.90 9.23
CA THR A 144 7.63 -26.98 10.11
C THR A 144 6.48 -27.91 10.48
N ALA A 145 5.25 -27.50 10.24
CA ALA A 145 4.12 -28.39 10.48
C ALA A 145 3.93 -29.39 9.35
N VAL A 146 4.24 -28.99 8.12
CA VAL A 146 4.18 -29.91 7.01
C VAL A 146 5.41 -30.81 7.00
N TYR A 147 6.56 -30.30 7.42
CA TYR A 147 7.78 -31.10 7.43
C TYR A 147 7.74 -32.19 8.48
N LYS A 148 7.09 -31.96 9.61
CA LYS A 148 6.96 -33.02 10.60
C LYS A 148 5.94 -34.07 10.20
N ARG A 149 5.06 -33.74 9.26
CA ARG A 149 4.17 -34.75 8.69
C ARG A 149 4.87 -35.56 7.60
N PHE A 150 5.67 -34.89 6.76
CA PHE A 150 6.42 -35.54 5.68
C PHE A 150 7.91 -35.31 5.93
N PRO A 151 8.55 -36.11 6.78
CA PRO A 151 9.97 -35.85 7.06
C PRO A 151 10.88 -36.24 5.91
N SER A 152 10.56 -37.30 5.20
CA SER A 152 11.32 -37.74 4.05
C SER A 152 10.38 -37.87 2.86
N MET A 153 10.97 -38.10 1.70
CA MET A 153 10.18 -38.21 0.48
C MET A 153 9.45 -39.54 0.40
N GLU A 154 9.86 -40.52 1.21
CA GLU A 154 9.13 -41.77 1.30
C GLU A 154 7.78 -41.59 1.97
N HIS A 155 7.65 -40.60 2.85
CA HIS A 155 6.35 -40.29 3.45
C HIS A 155 5.40 -39.66 2.44
N VAL A 156 5.91 -38.98 1.43
CA VAL A 156 5.05 -38.39 0.41
C VAL A 156 4.50 -39.47 -0.50
N VAL A 157 5.26 -40.54 -0.72
CA VAL A 157 4.79 -41.65 -1.55
C VAL A 157 3.72 -42.44 -0.80
N ARG A 158 3.84 -42.56 0.52
CA ARG A 158 2.86 -43.30 1.30
C ARG A 158 1.53 -42.57 1.44
N ALA A 159 1.50 -41.27 1.19
CA ALA A 159 0.26 -40.51 1.29
C ALA A 159 -0.50 -40.44 -0.03
N GLY A 160 0.03 -41.03 -1.09
CA GLY A 160 -0.63 -41.02 -2.38
C GLY A 160 -0.37 -39.79 -3.21
N LEU A 161 0.47 -38.87 -2.75
CA LEU A 161 0.82 -37.69 -3.50
C LEU A 161 1.82 -37.96 -4.61
N MET A 162 2.48 -39.11 -4.59
CA MET A 162 3.53 -39.43 -5.54
C MET A 162 3.58 -40.94 -5.71
N THR A 163 3.50 -41.41 -6.94
CA THR A 163 3.61 -42.83 -7.19
C THR A 163 5.08 -43.26 -7.08
N PRO A 164 5.35 -44.54 -6.83
CA PRO A 164 6.76 -44.97 -6.72
C PRO A 164 7.58 -44.84 -7.99
N GLU A 165 6.94 -44.80 -9.16
CA GLU A 165 7.68 -44.59 -10.40
C GLU A 165 8.12 -43.14 -10.54
N GLU A 166 7.39 -42.22 -9.91
CA GLU A 166 7.76 -40.81 -9.93
C GLU A 166 8.85 -40.48 -8.93
N HIS A 167 9.00 -41.28 -7.87
CA HIS A 167 10.06 -41.06 -6.91
C HIS A 167 11.42 -41.45 -7.50
N LYS A 168 11.45 -42.45 -8.38
CA LYS A 168 12.70 -42.80 -9.05
C LYS A 168 13.11 -41.72 -10.03
N LYS A 169 12.15 -41.13 -10.72
CA LYS A 169 12.44 -40.04 -11.64
C LYS A 169 12.79 -38.76 -10.88
N PHE A 170 12.26 -38.59 -9.67
CA PHE A 170 12.55 -37.42 -8.86
C PHE A 170 13.94 -37.48 -8.24
N GLU A 171 14.51 -38.67 -8.06
CA GLU A 171 15.84 -38.81 -7.52
C GLU A 171 16.92 -38.86 -8.60
N SER A 172 16.58 -39.33 -9.79
CA SER A 172 17.55 -39.37 -10.88
C SER A 172 17.85 -37.99 -11.43
N LEU A 173 16.95 -37.03 -11.24
CA LEU A 173 17.19 -35.64 -11.62
C LEU A 173 18.15 -35.03 -10.60
N ASN A 174 19.40 -34.85 -11.00
CA ASN A 174 20.46 -34.45 -10.08
C ASN A 174 20.52 -32.93 -10.04
N SER A 175 20.16 -32.35 -8.89
CA SER A 175 20.21 -30.92 -8.70
C SER A 175 20.57 -30.66 -7.25
N PRO A 176 21.54 -29.79 -6.97
CA PRO A 176 21.91 -29.51 -5.58
C PRO A 176 20.98 -28.53 -4.88
N HIS A 177 19.98 -28.00 -5.55
CA HIS A 177 19.11 -26.98 -5.01
C HIS A 177 17.77 -27.59 -4.62
N ASN A 178 16.82 -26.75 -4.23
CA ASN A 178 15.49 -27.21 -3.89
C ASN A 178 14.75 -27.60 -5.16
N LYS A 179 14.08 -28.75 -5.12
CA LYS A 179 13.46 -29.35 -6.29
C LYS A 179 11.95 -29.18 -6.32
N PHE A 180 11.43 -28.07 -5.79
CA PHE A 180 9.98 -27.86 -5.81
C PHE A 180 9.46 -27.52 -7.20
N TRP A 181 10.35 -27.15 -8.12
CA TRP A 181 10.00 -26.80 -9.49
C TRP A 181 9.87 -28.01 -10.40
N ILE A 182 10.21 -29.21 -9.92
CA ILE A 182 10.13 -30.41 -10.77
C ILE A 182 8.70 -30.75 -11.22
N PRO A 183 7.69 -30.82 -10.34
CA PRO A 183 6.36 -31.22 -10.84
C PRO A 183 5.68 -30.15 -11.68
N CYS A 184 6.08 -28.89 -11.54
CA CYS A 184 5.54 -27.86 -12.41
C CYS A 184 6.12 -27.93 -13.82
N VAL A 185 7.24 -28.63 -14.02
CA VAL A 185 7.71 -28.89 -15.37
C VAL A 185 7.10 -30.18 -15.93
N TRP A 186 6.86 -31.18 -15.08
CA TRP A 186 6.12 -32.37 -15.48
C TRP A 186 4.69 -32.06 -15.89
N PHE A 187 4.09 -31.02 -15.30
CA PHE A 187 2.73 -30.63 -15.66
C PHE A 187 2.68 -30.14 -17.10
N SER A 188 3.59 -29.23 -17.45
CA SER A 188 3.54 -28.59 -18.76
C SER A 188 3.96 -29.55 -19.86
N ASN A 189 4.78 -30.53 -19.55
CA ASN A 189 5.15 -31.54 -20.54
C ASN A 189 4.06 -32.59 -20.72
N LEU A 190 3.24 -32.80 -19.70
CA LEU A 190 2.12 -33.73 -19.83
C LEU A 190 0.92 -33.07 -20.48
N ALA A 191 0.74 -31.77 -20.29
CA ALA A 191 -0.35 -31.06 -20.95
C ALA A 191 -0.08 -30.91 -22.45
N VAL A 192 1.18 -30.83 -22.86
CA VAL A 192 1.49 -30.80 -24.28
C VAL A 192 1.38 -32.20 -24.87
N LYS A 193 1.80 -33.22 -24.12
CA LYS A 193 1.60 -34.60 -24.54
C LYS A 193 0.12 -34.94 -24.65
N ALA A 194 -0.72 -34.34 -23.79
CA ALA A 194 -2.15 -34.52 -23.89
C ALA A 194 -2.72 -33.87 -25.15
N ARG A 195 -2.17 -32.73 -25.56
CA ARG A 195 -2.67 -32.07 -26.77
C ARG A 195 -2.25 -32.83 -28.01
N ASN A 196 -1.01 -33.33 -28.04
CA ASN A 196 -0.51 -34.05 -29.21
C ASN A 196 -1.17 -35.41 -29.40
N GLU A 197 -1.91 -35.90 -28.41
CA GLU A 197 -2.71 -37.09 -28.55
C GLU A 197 -4.18 -36.79 -28.79
N GLY A 198 -4.55 -35.52 -28.89
CA GLY A 198 -5.90 -35.14 -29.20
C GLY A 198 -6.82 -34.93 -28.02
N ARG A 199 -6.29 -34.97 -26.80
CA ARG A 199 -7.16 -34.84 -25.63
C ARG A 199 -7.52 -33.39 -25.36
N ILE A 200 -6.57 -32.48 -25.49
CA ILE A 200 -6.85 -31.05 -25.46
C ILE A 200 -7.05 -30.60 -26.90
N ARG A 201 -8.14 -29.84 -27.14
CA ARG A 201 -8.61 -29.60 -28.49
C ARG A 201 -7.74 -28.63 -29.25
N ASP A 202 -7.60 -27.40 -28.75
CA ASP A 202 -6.87 -26.35 -29.46
C ASP A 202 -5.68 -25.90 -28.64
N SER A 203 -4.87 -25.03 -29.25
CA SER A 203 -3.73 -24.45 -28.57
C SER A 203 -4.11 -23.24 -27.72
N VAL A 204 -5.27 -22.65 -27.97
CA VAL A 204 -5.76 -21.60 -27.09
C VAL A 204 -6.17 -22.19 -25.75
N LEU A 205 -6.70 -23.41 -25.78
CA LEU A 205 -7.08 -24.10 -24.56
C LEU A 205 -5.87 -24.68 -23.85
N LEU A 206 -4.82 -25.03 -24.59
CA LEU A 206 -3.58 -25.45 -23.98
C LEU A 206 -2.88 -24.30 -23.27
N GLN A 207 -2.83 -23.12 -23.91
CA GLN A 207 -2.16 -21.98 -23.31
C GLN A 207 -2.91 -21.45 -22.11
N GLY A 208 -4.23 -21.63 -22.06
CA GLY A 208 -4.98 -21.27 -20.89
C GLY A 208 -4.68 -22.14 -19.69
N ILE A 209 -4.39 -23.42 -19.93
CA ILE A 209 -3.96 -24.30 -18.84
C ILE A 209 -2.55 -23.96 -18.41
N LEU A 210 -1.67 -23.65 -19.36
CA LEU A 210 -0.29 -23.31 -19.03
C LEU A 210 -0.16 -21.95 -18.38
N ASN A 211 -1.12 -21.05 -18.58
CA ASN A 211 -1.06 -19.77 -17.87
C ASN A 211 -1.42 -19.92 -16.41
N GLU A 212 -2.33 -20.86 -16.08
CA GLU A 212 -2.65 -21.09 -14.69
C GLU A 212 -1.60 -21.92 -13.98
N LEU A 213 -0.79 -22.66 -14.72
CA LEU A 213 0.36 -23.32 -14.11
C LEU A 213 1.41 -22.30 -13.68
N ASN A 214 1.68 -21.32 -14.54
CA ASN A 214 2.69 -20.32 -14.20
C ASN A 214 2.21 -19.37 -13.12
N THR A 215 0.90 -19.20 -12.97
CA THR A 215 0.38 -18.43 -11.85
C THR A 215 0.61 -19.17 -10.54
N LEU A 216 0.44 -20.49 -10.56
CA LEU A 216 0.71 -21.28 -9.36
C LEU A 216 2.20 -21.43 -9.13
N ARG A 217 3.02 -21.36 -10.18
CA ARG A 217 4.46 -21.33 -10.01
C ARG A 217 4.91 -20.02 -9.39
N SER A 218 4.22 -18.91 -9.69
CA SER A 218 4.56 -17.65 -9.06
C SER A 218 4.12 -17.60 -7.61
N GLN A 219 3.08 -18.35 -7.25
CA GLN A 219 2.67 -18.46 -5.86
C GLN A 219 3.70 -19.21 -5.03
N CYS A 220 4.25 -20.28 -5.58
CA CYS A 220 5.28 -21.04 -4.88
C CYS A 220 6.58 -20.26 -4.80
N GLY A 221 6.85 -19.38 -5.75
CA GLY A 221 8.05 -18.57 -5.69
C GLY A 221 7.97 -17.48 -4.65
N ARG A 222 6.77 -17.02 -4.31
CA ARG A 222 6.62 -16.04 -3.25
C ARG A 222 6.81 -16.68 -1.88
N LEU A 223 6.30 -17.89 -1.69
CA LEU A 223 6.53 -18.62 -0.45
C LEU A 223 8.00 -18.96 -0.26
N TYR A 224 8.73 -19.18 -1.36
CA TYR A 224 10.16 -19.38 -1.26
C TYR A 224 10.87 -18.08 -0.91
N GLY A 225 10.29 -16.94 -1.27
CA GLY A 225 10.95 -15.67 -1.00
C GLY A 225 10.82 -15.24 0.45
N TYR A 226 9.63 -15.41 1.04
CA TYR A 226 9.42 -15.02 2.42
C TYR A 226 10.12 -15.95 3.41
N ASP A 227 10.36 -17.20 3.03
CA ASP A 227 11.10 -18.10 3.90
C ASP A 227 12.59 -17.84 3.85
N TRP A 228 13.10 -17.47 2.67
CA TRP A 228 14.53 -17.28 2.50
C TRP A 228 14.98 -15.88 2.84
N ILE A 229 14.19 -14.86 2.49
CA ILE A 229 14.53 -13.48 2.80
C ILE A 229 13.72 -13.13 4.04
N SER A 230 14.32 -13.34 5.20
CA SER A 230 13.66 -13.10 6.47
C SER A 230 13.57 -11.60 6.74
N ILE A 231 12.83 -11.26 7.80
CA ILE A 231 13.04 -9.97 8.45
C ILE A 231 14.49 -9.91 8.90
N PRO A 232 15.20 -8.79 8.68
CA PRO A 232 16.63 -8.74 9.00
C PRO A 232 16.91 -8.97 10.48
N LEU A 233 17.92 -9.81 10.74
CA LEU A 233 18.27 -10.23 12.09
C LEU A 233 18.66 -9.05 12.96
N VAL A 234 19.21 -8.00 12.34
CA VAL A 234 19.52 -6.78 13.03
C VAL A 234 18.28 -6.07 13.56
N TYR A 235 17.11 -6.24 12.93
CA TYR A 235 15.86 -5.73 13.49
C TYR A 235 15.36 -6.58 14.64
N THR A 236 15.48 -7.90 14.54
CA THR A 236 14.99 -8.78 15.60
C THR A 236 15.82 -8.63 16.86
N GLN A 237 17.12 -8.36 16.73
CA GLN A 237 17.98 -8.19 17.89
C GLN A 237 17.79 -6.84 18.57
N VAL A 238 17.40 -5.81 17.83
CA VAL A 238 17.20 -4.51 18.44
C VAL A 238 15.91 -4.49 19.26
N VAL A 239 14.84 -5.10 18.75
CA VAL A 239 13.57 -5.04 19.46
C VAL A 239 13.52 -5.94 20.68
N THR A 240 14.34 -6.98 20.74
CA THR A 240 14.38 -7.81 21.93
C THR A 240 15.30 -7.26 22.98
N VAL A 241 16.13 -6.27 22.64
CA VAL A 241 16.84 -5.52 23.66
C VAL A 241 15.99 -4.34 24.15
N ALA A 242 15.21 -3.73 23.26
CA ALA A 242 14.42 -2.57 23.63
C ALA A 242 13.30 -2.94 24.59
N VAL A 243 12.72 -4.12 24.45
CA VAL A 243 11.68 -4.54 25.39
C VAL A 243 12.31 -5.07 26.67
N TYR A 244 13.38 -5.86 26.55
CA TYR A 244 13.93 -6.50 27.74
C TYR A 244 14.76 -5.55 28.60
N SER A 245 15.43 -4.56 28.01
CA SER A 245 16.14 -3.60 28.85
C SER A 245 15.21 -2.59 29.48
N PHE A 246 14.03 -2.38 28.92
CA PHE A 246 13.08 -1.45 29.52
C PHE A 246 12.49 -2.03 30.79
N PHE A 247 12.11 -3.29 30.77
CA PHE A 247 11.55 -3.92 31.96
C PHE A 247 12.61 -4.48 32.88
N LEU A 248 13.86 -4.52 32.45
CA LEU A 248 14.95 -4.72 33.40
C LEU A 248 15.16 -3.48 34.25
N ALA A 249 14.94 -2.30 33.67
CA ALA A 249 15.00 -1.06 34.44
C ALA A 249 13.77 -0.88 35.31
N CYS A 250 12.64 -1.48 34.93
CA CYS A 250 11.43 -1.38 35.73
C CYS A 250 11.42 -2.32 36.93
N LEU A 251 12.39 -3.22 37.03
CA LEU A 251 12.50 -4.01 38.25
C LEU A 251 13.09 -3.20 39.39
N ILE A 252 13.87 -2.18 39.06
CA ILE A 252 14.44 -1.27 40.05
C ILE A 252 13.61 0.00 40.17
N GLY A 253 13.23 0.61 39.05
CA GLY A 253 12.60 1.91 39.08
C GLY A 253 11.17 1.92 39.53
N ARG A 254 10.45 0.82 39.34
CA ARG A 254 9.05 0.77 39.73
C ARG A 254 8.84 0.13 41.09
N GLN A 255 9.88 0.04 41.91
CA GLN A 255 9.71 -0.40 43.27
C GLN A 255 8.95 0.65 44.07
N PHE A 256 8.17 0.21 45.04
CA PHE A 256 7.54 1.13 45.97
C PHE A 256 8.56 1.53 47.02
N LEU A 257 8.94 2.81 47.03
CA LEU A 257 9.95 3.28 47.95
C LEU A 257 9.30 3.57 49.31
N ASP A 258 10.11 4.02 50.25
CA ASP A 258 9.63 4.22 51.61
C ASP A 258 8.82 5.51 51.69
N PRO A 259 7.56 5.45 52.15
CA PRO A 259 6.77 6.69 52.26
C PRO A 259 7.24 7.62 53.37
N GLU A 260 7.95 7.10 54.36
CA GLU A 260 8.45 7.94 55.46
C GLU A 260 9.57 8.86 55.01
N LYS A 261 10.26 8.54 53.91
CA LYS A 261 11.29 9.41 53.37
C LYS A 261 10.70 10.54 52.54
N ALA A 262 9.44 10.42 52.12
CA ALA A 262 8.66 11.45 51.43
C ALA A 262 9.30 11.89 50.12
N TYR A 263 9.46 10.92 49.22
CA TYR A 263 9.94 11.25 47.89
C TYR A 263 8.79 11.78 47.03
N PRO A 264 9.10 12.65 46.05
CA PRO A 264 8.06 13.10 45.12
C PRO A 264 7.58 11.98 44.21
N GLY A 265 6.33 11.58 44.36
CA GLY A 265 5.77 10.52 43.54
C GLY A 265 5.52 9.25 44.32
N HIS A 266 6.44 8.90 45.21
CA HIS A 266 6.33 7.69 46.01
C HIS A 266 5.72 8.00 47.38
N GLU A 267 4.47 8.47 47.35
CA GLU A 267 3.76 8.84 48.57
C GLU A 267 2.78 7.77 49.03
N LEU A 268 2.63 6.69 48.29
CA LEU A 268 1.68 5.64 48.63
C LEU A 268 2.32 4.29 48.37
N ASP A 269 2.14 3.37 49.31
CA ASP A 269 2.66 2.01 49.23
C ASP A 269 1.50 1.06 49.03
N LEU A 270 1.53 0.28 47.95
CA LEU A 270 0.45 -0.64 47.63
C LEU A 270 0.90 -2.08 47.45
N PHE A 271 2.21 -2.34 47.39
CA PHE A 271 2.88 -3.64 47.34
C PHE A 271 2.73 -4.36 46.00
N VAL A 272 1.85 -3.88 45.11
CA VAL A 272 1.63 -4.47 43.79
C VAL A 272 1.49 -3.37 42.75
N PRO A 273 2.45 -3.21 41.86
CA PRO A 273 2.30 -2.19 40.83
C PRO A 273 1.38 -2.65 39.71
N VAL A 274 0.15 -2.14 39.75
CA VAL A 274 -0.85 -2.59 38.79
C VAL A 274 -0.59 -1.99 37.44
N PHE A 275 -0.09 -0.76 37.40
CA PHE A 275 0.15 -0.09 36.14
C PHE A 275 1.52 -0.40 35.54
N THR A 276 2.40 -1.04 36.29
CA THR A 276 3.62 -1.60 35.72
C THR A 276 3.37 -2.98 35.15
N PHE A 277 2.57 -3.79 35.84
CA PHE A 277 2.23 -5.12 35.33
C PHE A 277 1.31 -5.02 34.12
N LEU A 278 0.49 -3.97 34.05
CA LEU A 278 -0.25 -3.72 32.82
C LEU A 278 0.67 -3.25 31.71
N GLN A 279 1.69 -2.45 32.03
CA GLN A 279 2.58 -1.96 30.97
C GLN A 279 3.47 -3.08 30.43
N PHE A 280 3.75 -4.10 31.25
CA PHE A 280 4.39 -5.30 30.75
C PHE A 280 3.44 -6.12 29.88
N PHE A 281 2.14 -6.01 30.13
CA PHE A 281 1.16 -6.79 29.39
C PHE A 281 1.02 -6.30 27.96
N PHE A 282 1.32 -5.04 27.68
CA PHE A 282 1.17 -4.52 26.33
C PHE A 282 2.49 -4.46 25.56
N TYR A 283 3.57 -4.00 26.20
CA TYR A 283 4.85 -3.91 25.50
C TYR A 283 5.43 -5.29 25.24
N ALA A 284 5.45 -6.16 26.24
CA ALA A 284 5.83 -7.54 25.98
C ALA A 284 4.68 -8.34 25.39
N GLY A 285 3.47 -7.80 25.35
CA GLY A 285 2.40 -8.46 24.65
C GLY A 285 2.57 -8.40 23.14
N PHE A 286 2.86 -7.20 22.61
CA PHE A 286 3.09 -7.04 21.18
C PHE A 286 4.37 -7.70 20.71
N LEU A 287 5.35 -7.86 21.59
CA LEU A 287 6.55 -8.60 21.19
C LEU A 287 6.24 -10.08 21.01
N LYS A 288 5.40 -10.66 21.87
CA LYS A 288 5.04 -12.07 21.74
C LYS A 288 4.11 -12.34 20.56
N VAL A 289 3.32 -11.35 20.12
CA VAL A 289 2.55 -11.52 18.90
C VAL A 289 3.48 -11.55 17.70
N ALA A 290 4.49 -10.67 17.71
CA ALA A 290 5.46 -10.63 16.63
C ALA A 290 6.32 -11.88 16.59
N GLU A 291 6.53 -12.53 17.75
CA GLU A 291 7.23 -13.81 17.77
C GLU A 291 6.38 -14.91 17.16
N GLN A 292 5.06 -14.74 17.19
CA GLN A 292 4.16 -15.76 16.68
C GLN A 292 3.94 -15.63 15.19
N LEU A 293 3.85 -14.39 14.69
CA LEU A 293 3.48 -14.13 13.31
C LEU A 293 4.68 -13.94 12.40
N ILE A 294 5.90 -14.02 12.92
CA ILE A 294 7.07 -13.85 12.07
C ILE A 294 7.26 -15.08 11.17
N ASN A 295 6.82 -16.24 11.62
CA ASN A 295 6.75 -17.44 10.80
C ASN A 295 5.36 -18.00 11.04
N PRO A 296 4.39 -17.68 10.18
CA PRO A 296 3.03 -18.17 10.37
C PRO A 296 2.80 -19.58 9.84
N PHE A 297 3.85 -20.33 9.55
CA PHE A 297 3.75 -21.69 9.06
C PHE A 297 4.26 -22.69 10.08
N GLY A 298 4.41 -22.29 11.32
CA GLY A 298 4.85 -23.17 12.38
C GLY A 298 3.72 -23.92 13.02
N GLU A 299 3.87 -24.21 14.30
CA GLU A 299 2.89 -25.00 15.04
C GLU A 299 2.30 -24.25 16.21
N ASP A 300 2.17 -22.93 16.09
CA ASP A 300 1.44 -22.17 17.10
C ASP A 300 -0.06 -22.41 16.94
N ASP A 301 -0.82 -21.92 17.91
CA ASP A 301 -2.27 -22.08 17.84
C ASP A 301 -2.88 -21.18 16.77
N ASP A 302 -2.21 -20.08 16.45
CA ASP A 302 -2.75 -19.13 15.49
C ASP A 302 -1.86 -19.02 14.24
N ASP A 303 -1.04 -20.04 13.99
CA ASP A 303 -0.39 -20.14 12.70
C ASP A 303 -1.34 -20.74 11.69
N PHE A 304 -0.92 -20.76 10.43
CA PHE A 304 -1.79 -21.19 9.35
C PHE A 304 -1.94 -22.71 9.37
N GLU A 305 -3.18 -23.17 9.21
CA GLU A 305 -3.47 -24.61 9.18
C GLU A 305 -3.14 -25.15 7.81
N THR A 306 -1.88 -25.50 7.63
CA THR A 306 -1.40 -25.95 6.33
C THR A 306 -1.52 -27.45 6.14
N ASN A 307 -1.51 -28.24 7.20
CA ASN A 307 -1.79 -29.66 7.05
C ASN A 307 -3.24 -29.92 6.74
N TRP A 308 -4.13 -29.07 7.26
CA TRP A 308 -5.54 -29.14 6.87
C TRP A 308 -5.71 -28.81 5.40
N LEU A 309 -5.01 -27.79 4.92
CA LEU A 309 -5.26 -27.24 3.60
C LEU A 309 -4.70 -28.13 2.50
N ILE A 310 -3.66 -28.91 2.81
CA ILE A 310 -3.19 -29.93 1.89
C ILE A 310 -4.23 -31.04 1.73
N ASP A 311 -4.87 -31.43 2.83
CA ASP A 311 -5.90 -32.46 2.77
C ASP A 311 -7.15 -31.98 2.04
N ARG A 312 -7.46 -30.70 2.13
CA ARG A 312 -8.57 -30.15 1.37
C ARG A 312 -8.24 -30.13 -0.12
N ASN A 313 -7.04 -29.64 -0.47
CA ASN A 313 -6.73 -29.41 -1.87
C ASN A 313 -6.55 -30.72 -2.63
N LEU A 314 -6.17 -31.79 -1.96
CA LEU A 314 -6.01 -33.05 -2.66
C LEU A 314 -7.37 -33.71 -2.89
N GLN A 315 -8.29 -33.59 -1.94
CA GLN A 315 -9.59 -34.23 -2.09
C GLN A 315 -10.47 -33.47 -3.07
N VAL A 316 -10.39 -32.14 -3.07
CA VAL A 316 -11.25 -31.33 -3.94
C VAL A 316 -10.78 -31.40 -5.39
N SER A 317 -9.47 -31.48 -5.61
CA SER A 317 -8.92 -31.53 -6.96
C SER A 317 -9.27 -32.82 -7.66
N LEU A 318 -9.06 -33.95 -6.98
CA LEU A 318 -9.34 -35.23 -7.60
C LEU A 318 -10.82 -35.57 -7.62
N MET A 319 -11.65 -34.73 -7.01
CA MET A 319 -13.10 -34.87 -7.10
C MET A 319 -13.66 -34.16 -8.31
N ALA A 320 -13.08 -33.02 -8.65
CA ALA A 320 -13.62 -32.21 -9.73
C ALA A 320 -13.16 -32.65 -11.12
N VAL A 321 -12.03 -33.36 -11.21
CA VAL A 321 -11.56 -33.82 -12.50
C VAL A 321 -11.87 -35.28 -12.77
N ASP A 322 -12.37 -36.01 -11.77
CA ASP A 322 -12.70 -37.41 -11.94
C ASP A 322 -14.21 -37.65 -11.84
N GLU A 323 -14.84 -37.23 -10.74
CA GLU A 323 -16.27 -37.45 -10.57
C GLU A 323 -17.13 -36.36 -11.19
N MET A 324 -16.54 -35.27 -11.67
CA MET A 324 -17.30 -34.12 -12.13
C MET A 324 -16.89 -33.69 -13.53
N HIS A 325 -16.43 -34.62 -14.36
CA HIS A 325 -15.90 -34.25 -15.67
C HIS A 325 -17.00 -33.85 -16.65
N GLN A 326 -17.90 -34.75 -16.97
CA GLN A 326 -19.08 -34.39 -17.75
C GLN A 326 -20.36 -34.69 -17.00
N ASP A 327 -20.28 -34.81 -15.68
CA ASP A 327 -21.44 -35.10 -14.84
C ASP A 327 -22.11 -33.77 -14.51
N LEU A 328 -23.01 -33.35 -15.37
CA LEU A 328 -23.79 -32.15 -15.18
C LEU A 328 -25.21 -32.51 -14.78
N PRO A 329 -25.88 -31.67 -13.99
CA PRO A 329 -27.30 -31.88 -13.75
C PRO A 329 -28.11 -31.54 -15.01
N ILE A 330 -29.36 -31.98 -14.99
CA ILE A 330 -30.22 -31.84 -16.15
C ILE A 330 -30.65 -30.39 -16.29
N LEU A 331 -30.56 -29.85 -17.53
CA LEU A 331 -31.01 -28.49 -17.80
C LEU A 331 -32.52 -28.39 -17.60
N GLU A 332 -32.92 -27.45 -16.75
CA GLU A 332 -34.31 -27.29 -16.35
C GLU A 332 -34.67 -25.82 -16.38
N LYS A 333 -35.92 -25.53 -16.74
CA LYS A 333 -36.45 -24.19 -16.61
C LYS A 333 -36.54 -23.81 -15.14
N ASP A 334 -35.98 -22.67 -14.78
CA ASP A 334 -35.95 -22.23 -13.40
C ASP A 334 -37.29 -21.58 -13.02
N LEU A 335 -37.31 -20.94 -11.84
CA LEU A 335 -38.53 -20.35 -11.30
C LEU A 335 -38.99 -19.14 -12.11
N TYR A 336 -38.06 -18.33 -12.58
CA TYR A 336 -38.36 -17.16 -13.41
C TYR A 336 -38.14 -17.57 -14.86
N TRP A 337 -39.21 -17.89 -15.58
CA TRP A 337 -39.06 -18.26 -16.98
C TRP A 337 -39.83 -17.33 -17.90
N ASN A 338 -41.12 -17.14 -17.69
CA ASN A 338 -41.89 -16.19 -18.48
C ASN A 338 -42.72 -15.28 -17.59
N THR B 1 -25.54 -0.49 4.70
CA THR B 1 -24.75 0.71 4.94
C THR B 1 -25.63 1.94 4.99
N VAL B 2 -25.10 3.00 5.59
CA VAL B 2 -25.75 4.29 5.63
C VAL B 2 -24.98 5.20 4.69
N THR B 3 -25.59 5.53 3.55
CA THR B 3 -24.95 6.35 2.53
C THR B 3 -25.31 7.80 2.76
N TYR B 4 -24.29 8.66 2.82
CA TYR B 4 -24.46 10.10 2.96
C TYR B 4 -23.57 10.85 1.98
N THR B 5 -23.12 10.19 0.92
CA THR B 5 -22.19 10.79 -0.04
C THR B 5 -22.84 11.93 -0.80
N ASN B 6 -24.13 11.85 -1.05
CA ASN B 6 -24.85 12.92 -1.75
C ASN B 6 -25.01 14.17 -0.91
N ARG B 7 -24.81 14.07 0.41
CA ARG B 7 -24.98 15.20 1.30
C ARG B 7 -23.70 15.97 1.55
N VAL B 8 -22.55 15.37 1.26
CA VAL B 8 -21.26 15.99 1.57
C VAL B 8 -20.48 16.23 0.28
N ALA B 9 -21.21 16.50 -0.81
CA ALA B 9 -20.56 16.75 -2.10
C ALA B 9 -19.81 18.07 -2.09
N ASP B 10 -20.38 19.09 -1.46
CA ASP B 10 -19.72 20.38 -1.27
C ASP B 10 -19.35 20.54 0.20
N ALA B 11 -18.67 21.64 0.50
CA ALA B 11 -18.22 21.91 1.87
C ALA B 11 -18.53 23.36 2.23
N ARG B 12 -19.73 23.63 2.76
CA ARG B 12 -20.04 25.05 2.99
C ARG B 12 -19.88 25.53 4.43
N LEU B 13 -20.77 25.18 5.37
CA LEU B 13 -20.54 25.44 6.79
C LEU B 13 -20.79 24.23 7.66
N GLY B 14 -22.05 23.78 7.63
CA GLY B 14 -22.49 22.64 8.40
C GLY B 14 -22.45 21.40 7.55
N THR B 15 -21.31 21.14 6.94
CA THR B 15 -21.16 19.99 6.09
C THR B 15 -21.20 18.71 6.90
N PHE B 16 -20.49 18.68 8.01
CA PHE B 16 -20.53 17.55 8.92
C PHE B 16 -21.41 17.81 10.13
N SER B 17 -21.86 19.05 10.33
CA SER B 17 -22.69 19.36 11.50
C SER B 17 -24.12 18.87 11.33
N GLN B 18 -24.61 18.76 10.11
CA GLN B 18 -25.92 18.19 9.88
C GLN B 18 -25.92 16.67 9.97
N LEU B 19 -24.75 16.04 9.98
CA LEU B 19 -24.65 14.60 10.08
C LEU B 19 -24.60 14.12 11.52
N LEU B 20 -24.37 14.99 12.50
CA LEU B 20 -24.35 14.57 13.89
C LEU B 20 -25.72 14.64 14.54
N LEU B 21 -26.77 14.87 13.75
CA LEU B 21 -28.14 14.79 14.24
C LEU B 21 -28.86 13.55 13.73
N GLN B 22 -28.12 12.59 13.19
CA GLN B 22 -28.69 11.38 12.62
C GLN B 22 -28.45 10.22 13.58
N TRP B 23 -29.46 9.37 13.74
CA TRP B 23 -29.42 8.27 14.71
C TRP B 23 -29.01 6.95 14.09
N LYS B 24 -29.43 6.66 12.86
CA LYS B 24 -29.18 5.35 12.28
C LYS B 24 -27.74 5.25 11.78
N GLY B 25 -27.03 4.23 12.26
CA GLY B 25 -25.63 4.06 11.91
C GLY B 25 -24.71 5.07 12.54
N SER B 26 -25.02 5.51 13.75
CA SER B 26 -24.32 6.60 14.40
C SER B 26 -23.45 6.10 15.54
N ILE B 27 -22.60 7.00 16.04
CA ILE B 27 -21.85 6.72 17.25
C ILE B 27 -22.75 6.68 18.47
N TYR B 28 -23.89 7.36 18.42
CA TYR B 28 -24.80 7.39 19.56
C TYR B 28 -25.54 6.08 19.74
N LYS B 29 -25.72 5.30 18.68
CA LYS B 29 -26.36 4.00 18.83
C LYS B 29 -25.36 2.94 19.29
N LEU B 30 -24.11 3.04 18.87
CA LEU B 30 -23.12 2.04 19.26
C LEU B 30 -22.72 2.17 20.72
N LEU B 31 -22.43 3.39 21.17
CA LEU B 31 -21.93 3.59 22.52
C LEU B 31 -23.00 3.70 23.57
N TYR B 32 -24.28 3.58 23.23
CA TYR B 32 -25.36 3.91 24.16
C TYR B 32 -25.40 3.01 25.39
N SER B 33 -24.98 1.75 25.25
CA SER B 33 -25.01 0.87 26.41
C SER B 33 -23.73 0.99 27.22
N GLU B 34 -22.57 1.14 26.57
CA GLU B 34 -21.32 1.26 27.31
C GLU B 34 -21.19 2.62 27.98
N PHE B 35 -21.83 3.65 27.44
CA PHE B 35 -21.73 4.96 28.04
C PHE B 35 -22.51 5.01 29.34
N LEU B 36 -23.75 4.50 29.34
CA LEU B 36 -24.59 4.53 30.53
C LEU B 36 -24.05 3.65 31.66
N ILE B 37 -23.30 2.60 31.34
CA ILE B 37 -22.60 1.86 32.38
C ILE B 37 -21.47 2.70 32.95
N PHE B 38 -20.74 3.40 32.10
CA PHE B 38 -19.61 4.20 32.56
C PHE B 38 -20.06 5.44 33.33
N ILE B 39 -21.20 6.02 32.96
CA ILE B 39 -21.75 7.15 33.72
C ILE B 39 -22.22 6.67 35.09
N SER B 40 -22.94 5.55 35.13
CA SER B 40 -23.51 5.09 36.38
C SER B 40 -22.45 4.53 37.32
N LEU B 41 -21.41 3.91 36.79
CA LEU B 41 -20.30 3.48 37.63
C LEU B 41 -19.50 4.66 38.15
N TYR B 42 -19.46 5.76 37.40
CA TYR B 42 -18.75 6.94 37.88
C TYR B 42 -19.52 7.61 39.01
N PHE B 43 -20.81 7.88 38.79
CA PHE B 43 -21.61 8.60 39.77
C PHE B 43 -21.90 7.76 41.00
N ALA B 44 -21.79 6.44 40.93
CA ALA B 44 -21.88 5.62 42.13
C ALA B 44 -20.68 5.86 43.04
N ILE B 45 -19.47 5.85 42.45
CA ILE B 45 -18.26 6.08 43.23
C ILE B 45 -18.20 7.52 43.73
N SER B 46 -18.78 8.46 42.98
CA SER B 46 -18.80 9.85 43.41
C SER B 46 -19.74 10.05 44.58
N LEU B 47 -20.92 9.42 44.56
CA LEU B 47 -21.86 9.60 45.65
C LEU B 47 -21.46 8.80 46.89
N VAL B 48 -20.72 7.70 46.72
CA VAL B 48 -20.22 6.97 47.88
C VAL B 48 -19.12 7.76 48.57
N TYR B 49 -18.26 8.42 47.78
CA TYR B 49 -17.20 9.26 48.33
C TYR B 49 -17.74 10.50 49.05
N ARG B 50 -18.85 11.05 48.58
CA ARG B 50 -19.37 12.28 49.14
C ARG B 50 -20.38 12.08 50.25
N LEU B 51 -20.88 10.86 50.46
CA LEU B 51 -21.96 10.67 51.42
C LEU B 51 -21.70 9.55 52.42
N ILE B 52 -20.93 8.54 52.04
CA ILE B 52 -20.85 7.30 52.78
C ILE B 52 -19.52 7.16 53.53
N LEU B 53 -18.41 7.51 52.89
CA LEU B 53 -17.10 7.38 53.55
C LEU B 53 -16.97 8.38 54.70
N SER B 54 -16.29 7.95 55.75
CA SER B 54 -16.02 8.81 56.89
C SER B 54 -14.78 9.66 56.62
N GLU B 55 -14.48 10.58 57.54
CA GLU B 55 -13.40 11.53 57.34
C GLU B 55 -12.03 10.87 57.35
N SER B 56 -11.87 9.82 58.16
CA SER B 56 -10.63 9.06 58.14
C SER B 56 -10.56 8.11 56.96
N GLN B 57 -11.67 7.86 56.29
CA GLN B 57 -11.68 6.97 55.13
C GLN B 57 -11.73 7.73 53.81
N ARG B 58 -12.15 8.99 53.81
CA ARG B 58 -12.06 9.78 52.58
C ARG B 58 -10.60 10.07 52.23
N LEU B 59 -9.74 10.23 53.23
CA LEU B 59 -8.34 10.52 52.98
C LEU B 59 -7.60 9.32 52.39
N MET B 60 -8.12 8.12 52.63
CA MET B 60 -7.55 6.94 51.98
C MET B 60 -7.93 6.89 50.51
N PHE B 61 -9.14 7.38 50.19
CA PHE B 61 -9.58 7.45 48.80
C PHE B 61 -8.87 8.55 48.04
N GLU B 62 -8.47 9.61 48.73
CA GLU B 62 -7.77 10.71 48.06
C GLU B 62 -6.37 10.29 47.64
N LYS B 63 -5.74 9.39 48.40
CA LYS B 63 -4.41 8.92 48.03
C LYS B 63 -4.46 7.94 46.86
N LEU B 64 -5.51 7.12 46.78
CA LEU B 64 -5.67 6.25 45.61
C LEU B 64 -6.07 7.00 44.37
N ALA B 65 -6.84 8.08 44.53
CA ALA B 65 -7.26 8.85 43.36
C ALA B 65 -6.10 9.60 42.75
N LEU B 66 -5.11 9.99 43.55
CA LEU B 66 -3.93 10.63 43.01
C LEU B 66 -2.95 9.63 42.44
N TYR B 67 -2.90 8.42 43.00
CA TYR B 67 -2.05 7.38 42.44
C TYR B 67 -2.59 6.91 41.09
N CYS B 68 -3.90 6.68 41.00
CA CYS B 68 -4.49 6.19 39.77
C CYS B 68 -4.59 7.27 38.70
N ASN B 69 -4.42 8.54 39.07
CA ASN B 69 -4.45 9.60 38.07
C ASN B 69 -3.07 9.75 37.42
N SER B 70 -2.01 9.58 38.20
CA SER B 70 -0.66 9.81 37.70
C SER B 70 -0.17 8.65 36.85
N TYR B 71 -0.50 7.42 37.23
CA TYR B 71 0.09 6.25 36.61
C TYR B 71 -0.85 5.53 35.67
N ALA B 72 -2.04 6.05 35.41
CA ALA B 72 -2.87 5.49 34.34
C ALA B 72 -2.36 5.88 32.97
N GLU B 73 -1.45 6.84 32.89
CA GLU B 73 -0.83 7.21 31.62
C GLU B 73 0.21 6.18 31.16
N LEU B 74 0.55 5.21 32.00
CA LEU B 74 1.43 4.13 31.59
C LEU B 74 0.74 3.12 30.69
N ILE B 75 -0.58 3.15 30.60
CA ILE B 75 -1.32 2.25 29.71
C ILE B 75 -1.27 2.85 28.31
N PRO B 76 -0.58 2.22 27.36
CA PRO B 76 -0.43 2.84 26.03
C PRO B 76 -1.67 2.69 25.16
N VAL B 77 -2.69 3.50 25.48
CA VAL B 77 -4.01 3.30 24.86
C VAL B 77 -3.98 3.71 23.39
N SER B 78 -3.37 4.84 23.08
CA SER B 78 -3.31 5.29 21.69
C SER B 78 -2.38 4.44 20.84
N PHE B 79 -1.36 3.85 21.44
CA PHE B 79 -0.48 2.96 20.70
C PHE B 79 -1.15 1.63 20.41
N VAL B 80 -1.86 1.08 21.39
CA VAL B 80 -2.50 -0.22 21.22
C VAL B 80 -3.73 -0.10 20.34
N LEU B 81 -4.57 0.92 20.59
CA LEU B 81 -5.79 1.07 19.81
C LEU B 81 -5.50 1.60 18.41
N GLY B 82 -4.47 2.43 18.26
CA GLY B 82 -4.15 2.98 16.95
C GLY B 82 -3.62 1.93 15.98
N PHE B 83 -2.96 0.90 16.50
CA PHE B 83 -2.52 -0.18 15.64
C PHE B 83 -3.68 -1.08 15.25
N TYR B 84 -4.66 -1.24 16.14
CA TYR B 84 -5.73 -2.20 15.91
C TYR B 84 -6.73 -1.67 14.91
N VAL B 85 -7.01 -0.37 14.96
CA VAL B 85 -7.95 0.24 14.05
C VAL B 85 -7.36 0.31 12.63
N SER B 86 -6.04 0.31 12.52
CA SER B 86 -5.41 0.21 11.20
C SER B 86 -5.60 -1.17 10.57
N LEU B 87 -5.63 -2.23 11.39
CA LEU B 87 -5.87 -3.57 10.86
C LEU B 87 -7.31 -3.76 10.42
N VAL B 88 -8.27 -3.23 11.19
CA VAL B 88 -9.67 -3.46 10.88
C VAL B 88 -10.07 -2.68 9.63
N VAL B 89 -9.54 -1.47 9.46
CA VAL B 89 -9.89 -0.64 8.31
C VAL B 89 -9.20 -1.14 7.04
N SER B 90 -7.97 -1.66 7.16
CA SER B 90 -7.27 -2.19 5.99
C SER B 90 -7.96 -3.42 5.44
N ARG B 91 -8.53 -4.24 6.30
CA ARG B 91 -9.29 -5.41 5.88
C ARG B 91 -10.70 -5.06 5.48
N TRP B 92 -11.19 -3.87 5.84
CA TRP B 92 -12.59 -3.53 5.62
C TRP B 92 -12.87 -3.29 4.14
N TRP B 93 -12.10 -2.44 3.50
CA TRP B 93 -12.33 -2.17 2.09
C TRP B 93 -11.85 -3.32 1.21
N ALA B 94 -10.90 -4.11 1.69
CA ALA B 94 -10.44 -5.26 0.92
C ALA B 94 -11.47 -6.38 0.85
N GLN B 95 -12.42 -6.42 1.78
CA GLN B 95 -13.50 -7.41 1.70
C GLN B 95 -14.69 -6.92 0.89
N TYR B 96 -14.84 -5.61 0.69
CA TYR B 96 -15.85 -5.15 -0.26
C TYR B 96 -15.44 -5.48 -1.68
N GLU B 97 -14.16 -5.33 -1.99
CA GLU B 97 -13.65 -5.62 -3.32
C GLU B 97 -13.62 -7.10 -3.63
N SER B 98 -13.73 -7.96 -2.63
CA SER B 98 -13.77 -9.40 -2.84
C SER B 98 -15.17 -9.91 -3.12
N ILE B 99 -16.20 -9.07 -2.97
CA ILE B 99 -17.57 -9.48 -3.26
C ILE B 99 -17.71 -9.63 -4.76
N PRO B 100 -18.10 -10.81 -5.25
CA PRO B 100 -18.15 -11.03 -6.69
C PRO B 100 -19.37 -10.40 -7.34
N TRP B 101 -19.15 -9.84 -8.52
CA TRP B 101 -20.15 -9.23 -9.38
C TRP B 101 -20.24 -10.03 -10.67
N PRO B 102 -21.45 -10.28 -11.17
CA PRO B 102 -21.61 -11.13 -12.36
C PRO B 102 -21.35 -10.41 -13.67
N ASP B 103 -21.11 -9.11 -13.64
CA ASP B 103 -21.29 -8.27 -14.82
C ASP B 103 -20.22 -8.44 -15.88
N ARG B 104 -19.07 -9.02 -15.54
CA ARG B 104 -18.08 -9.32 -16.56
C ARG B 104 -18.40 -10.65 -17.24
N ILE B 105 -18.89 -11.64 -16.50
CA ILE B 105 -19.38 -12.86 -17.12
C ILE B 105 -20.65 -12.59 -17.90
N MET B 106 -21.48 -11.69 -17.38
CA MET B 106 -22.77 -11.36 -17.97
C MET B 106 -22.62 -10.71 -19.33
N ASN B 107 -21.55 -9.96 -19.56
CA ASN B 107 -21.32 -9.35 -20.86
C ASN B 107 -20.94 -10.39 -21.91
N LEU B 108 -20.24 -11.45 -21.50
CA LEU B 108 -19.71 -12.42 -22.45
C LEU B 108 -20.68 -13.56 -22.72
N VAL B 109 -21.51 -13.94 -21.75
CA VAL B 109 -22.52 -14.97 -21.98
C VAL B 109 -23.66 -14.41 -22.81
N SER B 110 -23.95 -13.12 -22.66
CA SER B 110 -25.06 -12.51 -23.39
C SER B 110 -24.81 -12.36 -24.88
N CYS B 111 -23.56 -12.44 -25.32
CA CYS B 111 -23.24 -12.24 -26.72
C CYS B 111 -22.62 -13.44 -27.40
N ASN B 112 -21.86 -14.26 -26.68
CA ASN B 112 -21.10 -15.33 -27.32
C ASN B 112 -21.80 -16.68 -27.33
N VAL B 113 -22.84 -16.87 -26.52
CA VAL B 113 -23.57 -18.13 -26.48
C VAL B 113 -24.80 -17.94 -27.36
N ASP B 114 -24.74 -18.49 -28.56
CA ASP B 114 -25.70 -18.17 -29.60
C ASP B 114 -27.01 -18.92 -29.39
N GLY B 115 -28.03 -18.50 -30.14
CA GLY B 115 -29.32 -19.17 -30.10
C GLY B 115 -30.45 -18.31 -29.58
N GLU B 116 -31.49 -18.14 -30.39
CA GLU B 116 -32.70 -17.49 -29.95
C GLU B 116 -33.82 -18.49 -29.64
N ASP B 117 -33.60 -19.77 -29.91
CA ASP B 117 -34.58 -20.81 -29.62
C ASP B 117 -34.62 -21.09 -28.12
N GLU B 118 -35.48 -22.04 -27.73
CA GLU B 118 -35.69 -22.29 -26.30
C GLU B 118 -34.55 -23.06 -25.66
N TYR B 119 -33.64 -23.63 -26.45
CA TYR B 119 -32.50 -24.33 -25.86
C TYR B 119 -31.32 -23.41 -25.59
N GLY B 120 -31.00 -22.51 -26.53
CA GLY B 120 -29.98 -21.52 -26.25
C GLY B 120 -30.41 -20.49 -25.24
N ARG B 121 -31.71 -20.25 -25.14
CA ARG B 121 -32.25 -19.40 -24.09
C ARG B 121 -32.12 -20.08 -22.73
N LEU B 122 -32.30 -21.40 -22.69
CA LEU B 122 -32.11 -22.15 -21.46
C LEU B 122 -30.65 -22.28 -21.08
N LEU B 123 -29.78 -22.28 -22.08
CA LEU B 123 -28.35 -22.50 -21.87
C LEU B 123 -27.66 -21.27 -21.31
N ARG B 124 -28.10 -20.07 -21.71
CA ARG B 124 -27.53 -18.85 -21.16
C ARG B 124 -28.04 -18.56 -19.75
N ARG B 125 -29.29 -18.92 -19.45
CA ARG B 125 -29.81 -18.69 -18.11
C ARG B 125 -29.19 -19.63 -17.11
N THR B 126 -28.83 -20.85 -17.52
CA THR B 126 -28.23 -21.80 -16.60
C THR B 126 -26.78 -21.44 -16.29
N LEU B 127 -26.07 -20.86 -17.25
CA LEU B 127 -24.71 -20.39 -16.98
C LEU B 127 -24.70 -19.27 -15.95
N MET B 128 -25.54 -18.25 -16.15
CA MET B 128 -25.59 -17.14 -15.20
C MET B 128 -26.23 -17.50 -13.88
N ARG B 129 -26.97 -18.60 -13.82
CA ARG B 129 -27.48 -19.06 -12.54
C ARG B 129 -26.43 -19.85 -11.78
N TYR B 130 -25.50 -20.51 -12.49
CA TYR B 130 -24.37 -21.16 -11.83
C TYR B 130 -23.35 -20.15 -11.31
N SER B 131 -23.21 -19.01 -11.98
CA SER B 131 -22.31 -17.98 -11.49
C SER B 131 -22.86 -17.29 -10.26
N ASN B 132 -24.17 -17.13 -10.19
CA ASN B 132 -24.78 -16.52 -9.01
C ASN B 132 -24.83 -17.49 -7.86
N LEU B 133 -24.98 -18.78 -8.14
CA LEU B 133 -24.99 -19.78 -7.08
C LEU B 133 -23.61 -19.98 -6.49
N CYS B 134 -22.55 -19.81 -7.29
CA CYS B 134 -21.19 -19.95 -6.77
C CYS B 134 -20.82 -18.78 -5.85
N SER B 135 -21.61 -17.71 -5.88
CA SER B 135 -21.46 -16.54 -5.02
C SER B 135 -22.38 -16.57 -3.80
N VAL B 136 -23.57 -17.15 -3.93
CA VAL B 136 -24.47 -17.26 -2.79
C VAL B 136 -23.92 -18.25 -1.78
N LEU B 137 -23.31 -19.34 -2.26
CA LEU B 137 -22.81 -20.37 -1.37
C LEU B 137 -21.59 -19.93 -0.58
N ILE B 138 -20.86 -18.92 -1.06
CA ILE B 138 -19.78 -18.38 -0.25
C ILE B 138 -20.27 -17.24 0.64
N LEU B 139 -21.31 -16.51 0.23
CA LEU B 139 -21.83 -15.46 1.09
C LEU B 139 -22.61 -16.02 2.27
N ARG B 140 -23.26 -17.17 2.11
CA ARG B 140 -23.92 -17.73 3.28
C ARG B 140 -22.95 -18.48 4.19
N SER B 141 -21.68 -18.58 3.81
CA SER B 141 -20.64 -19.05 4.72
C SER B 141 -19.96 -17.91 5.45
N VAL B 142 -19.90 -16.72 4.85
CA VAL B 142 -19.16 -15.61 5.43
C VAL B 142 -20.06 -14.53 6.01
N SER B 143 -21.36 -14.54 5.72
CA SER B 143 -22.28 -13.54 6.21
C SER B 143 -23.35 -14.19 7.06
N THR B 144 -23.62 -13.60 8.22
CA THR B 144 -24.74 -14.05 9.03
C THR B 144 -26.06 -13.46 8.57
N ALA B 145 -26.03 -12.42 7.73
CA ALA B 145 -27.27 -11.89 7.18
C ALA B 145 -27.78 -12.74 6.02
N VAL B 146 -26.89 -13.33 5.25
CA VAL B 146 -27.30 -14.22 4.18
C VAL B 146 -27.68 -15.58 4.75
N TYR B 147 -27.00 -16.02 5.82
CA TYR B 147 -27.30 -17.32 6.40
C TYR B 147 -28.65 -17.33 7.09
N LYS B 148 -29.08 -16.23 7.68
CA LYS B 148 -30.41 -16.19 8.28
C LYS B 148 -31.50 -16.09 7.24
N ARG B 149 -31.18 -15.69 6.01
CA ARG B 149 -32.14 -15.75 4.93
C ARG B 149 -32.21 -17.15 4.33
N PHE B 150 -31.05 -17.82 4.18
CA PHE B 150 -30.98 -19.18 3.64
C PHE B 150 -30.38 -20.09 4.70
N PRO B 151 -31.17 -20.57 5.66
CA PRO B 151 -30.58 -21.40 6.72
C PRO B 151 -30.20 -22.78 6.25
N SER B 152 -30.98 -23.37 5.35
CA SER B 152 -30.69 -24.66 4.78
C SER B 152 -30.67 -24.54 3.26
N MET B 153 -30.25 -25.62 2.61
CA MET B 153 -30.17 -25.62 1.17
C MET B 153 -31.54 -25.74 0.52
N GLU B 154 -32.55 -26.16 1.28
CA GLU B 154 -33.92 -26.16 0.79
C GLU B 154 -34.45 -24.74 0.59
N HIS B 155 -33.95 -23.77 1.37
CA HIS B 155 -34.32 -22.38 1.16
C HIS B 155 -33.73 -21.81 -0.11
N VAL B 156 -32.59 -22.33 -0.56
CA VAL B 156 -31.98 -21.86 -1.80
C VAL B 156 -32.78 -22.35 -3.00
N VAL B 157 -33.38 -23.54 -2.88
CA VAL B 157 -34.20 -24.08 -3.97
C VAL B 157 -35.52 -23.31 -4.07
N ARG B 158 -36.05 -22.85 -2.94
CA ARG B 158 -37.31 -22.12 -2.94
C ARG B 158 -37.17 -20.71 -3.50
N ALA B 159 -35.95 -20.17 -3.54
CA ALA B 159 -35.72 -18.83 -4.07
C ALA B 159 -35.44 -18.81 -5.56
N GLY B 160 -35.40 -19.97 -6.20
CA GLY B 160 -35.13 -20.04 -7.63
C GLY B 160 -33.67 -20.03 -8.00
N LEU B 161 -32.76 -20.03 -7.02
CA LEU B 161 -31.33 -20.06 -7.30
C LEU B 161 -30.84 -21.45 -7.66
N MET B 162 -31.64 -22.49 -7.43
CA MET B 162 -31.21 -23.86 -7.65
C MET B 162 -32.45 -24.69 -7.95
N THR B 163 -32.45 -25.41 -9.06
CA THR B 163 -33.56 -26.27 -9.39
C THR B 163 -33.49 -27.53 -8.54
N PRO B 164 -34.61 -28.25 -8.34
CA PRO B 164 -34.55 -29.46 -7.51
C PRO B 164 -33.71 -30.59 -8.07
N GLU B 165 -33.46 -30.62 -9.39
CA GLU B 165 -32.57 -31.63 -9.94
C GLU B 165 -31.11 -31.34 -9.63
N GLU B 166 -30.77 -30.07 -9.40
CA GLU B 166 -29.43 -29.68 -9.03
C GLU B 166 -29.15 -29.90 -7.56
N HIS B 167 -30.18 -29.92 -6.72
CA HIS B 167 -29.98 -30.20 -5.30
C HIS B 167 -29.67 -31.68 -5.07
N LYS B 168 -30.21 -32.58 -5.90
CA LYS B 168 -29.86 -33.98 -5.78
C LYS B 168 -28.42 -34.23 -6.21
N LYS B 169 -27.97 -33.51 -7.24
CA LYS B 169 -26.58 -33.62 -7.68
C LYS B 169 -25.63 -32.95 -6.70
N PHE B 170 -26.11 -31.93 -6.00
CA PHE B 170 -25.28 -31.23 -5.02
C PHE B 170 -25.11 -32.04 -3.74
N GLU B 171 -26.04 -32.94 -3.43
CA GLU B 171 -25.91 -33.79 -2.24
C GLU B 171 -25.21 -35.10 -2.53
N SER B 172 -25.29 -35.61 -3.76
CA SER B 172 -24.60 -36.84 -4.10
C SER B 172 -23.10 -36.67 -4.20
N LEU B 173 -22.64 -35.44 -4.43
CA LEU B 173 -21.21 -35.14 -4.43
C LEU B 173 -20.74 -35.12 -2.98
N ASN B 174 -20.02 -36.16 -2.57
CA ASN B 174 -19.65 -36.37 -1.17
C ASN B 174 -18.32 -35.66 -0.90
N SER B 175 -18.36 -34.60 -0.10
CA SER B 175 -17.17 -33.88 0.26
C SER B 175 -17.36 -33.37 1.69
N PRO B 176 -16.38 -33.58 2.58
CA PRO B 176 -16.52 -33.10 3.95
C PRO B 176 -16.23 -31.62 4.14
N HIS B 177 -15.85 -30.91 3.08
CA HIS B 177 -15.44 -29.52 3.17
C HIS B 177 -16.56 -28.62 2.66
N ASN B 178 -16.28 -27.33 2.55
CA ASN B 178 -17.25 -26.39 2.01
C ASN B 178 -17.37 -26.58 0.51
N LYS B 179 -18.61 -26.59 0.02
CA LYS B 179 -18.89 -26.94 -1.37
C LYS B 179 -19.24 -25.73 -2.22
N PHE B 180 -18.64 -24.57 -1.94
CA PHE B 180 -18.92 -23.39 -2.73
C PHE B 180 -18.29 -23.45 -4.12
N TRP B 181 -17.34 -24.36 -4.33
CA TRP B 181 -16.65 -24.54 -5.60
C TRP B 181 -17.41 -25.43 -6.57
N ILE B 182 -18.52 -26.03 -6.15
CA ILE B 182 -19.28 -26.92 -7.04
C ILE B 182 -19.89 -26.21 -8.25
N PRO B 183 -20.61 -25.07 -8.11
CA PRO B 183 -21.20 -24.48 -9.32
C PRO B 183 -20.20 -23.84 -10.25
N CYS B 184 -19.01 -23.48 -9.75
CA CYS B 184 -17.98 -22.97 -10.64
C CYS B 184 -17.32 -24.08 -11.46
N VAL B 185 -17.50 -25.34 -11.09
CA VAL B 185 -17.08 -26.44 -11.95
C VAL B 185 -18.19 -26.83 -12.92
N TRP B 186 -19.45 -26.74 -12.49
CA TRP B 186 -20.58 -26.93 -13.39
C TRP B 186 -20.64 -25.88 -14.49
N PHE B 187 -20.15 -24.67 -14.22
CA PHE B 187 -20.13 -23.62 -15.22
C PHE B 187 -19.19 -23.99 -16.36
N SER B 188 -17.97 -24.40 -16.02
CA SER B 188 -16.96 -24.65 -17.03
C SER B 188 -17.24 -25.92 -17.82
N ASN B 189 -17.95 -26.87 -17.23
CA ASN B 189 -18.33 -28.06 -17.97
C ASN B 189 -19.54 -27.81 -18.85
N LEU B 190 -20.37 -26.83 -18.51
CA LEU B 190 -21.50 -26.49 -19.36
C LEU B 190 -21.09 -25.56 -20.50
N ALA B 191 -20.08 -24.72 -20.27
CA ALA B 191 -19.58 -23.87 -21.33
C ALA B 191 -18.82 -24.66 -22.38
N VAL B 192 -18.18 -25.76 -21.99
CA VAL B 192 -17.54 -26.62 -22.98
C VAL B 192 -18.56 -27.47 -23.70
N LYS B 193 -19.59 -27.93 -22.98
CA LYS B 193 -20.71 -28.62 -23.62
C LYS B 193 -21.46 -27.71 -24.59
N ALA B 194 -21.52 -26.41 -24.29
CA ALA B 194 -22.12 -25.46 -25.20
C ALA B 194 -21.28 -25.27 -26.46
N ARG B 195 -19.95 -25.33 -26.33
CA ARG B 195 -19.10 -25.18 -27.51
C ARG B 195 -19.17 -26.42 -28.40
N ASN B 196 -19.17 -27.61 -27.79
CA ASN B 196 -19.22 -28.85 -28.54
C ASN B 196 -20.54 -29.09 -29.24
N GLU B 197 -21.58 -28.32 -28.92
CA GLU B 197 -22.84 -28.33 -29.63
C GLU B 197 -22.97 -27.19 -30.62
N GLY B 198 -21.95 -26.35 -30.75
CA GLY B 198 -21.94 -25.28 -31.72
C GLY B 198 -22.51 -23.96 -31.24
N ARG B 199 -22.81 -23.82 -29.96
CA ARG B 199 -23.41 -22.59 -29.47
C ARG B 199 -22.36 -21.51 -29.26
N ILE B 200 -21.20 -21.85 -28.72
CA ILE B 200 -20.07 -20.95 -28.67
C ILE B 200 -19.21 -21.22 -29.90
N ARG B 201 -18.83 -20.15 -30.61
CA ARG B 201 -18.29 -20.28 -31.95
C ARG B 201 -16.85 -20.82 -31.95
N ASP B 202 -15.93 -20.12 -31.31
CA ASP B 202 -14.53 -20.49 -31.33
C ASP B 202 -14.03 -20.82 -29.94
N SER B 203 -12.79 -21.28 -29.88
CA SER B 203 -12.15 -21.57 -28.60
C SER B 203 -11.54 -20.33 -27.97
N VAL B 204 -11.31 -19.28 -28.74
CA VAL B 204 -10.87 -18.02 -28.16
C VAL B 204 -12.02 -17.39 -27.38
N LEU B 205 -13.24 -17.58 -27.86
CA LEU B 205 -14.43 -17.07 -27.17
C LEU B 205 -14.79 -17.94 -25.98
N LEU B 206 -14.47 -19.23 -26.05
CA LEU B 206 -14.65 -20.11 -24.89
C LEU B 206 -13.68 -19.76 -23.77
N GLN B 207 -12.42 -19.53 -24.12
CA GLN B 207 -11.41 -19.24 -23.10
C GLN B 207 -11.63 -17.87 -22.48
N GLY B 208 -12.24 -16.95 -23.21
CA GLY B 208 -12.60 -15.67 -22.61
C GLY B 208 -13.70 -15.79 -21.59
N ILE B 209 -14.63 -16.71 -21.77
CA ILE B 209 -15.66 -16.97 -20.77
C ILE B 209 -15.05 -17.69 -19.57
N LEU B 210 -14.14 -18.63 -19.82
CA LEU B 210 -13.51 -19.37 -18.73
C LEU B 210 -12.53 -18.53 -17.94
N ASN B 211 -11.98 -17.47 -18.53
CA ASN B 211 -11.11 -16.59 -17.76
C ASN B 211 -11.89 -15.72 -16.79
N GLU B 212 -13.12 -15.34 -17.15
CA GLU B 212 -13.94 -14.57 -16.22
C GLU B 212 -14.57 -15.44 -15.17
N LEU B 213 -14.68 -16.74 -15.41
CA LEU B 213 -15.10 -17.66 -14.35
C LEU B 213 -14.03 -17.78 -13.28
N ASN B 214 -12.77 -17.91 -13.70
CA ASN B 214 -11.70 -18.05 -12.72
C ASN B 214 -11.40 -16.75 -11.99
N THR B 215 -11.75 -15.60 -12.58
CA THR B 215 -11.67 -14.34 -11.86
C THR B 215 -12.71 -14.29 -10.76
N LEU B 216 -13.92 -14.78 -11.04
CA LEU B 216 -14.94 -14.83 -10.02
C LEU B 216 -14.67 -15.92 -9.00
N ARG B 217 -13.96 -16.98 -9.39
CA ARG B 217 -13.52 -17.98 -8.44
C ARG B 217 -12.45 -17.43 -7.51
N SER B 218 -11.61 -16.51 -7.99
CA SER B 218 -10.62 -15.88 -7.12
C SER B 218 -11.27 -14.87 -6.18
N GLN B 219 -12.40 -14.28 -6.58
CA GLN B 219 -13.13 -13.40 -5.69
C GLN B 219 -13.74 -14.17 -4.52
N CYS B 220 -14.29 -15.34 -4.81
CA CYS B 220 -14.87 -16.17 -3.75
C CYS B 220 -13.81 -16.75 -2.85
N GLY B 221 -12.60 -16.96 -3.36
CA GLY B 221 -11.52 -17.46 -2.53
C GLY B 221 -10.97 -16.42 -1.59
N ARG B 222 -11.09 -15.13 -1.93
CA ARG B 222 -10.67 -14.09 -1.01
C ARG B 222 -11.67 -13.91 0.12
N LEU B 223 -12.97 -14.02 -0.17
CA LEU B 223 -13.97 -13.98 0.88
C LEU B 223 -13.86 -15.18 1.82
N TYR B 224 -13.40 -16.31 1.30
CA TYR B 224 -13.14 -17.45 2.17
C TYR B 224 -11.91 -17.22 3.03
N GLY B 225 -10.97 -16.40 2.55
CA GLY B 225 -9.76 -16.17 3.31
C GLY B 225 -9.95 -15.23 4.47
N TYR B 226 -10.70 -14.15 4.26
CA TYR B 226 -10.93 -13.18 5.32
C TYR B 226 -11.88 -13.70 6.40
N ASP B 227 -12.75 -14.65 6.07
CA ASP B 227 -13.60 -15.25 7.08
C ASP B 227 -12.86 -16.28 7.91
N TRP B 228 -11.95 -17.03 7.29
CA TRP B 228 -11.25 -18.09 7.96
C TRP B 228 -10.00 -17.61 8.68
N ILE B 229 -9.25 -16.69 8.08
CA ILE B 229 -8.05 -16.15 8.71
C ILE B 229 -8.47 -14.81 9.31
N SER B 230 -8.88 -14.85 10.57
CA SER B 230 -9.35 -13.67 11.26
C SER B 230 -8.17 -12.77 11.63
N ILE B 231 -8.50 -11.57 12.12
CA ILE B 231 -7.55 -10.82 12.93
C ILE B 231 -7.17 -11.69 14.12
N PRO B 232 -5.89 -11.81 14.49
CA PRO B 232 -5.50 -12.72 15.56
C PRO B 232 -6.15 -12.37 16.89
N LEU B 233 -6.64 -13.43 17.58
CA LEU B 233 -7.39 -13.28 18.82
C LEU B 233 -6.54 -12.62 19.90
N VAL B 234 -5.23 -12.82 19.84
CA VAL B 234 -4.31 -12.17 20.73
C VAL B 234 -4.29 -10.65 20.55
N TYR B 235 -4.60 -10.13 19.36
CA TYR B 235 -4.77 -8.70 19.18
C TYR B 235 -6.10 -8.19 19.73
N THR B 236 -7.16 -8.96 19.55
CA THR B 236 -8.47 -8.54 20.02
C THR B 236 -8.53 -8.52 21.54
N GLN B 237 -7.82 -9.45 22.20
CA GLN B 237 -7.82 -9.49 23.64
C GLN B 237 -6.96 -8.41 24.27
N VAL B 238 -5.91 -7.96 23.59
CA VAL B 238 -5.07 -6.91 24.13
C VAL B 238 -5.78 -5.55 24.08
N VAL B 239 -6.48 -5.27 22.98
CA VAL B 239 -7.10 -3.95 22.84
C VAL B 239 -8.35 -3.79 23.70
N THR B 240 -9.01 -4.88 24.08
CA THR B 240 -10.15 -4.78 24.96
C THR B 240 -9.74 -4.74 26.42
N VAL B 241 -8.50 -5.05 26.73
CA VAL B 241 -7.97 -4.77 28.06
C VAL B 241 -7.41 -3.36 28.14
N ALA B 242 -6.82 -2.88 27.05
CA ALA B 242 -6.19 -1.56 27.05
C ALA B 242 -7.23 -0.45 27.16
N VAL B 243 -8.40 -0.64 26.56
CA VAL B 243 -9.44 0.36 26.69
C VAL B 243 -10.18 0.21 28.02
N TYR B 244 -10.48 -1.03 28.42
CA TYR B 244 -11.28 -1.21 29.62
C TYR B 244 -10.49 -0.99 30.91
N SER B 245 -9.20 -1.30 30.94
CA SER B 245 -8.42 -1.01 32.15
C SER B 245 -8.09 0.46 32.27
N PHE B 246 -8.09 1.20 31.17
CA PHE B 246 -7.81 2.62 31.25
C PHE B 246 -8.98 3.37 31.87
N PHE B 247 -10.19 3.04 31.48
CA PHE B 247 -11.34 3.71 32.06
C PHE B 247 -11.83 3.05 33.34
N LEU B 248 -11.30 1.89 33.68
CA LEU B 248 -11.46 1.39 35.04
C LEU B 248 -10.62 2.20 36.01
N ALA B 249 -9.46 2.67 35.58
CA ALA B 249 -8.64 3.56 36.39
C ALA B 249 -9.20 4.97 36.43
N CYS B 250 -9.95 5.37 35.41
CA CYS B 250 -10.56 6.70 35.39
C CYS B 250 -11.81 6.79 36.25
N LEU B 251 -12.33 5.67 36.76
CA LEU B 251 -13.42 5.75 37.71
C LEU B 251 -12.93 6.20 39.08
N ILE B 252 -11.67 5.96 39.39
CA ILE B 252 -11.05 6.40 40.63
C ILE B 252 -10.26 7.69 40.43
N GLY B 253 -9.46 7.76 39.37
CA GLY B 253 -8.53 8.87 39.22
C GLY B 253 -9.17 10.17 38.78
N ARG B 254 -10.28 10.11 38.07
CA ARG B 254 -10.94 11.31 37.59
C ARG B 254 -12.05 11.78 38.51
N GLN B 255 -12.09 11.31 39.74
CA GLN B 255 -13.04 11.84 40.71
C GLN B 255 -12.65 13.26 41.06
N PHE B 256 -13.65 14.08 41.36
CA PHE B 256 -13.39 15.41 41.88
C PHE B 256 -13.09 15.30 43.37
N LEU B 257 -11.86 15.63 43.75
CA LEU B 257 -11.46 15.50 45.14
C LEU B 257 -11.91 16.74 45.91
N ASP B 258 -11.60 16.77 47.19
CA ASP B 258 -12.08 17.83 48.07
C ASP B 258 -11.26 19.09 47.84
N PRO B 259 -11.88 20.23 47.49
CA PRO B 259 -11.10 21.46 47.30
C PRO B 259 -10.55 22.04 48.59
N GLU B 260 -11.13 21.70 49.74
CA GLU B 260 -10.63 22.21 51.01
C GLU B 260 -9.29 21.59 51.40
N LYS B 261 -8.95 20.44 50.85
CA LYS B 261 -7.65 19.83 51.11
C LYS B 261 -6.56 20.43 50.24
N ALA B 262 -6.93 21.14 49.18
CA ALA B 262 -6.04 21.92 48.30
C ALA B 262 -4.96 21.05 47.66
N TYR B 263 -5.42 20.06 46.88
CA TYR B 263 -4.49 19.26 46.11
C TYR B 263 -4.09 20.00 44.83
N PRO B 264 -2.88 19.73 44.32
CA PRO B 264 -2.50 20.33 43.03
C PRO B 264 -3.29 19.75 41.87
N GLY B 265 -4.11 20.58 41.24
CA GLY B 265 -4.91 20.13 40.12
C GLY B 265 -6.38 20.07 40.45
N HIS B 266 -6.71 19.60 41.65
CA HIS B 266 -8.10 19.47 42.08
C HIS B 266 -8.53 20.69 42.90
N GLU B 267 -8.52 21.85 42.23
CA GLU B 267 -8.88 23.11 42.87
C GLU B 267 -10.29 23.55 42.56
N LEU B 268 -11.02 22.81 41.72
CA LEU B 268 -12.37 23.18 41.33
C LEU B 268 -13.24 21.94 41.31
N ASP B 269 -14.45 22.07 41.86
CA ASP B 269 -15.43 20.99 41.91
C ASP B 269 -16.56 21.34 40.97
N LEU B 270 -16.83 20.45 40.01
CA LEU B 270 -17.87 20.69 39.01
C LEU B 270 -18.91 19.59 38.93
N PHE B 271 -18.69 18.45 39.59
CA PHE B 271 -19.58 17.30 39.76
C PHE B 271 -19.78 16.47 38.48
N VAL B 272 -19.32 16.97 37.32
CA VAL B 272 -19.43 16.26 36.06
C VAL B 272 -18.13 16.42 35.27
N PRO B 273 -17.35 15.37 35.09
CA PRO B 273 -16.12 15.50 34.30
C PRO B 273 -16.43 15.49 32.81
N VAL B 274 -16.41 16.67 32.22
CA VAL B 274 -16.78 16.80 30.82
C VAL B 274 -15.66 16.27 29.93
N PHE B 275 -14.42 16.46 30.35
CA PHE B 275 -13.29 16.03 29.54
C PHE B 275 -12.89 14.59 29.78
N THR B 276 -13.45 13.95 30.81
CA THR B 276 -13.31 12.50 30.95
C THR B 276 -14.39 11.78 30.17
N PHE B 277 -15.62 12.32 30.18
CA PHE B 277 -16.70 11.72 29.40
C PHE B 277 -16.48 11.91 27.91
N LEU B 278 -15.80 13.00 27.53
CA LEU B 278 -15.38 13.12 26.14
C LEU B 278 -14.26 12.15 25.81
N GLN B 279 -13.35 11.90 26.75
CA GLN B 279 -12.25 10.99 26.46
C GLN B 279 -12.73 9.55 26.37
N PHE B 280 -13.82 9.22 27.06
CA PHE B 280 -14.47 7.93 26.85
C PHE B 280 -15.18 7.88 25.51
N PHE B 281 -15.60 9.03 25.00
CA PHE B 281 -16.33 9.07 23.74
C PHE B 281 -15.44 8.76 22.55
N PHE B 282 -14.13 9.01 22.66
CA PHE B 282 -13.24 8.76 21.54
C PHE B 282 -12.47 7.46 21.66
N TYR B 283 -11.95 7.13 22.85
CA TYR B 283 -11.20 5.89 23.00
C TYR B 283 -12.11 4.68 22.95
N ALA B 284 -13.23 4.71 23.67
CA ALA B 284 -14.21 3.65 23.49
C ALA B 284 -15.07 3.87 22.26
N GLY B 285 -14.97 5.03 21.62
CA GLY B 285 -15.65 5.21 20.35
C GLY B 285 -14.99 4.43 19.23
N PHE B 286 -13.67 4.55 19.11
CA PHE B 286 -12.92 3.81 18.09
C PHE B 286 -12.90 2.32 18.34
N LEU B 287 -13.05 1.89 19.60
CA LEU B 287 -13.15 0.46 19.85
C LEU B 287 -14.47 -0.10 19.34
N LYS B 288 -15.56 0.65 19.49
CA LYS B 288 -16.86 0.20 18.98
C LYS B 288 -16.97 0.25 17.47
N VAL B 289 -16.21 1.12 16.80
CA VAL B 289 -16.16 1.06 15.34
C VAL B 289 -15.44 -0.20 14.89
N ALA B 290 -14.35 -0.53 15.58
CA ALA B 290 -13.60 -1.72 15.25
C ALA B 290 -14.40 -2.99 15.54
N GLU B 291 -15.30 -2.94 16.52
CA GLU B 291 -16.21 -4.07 16.76
C GLU B 291 -17.23 -4.22 15.65
N GLN B 292 -17.51 -3.13 14.95
CA GLN B 292 -18.52 -3.15 13.90
C GLN B 292 -17.92 -3.60 12.56
N LEU B 293 -16.71 -3.16 12.27
CA LEU B 293 -16.09 -3.37 10.98
C LEU B 293 -15.20 -4.61 10.93
N ILE B 294 -15.06 -5.34 12.04
CA ILE B 294 -14.21 -6.53 12.01
C ILE B 294 -14.88 -7.65 11.24
N ASN B 295 -16.22 -7.66 11.20
CA ASN B 295 -16.98 -8.54 10.34
C ASN B 295 -18.01 -7.65 9.68
N PRO B 296 -17.73 -7.15 8.48
CA PRO B 296 -18.69 -6.27 7.79
C PRO B 296 -19.80 -7.00 7.06
N PHE B 297 -19.99 -8.29 7.31
CA PHE B 297 -21.04 -9.07 6.68
C PHE B 297 -22.11 -9.48 7.67
N GLY B 298 -22.16 -8.84 8.82
CA GLY B 298 -23.17 -9.12 9.83
C GLY B 298 -24.43 -8.33 9.60
N GLU B 299 -25.11 -8.01 10.70
CA GLU B 299 -26.39 -7.32 10.65
C GLU B 299 -26.35 -5.98 11.36
N ASP B 300 -25.20 -5.31 11.38
CA ASP B 300 -25.15 -3.96 11.88
C ASP B 300 -25.79 -3.00 10.87
N ASP B 301 -25.96 -1.75 11.30
CA ASP B 301 -26.56 -0.76 10.40
C ASP B 301 -25.60 -0.35 9.31
N ASP B 302 -24.29 -0.48 9.55
CA ASP B 302 -23.29 -0.05 8.59
C ASP B 302 -22.45 -1.22 8.10
N ASP B 303 -22.97 -2.44 8.22
CA ASP B 303 -22.38 -3.57 7.53
C ASP B 303 -22.84 -3.58 6.07
N PHE B 304 -22.26 -4.48 5.29
CA PHE B 304 -22.53 -4.51 3.86
C PHE B 304 -23.90 -5.10 3.60
N GLU B 305 -24.66 -4.46 2.70
CA GLU B 305 -25.99 -4.92 2.34
C GLU B 305 -25.86 -6.06 1.33
N THR B 306 -25.67 -7.26 1.85
CA THR B 306 -25.44 -8.41 1.00
C THR B 306 -26.72 -9.11 0.57
N ASN B 307 -27.78 -9.02 1.36
CA ASN B 307 -29.07 -9.56 0.89
C ASN B 307 -29.64 -8.72 -0.22
N TRP B 308 -29.39 -7.41 -0.19
CA TRP B 308 -29.78 -6.55 -1.30
C TRP B 308 -29.01 -6.92 -2.56
N LEU B 309 -27.71 -7.18 -2.41
CA LEU B 309 -26.84 -7.32 -3.56
C LEU B 309 -27.03 -8.66 -4.26
N ILE B 310 -27.47 -9.68 -3.53
CA ILE B 310 -27.87 -10.93 -4.15
C ILE B 310 -29.12 -10.74 -5.01
N ASP B 311 -30.08 -9.95 -4.53
CA ASP B 311 -31.29 -9.69 -5.29
C ASP B 311 -31.02 -8.85 -6.52
N ARG B 312 -30.04 -7.95 -6.45
CA ARG B 312 -29.65 -7.19 -7.63
C ARG B 312 -28.97 -8.10 -8.65
N ASN B 313 -28.03 -8.93 -8.21
CA ASN B 313 -27.22 -9.70 -9.14
C ASN B 313 -28.01 -10.78 -9.84
N LEU B 314 -29.06 -11.29 -9.20
CA LEU B 314 -29.86 -12.31 -9.86
C LEU B 314 -30.79 -11.70 -10.90
N GLN B 315 -31.34 -10.52 -10.62
CA GLN B 315 -32.27 -9.90 -11.55
C GLN B 315 -31.54 -9.31 -12.75
N VAL B 316 -30.36 -8.74 -12.54
CA VAL B 316 -29.61 -8.10 -13.62
C VAL B 316 -29.00 -9.14 -14.55
N SER B 317 -28.55 -10.27 -14.00
CA SER B 317 -27.92 -11.31 -14.80
C SER B 317 -28.91 -11.97 -15.73
N LEU B 318 -30.07 -12.37 -15.21
CA LEU B 318 -31.05 -13.04 -16.03
C LEU B 318 -31.82 -12.09 -16.94
N MET B 319 -31.59 -10.79 -16.81
CA MET B 319 -32.16 -9.79 -17.70
C MET B 319 -31.28 -9.58 -18.92
N ALA B 320 -29.97 -9.63 -18.73
CA ALA B 320 -29.04 -9.32 -19.81
C ALA B 320 -28.77 -10.50 -20.72
N VAL B 321 -28.99 -11.73 -20.26
CA VAL B 321 -28.75 -12.89 -21.11
C VAL B 321 -30.04 -13.46 -21.68
N ASP B 322 -31.19 -12.98 -21.25
CA ASP B 322 -32.46 -13.47 -21.76
C ASP B 322 -33.20 -12.40 -22.55
N GLU B 323 -33.45 -11.23 -21.97
CA GLU B 323 -34.18 -10.18 -22.66
C GLU B 323 -33.28 -9.29 -23.50
N MET B 324 -31.97 -9.44 -23.42
CA MET B 324 -31.05 -8.51 -24.08
C MET B 324 -30.02 -9.24 -24.93
N HIS B 325 -30.38 -10.41 -25.48
CA HIS B 325 -29.40 -11.22 -26.19
C HIS B 325 -29.06 -10.63 -27.56
N GLN B 326 -30.03 -10.53 -28.45
CA GLN B 326 -29.81 -9.81 -29.70
C GLN B 326 -30.77 -8.63 -29.85
N ASP B 327 -31.33 -8.17 -28.74
CA ASP B 327 -32.27 -7.06 -28.76
C ASP B 327 -31.46 -5.76 -28.68
N LEU B 328 -31.07 -5.27 -29.84
CA LEU B 328 -30.35 -4.03 -29.96
C LEU B 328 -31.28 -2.94 -30.49
N PRO B 329 -31.06 -1.68 -30.10
CA PRO B 329 -31.79 -0.60 -30.76
C PRO B 329 -31.31 -0.38 -32.18
N ILE B 330 -32.11 0.36 -32.93
CA ILE B 330 -31.84 0.55 -34.36
C ILE B 330 -30.66 1.51 -34.52
N LEU B 331 -29.72 1.15 -35.40
CA LEU B 331 -28.59 2.01 -35.71
C LEU B 331 -29.06 3.29 -36.38
N GLU B 332 -28.69 4.42 -35.79
CA GLU B 332 -29.16 5.73 -36.22
C GLU B 332 -27.97 6.68 -36.26
N LYS B 333 -28.02 7.61 -37.21
CA LYS B 333 -27.06 8.70 -37.24
C LYS B 333 -27.30 9.61 -36.04
N ASP B 334 -26.25 9.89 -35.28
CA ASP B 334 -26.37 10.70 -34.08
C ASP B 334 -26.38 12.19 -34.44
N LEU B 335 -26.26 13.03 -33.41
CA LEU B 335 -26.35 14.47 -33.58
C LEU B 335 -25.15 15.04 -34.35
N TYR B 336 -23.96 14.51 -34.10
CA TYR B 336 -22.75 14.91 -34.80
C TYR B 336 -22.49 13.90 -35.91
N TRP B 337 -22.87 14.24 -37.13
CA TRP B 337 -22.62 13.32 -38.25
C TRP B 337 -21.73 13.94 -39.32
N ASN B 338 -22.07 15.10 -39.84
CA ASN B 338 -21.21 15.78 -40.80
C ASN B 338 -21.02 17.25 -40.42
N THR C 1 -10.55 21.23 -10.64
CA THR C 1 -9.34 21.30 -9.85
C THR C 1 -8.57 22.57 -10.14
N VAL C 2 -7.70 22.94 -9.22
CA VAL C 2 -6.80 24.07 -9.39
C VAL C 2 -5.41 23.49 -9.60
N THR C 3 -4.91 23.60 -10.83
CA THR C 3 -3.62 23.04 -11.19
C THR C 3 -2.54 24.10 -11.03
N TYR C 4 -1.50 23.76 -10.28
CA TYR C 4 -0.35 24.64 -10.08
C TYR C 4 0.97 23.88 -10.28
N THR C 5 0.92 22.74 -10.97
CA THR C 5 2.10 21.89 -11.15
C THR C 5 3.17 22.58 -11.99
N ASN C 6 2.76 23.41 -12.94
CA ASN C 6 3.70 24.15 -13.78
C ASN C 6 4.44 25.23 -13.02
N ARG C 7 3.94 25.63 -11.85
CA ARG C 7 4.55 26.70 -11.07
C ARG C 7 5.55 26.19 -10.04
N VAL C 8 5.50 24.91 -9.70
CA VAL C 8 6.35 24.37 -8.65
C VAL C 8 7.28 23.31 -9.23
N ALA C 9 7.68 23.49 -10.49
CA ALA C 9 8.58 22.55 -11.14
C ALA C 9 9.98 22.61 -10.54
N ASP C 10 10.45 23.80 -10.22
CA ASP C 10 11.72 24.00 -9.53
C ASP C 10 11.45 24.45 -8.11
N ALA C 11 12.51 24.60 -7.32
CA ALA C 11 12.40 25.00 -5.92
C ALA C 11 13.43 26.07 -5.61
N ARG C 12 13.08 27.36 -5.83
CA ARG C 12 14.12 28.36 -5.64
C ARG C 12 14.07 29.12 -4.30
N LEU C 13 13.13 30.05 -4.08
CA LEU C 13 12.93 30.63 -2.75
C LEU C 13 11.47 30.64 -2.35
N GLY C 14 10.68 31.36 -3.14
CA GLY C 14 9.25 31.52 -2.91
C GLY C 14 8.49 30.52 -3.75
N THR C 15 8.87 29.25 -3.62
CA THR C 15 8.22 28.20 -4.39
C THR C 15 6.79 28.00 -3.92
N PHE C 16 6.59 27.94 -2.60
CA PHE C 16 5.26 27.85 -2.03
C PHE C 16 4.76 29.18 -1.50
N SER C 17 5.62 30.21 -1.44
CA SER C 17 5.20 31.50 -0.92
C SER C 17 4.36 32.27 -1.92
N GLN C 18 4.56 32.05 -3.20
CA GLN C 18 3.71 32.67 -4.21
C GLN C 18 2.36 31.99 -4.33
N LEU C 19 2.19 30.81 -3.75
CA LEU C 19 0.92 30.10 -3.80
C LEU C 19 -0.01 30.48 -2.65
N LEU C 20 0.48 31.15 -1.61
CA LEU C 20 -0.39 31.56 -0.53
C LEU C 20 -1.01 32.94 -0.76
N LEU C 21 -0.87 33.49 -1.97
CA LEU C 21 -1.57 34.70 -2.34
C LEU C 21 -2.70 34.43 -3.32
N GLN C 22 -3.09 33.18 -3.48
CA GLN C 22 -4.14 32.78 -4.41
C GLN C 22 -5.42 32.48 -3.64
N TRP C 23 -6.54 32.93 -4.19
CA TRP C 23 -7.84 32.80 -3.53
C TRP C 23 -8.64 31.59 -3.97
N LYS C 24 -8.57 31.22 -5.24
CA LYS C 24 -9.42 30.15 -5.75
C LYS C 24 -8.86 28.79 -5.36
N GLY C 25 -9.68 27.98 -4.70
CA GLY C 25 -9.25 26.69 -4.22
C GLY C 25 -8.29 26.76 -3.06
N SER C 26 -8.46 27.73 -2.18
CA SER C 26 -7.51 28.01 -1.12
C SER C 26 -8.08 27.63 0.23
N ILE C 27 -7.21 27.63 1.23
CA ILE C 27 -7.64 27.46 2.62
C ILE C 27 -8.42 28.69 3.09
N TYR C 28 -8.18 29.85 2.50
CA TYR C 28 -8.87 31.06 2.92
C TYR C 28 -10.31 31.09 2.48
N LYS C 29 -10.67 30.38 1.41
CA LYS C 29 -12.07 30.32 1.01
C LYS C 29 -12.84 29.27 1.81
N LEU C 30 -12.19 28.17 2.19
CA LEU C 30 -12.86 27.12 2.93
C LEU C 30 -13.15 27.54 4.36
N LEU C 31 -12.16 28.09 5.05
CA LEU C 31 -12.31 28.42 6.46
C LEU C 31 -12.96 29.75 6.74
N TYR C 32 -13.35 30.51 5.72
CA TYR C 32 -13.75 31.91 5.91
C TYR C 32 -15.00 32.06 6.77
N SER C 33 -15.91 31.09 6.73
CA SER C 33 -17.11 31.20 7.56
C SER C 33 -16.89 30.66 8.95
N GLU C 34 -16.14 29.56 9.08
CA GLU C 34 -15.90 29.00 10.41
C GLU C 34 -14.92 29.84 11.21
N PHE C 35 -14.04 30.58 10.53
CA PHE C 35 -13.07 31.40 11.25
C PHE C 35 -13.76 32.60 11.88
N LEU C 36 -14.61 33.28 11.12
CA LEU C 36 -15.29 34.48 11.62
C LEU C 36 -16.29 34.15 12.73
N ILE C 37 -16.84 32.95 12.75
CA ILE C 37 -17.64 32.53 13.90
C ILE C 37 -16.75 32.33 15.12
N PHE C 38 -15.59 31.72 14.92
CA PHE C 38 -14.68 31.45 16.04
C PHE C 38 -14.03 32.72 16.57
N ILE C 39 -13.77 33.70 15.70
CA ILE C 39 -13.24 34.99 16.16
C ILE C 39 -14.31 35.74 16.95
N SER C 40 -15.54 35.77 16.44
CA SER C 40 -16.58 36.55 17.07
C SER C 40 -17.06 35.90 18.36
N LEU C 41 -17.07 34.57 18.43
CA LEU C 41 -17.39 33.91 19.69
C LEU C 41 -16.29 34.10 20.72
N TYR C 42 -15.04 34.25 20.27
CA TYR C 42 -13.96 34.49 21.22
C TYR C 42 -14.04 35.90 21.79
N PHE C 43 -14.14 36.90 20.92
CA PHE C 43 -14.15 38.29 21.36
C PHE C 43 -15.42 38.67 22.09
N ALA C 44 -16.50 37.92 21.93
CA ALA C 44 -17.68 38.15 22.75
C ALA C 44 -17.42 37.75 24.20
N ILE C 45 -16.82 36.57 24.40
CA ILE C 45 -16.49 36.11 25.75
C ILE C 45 -15.40 36.97 26.37
N SER C 46 -14.50 37.51 25.55
CA SER C 46 -13.45 38.38 26.07
C SER C 46 -14.02 39.72 26.53
N LEU C 47 -14.93 40.30 25.76
CA LEU C 47 -15.50 41.59 26.15
C LEU C 47 -16.51 41.47 27.27
N VAL C 48 -17.15 40.31 27.42
CA VAL C 48 -18.07 40.11 28.55
C VAL C 48 -17.26 39.96 29.84
N TYR C 49 -16.12 39.26 29.77
CA TYR C 49 -15.23 39.10 30.92
C TYR C 49 -14.60 40.41 31.35
N ARG C 50 -14.31 41.31 30.42
CA ARG C 50 -13.61 42.54 30.74
C ARG C 50 -14.52 43.71 31.06
N LEU C 51 -15.82 43.60 30.79
CA LEU C 51 -16.69 44.77 30.94
C LEU C 51 -17.95 44.48 31.76
N ILE C 52 -18.43 43.25 31.75
CA ILE C 52 -19.77 42.93 32.24
C ILE C 52 -19.72 42.19 33.57
N LEU C 53 -18.82 41.23 33.73
CA LEU C 53 -18.75 40.48 34.98
C LEU C 53 -18.25 41.36 36.13
N SER C 54 -18.80 41.13 37.32
CA SER C 54 -18.37 41.84 38.51
C SER C 54 -17.12 41.17 39.09
N GLU C 55 -16.56 41.80 40.13
CA GLU C 55 -15.29 41.34 40.70
C GLU C 55 -15.44 39.99 41.40
N SER C 56 -16.59 39.74 42.02
CA SER C 56 -16.83 38.42 42.60
C SER C 56 -17.22 37.39 41.55
N GLN C 57 -17.55 37.81 40.34
CA GLN C 57 -17.90 36.89 39.27
C GLN C 57 -16.78 36.68 38.26
N ARG C 58 -15.81 37.59 38.19
CA ARG C 58 -14.65 37.35 37.36
C ARG C 58 -13.80 36.23 37.91
N LEU C 59 -13.74 36.10 39.25
CA LEU C 59 -12.93 35.06 39.87
C LEU C 59 -13.53 33.68 39.65
N MET C 60 -14.83 33.60 39.40
CA MET C 60 -15.44 32.32 39.04
C MET C 60 -15.07 31.93 37.61
N PHE C 61 -14.92 32.93 36.73
CA PHE C 61 -14.50 32.67 35.36
C PHE C 61 -13.02 32.31 35.29
N GLU C 62 -12.21 32.83 36.21
CA GLU C 62 -10.79 32.51 36.21
C GLU C 62 -10.55 31.06 36.60
N LYS C 63 -11.39 30.50 37.45
CA LYS C 63 -11.24 29.10 37.84
C LYS C 63 -11.68 28.16 36.72
N LEU C 64 -12.71 28.52 35.96
CA LEU C 64 -13.10 27.71 34.82
C LEU C 64 -12.12 27.81 33.67
N ALA C 65 -11.48 28.98 33.50
CA ALA C 65 -10.54 29.14 32.42
C ALA C 65 -9.26 28.34 32.67
N LEU C 66 -8.91 28.13 33.93
CA LEU C 66 -7.76 27.30 34.23
C LEU C 66 -8.10 25.82 34.20
N TYR C 67 -9.34 25.46 34.52
CA TYR C 67 -9.78 24.07 34.41
C TYR C 67 -9.86 23.66 32.95
N CYS C 68 -10.45 24.50 32.11
CA CYS C 68 -10.63 24.16 30.71
C CYS C 68 -9.33 24.28 29.92
N ASN C 69 -8.30 24.91 30.48
CA ASN C 69 -7.03 24.98 29.78
C ASN C 69 -6.20 23.73 30.04
N SER C 70 -6.29 23.19 31.26
CA SER C 70 -5.46 22.05 31.63
C SER C 70 -6.01 20.74 31.07
N TYR C 71 -7.32 20.58 31.04
CA TYR C 71 -7.93 19.30 30.71
C TYR C 71 -8.52 19.25 29.32
N ALA C 72 -8.36 20.29 28.51
CA ALA C 72 -8.72 20.17 27.11
C ALA C 72 -7.73 19.35 26.31
N GLU C 73 -6.56 19.08 26.88
CA GLU C 73 -5.58 18.21 26.25
C GLU C 73 -5.96 16.74 26.32
N LEU C 74 -7.00 16.40 27.07
CA LEU C 74 -7.50 15.03 27.10
C LEU C 74 -8.29 14.67 25.85
N ILE C 75 -8.64 15.64 25.02
CA ILE C 75 -9.35 15.38 23.77
C ILE C 75 -8.31 15.00 22.73
N PRO C 76 -8.29 13.76 22.27
CA PRO C 76 -7.21 13.34 21.35
C PRO C 76 -7.43 13.82 19.93
N VAL C 77 -7.18 15.11 19.70
CA VAL C 77 -7.55 15.74 18.44
C VAL C 77 -6.66 15.25 17.31
N SER C 78 -5.34 15.19 17.55
CA SER C 78 -4.43 14.74 16.50
C SER C 78 -4.57 13.24 16.21
N PHE C 79 -4.96 12.46 17.22
CA PHE C 79 -5.17 11.03 16.99
C PHE C 79 -6.45 10.79 16.20
N VAL C 80 -7.52 11.51 16.52
CA VAL C 80 -8.79 11.29 15.86
C VAL C 80 -8.78 11.90 14.46
N LEU C 81 -8.26 13.13 14.32
CA LEU C 81 -8.24 13.78 13.01
C LEU C 81 -7.16 13.18 12.11
N GLY C 82 -6.05 12.73 12.68
CA GLY C 82 -5.00 12.15 11.85
C GLY C 82 -5.38 10.83 11.24
N PHE C 83 -6.25 10.07 11.90
CA PHE C 83 -6.74 8.83 11.30
C PHE C 83 -7.76 9.11 10.21
N TYR C 84 -8.54 10.17 10.37
CA TYR C 84 -9.65 10.43 9.45
C TYR C 84 -9.15 11.00 8.14
N VAL C 85 -8.12 11.84 8.20
CA VAL C 85 -7.56 12.43 6.99
C VAL C 85 -6.80 11.38 6.18
N SER C 86 -6.33 10.32 6.83
CA SER C 86 -5.73 9.22 6.09
C SER C 86 -6.76 8.42 5.31
N LEU C 87 -7.98 8.31 5.81
CA LEU C 87 -9.04 7.62 5.07
C LEU C 87 -9.52 8.43 3.88
N VAL C 88 -9.65 9.74 4.03
CA VAL C 88 -10.19 10.56 2.96
C VAL C 88 -9.20 10.67 1.81
N VAL C 89 -7.91 10.77 2.13
CA VAL C 89 -6.88 10.91 1.12
C VAL C 89 -6.62 9.58 0.41
N SER C 90 -6.71 8.46 1.13
CA SER C 90 -6.53 7.14 0.51
C SER C 90 -7.63 6.84 -0.51
N ARG C 91 -8.85 7.28 -0.23
CA ARG C 91 -9.94 7.11 -1.16
C ARG C 91 -9.97 8.17 -2.24
N TRP C 92 -9.22 9.26 -2.05
CA TRP C 92 -9.29 10.38 -2.99
C TRP C 92 -8.65 10.04 -4.31
N TRP C 93 -7.41 9.57 -4.30
CA TRP C 93 -6.74 9.24 -5.54
C TRP C 93 -7.27 7.95 -6.13
N ALA C 94 -7.83 7.06 -5.31
CA ALA C 94 -8.38 5.83 -5.83
C ALA C 94 -9.67 6.04 -6.61
N GLN C 95 -10.37 7.16 -6.40
CA GLN C 95 -11.54 7.48 -7.19
C GLN C 95 -11.21 8.24 -8.46
N TYR C 96 -10.05 8.89 -8.54
CA TYR C 96 -9.64 9.45 -9.83
C TYR C 96 -9.27 8.34 -10.80
N GLU C 97 -8.61 7.30 -10.30
CA GLU C 97 -8.20 6.19 -11.15
C GLU C 97 -9.37 5.32 -11.58
N SER C 98 -10.53 5.45 -10.94
CA SER C 98 -11.70 4.71 -11.32
C SER C 98 -12.52 5.41 -12.39
N ILE C 99 -12.18 6.64 -12.75
CA ILE C 99 -12.87 7.36 -13.81
C ILE C 99 -12.52 6.72 -15.13
N PRO C 100 -13.49 6.24 -15.90
CA PRO C 100 -13.17 5.52 -17.13
C PRO C 100 -12.78 6.46 -18.26
N TRP C 101 -11.80 6.03 -19.04
CA TRP C 101 -11.28 6.68 -20.21
C TRP C 101 -11.52 5.80 -21.43
N PRO C 102 -11.96 6.37 -22.55
CA PRO C 102 -12.32 5.57 -23.72
C PRO C 102 -11.14 5.12 -24.55
N ASP C 103 -9.93 5.55 -24.22
CA ASP C 103 -8.82 5.56 -25.17
C ASP C 103 -8.25 4.19 -25.46
N ARG C 104 -8.49 3.21 -24.61
CA ARG C 104 -8.06 1.85 -24.92
C ARG C 104 -9.07 1.15 -25.83
N ILE C 105 -10.36 1.41 -25.63
CA ILE C 105 -11.37 0.91 -26.57
C ILE C 105 -11.26 1.65 -27.89
N MET C 106 -10.93 2.94 -27.82
CA MET C 106 -10.85 3.82 -28.98
C MET C 106 -9.74 3.39 -29.93
N ASN C 107 -8.65 2.84 -29.41
CA ASN C 107 -7.58 2.36 -30.27
C ASN C 107 -7.97 1.11 -31.03
N LEU C 108 -8.81 0.27 -30.45
CA LEU C 108 -9.14 -1.01 -31.05
C LEU C 108 -10.36 -0.94 -31.96
N VAL C 109 -11.31 -0.06 -31.69
CA VAL C 109 -12.45 0.11 -32.57
C VAL C 109 -12.05 0.88 -33.82
N SER C 110 -11.06 1.77 -33.71
CA SER C 110 -10.63 2.58 -34.84
C SER C 110 -9.88 1.78 -35.90
N CYS C 111 -9.38 0.61 -35.56
CA CYS C 111 -8.59 -0.17 -36.50
C CYS C 111 -9.18 -1.52 -36.86
N ASN C 112 -9.90 -2.17 -35.95
CA ASN C 112 -10.36 -3.53 -36.19
C ASN C 112 -11.76 -3.63 -36.75
N VAL C 113 -12.56 -2.57 -36.71
CA VAL C 113 -13.91 -2.60 -37.25
C VAL C 113 -13.83 -1.98 -38.63
N ASP C 114 -13.86 -2.82 -39.66
CA ASP C 114 -13.51 -2.41 -41.01
C ASP C 114 -14.66 -1.67 -41.67
N GLY C 115 -14.37 -1.04 -42.80
CA GLY C 115 -15.38 -0.36 -43.58
C GLY C 115 -15.20 1.13 -43.67
N GLU C 116 -15.09 1.63 -44.90
CA GLU C 116 -15.09 3.07 -45.15
C GLU C 116 -16.43 3.58 -45.66
N ASP C 117 -17.38 2.69 -45.92
CA ASP C 117 -18.71 3.07 -46.36
C ASP C 117 -19.52 3.64 -45.20
N GLU C 118 -20.77 4.03 -45.49
CA GLU C 118 -21.57 4.70 -44.48
C GLU C 118 -22.10 3.76 -43.41
N TYR C 119 -22.01 2.45 -43.61
CA TYR C 119 -22.47 1.52 -42.58
C TYR C 119 -21.38 1.18 -41.58
N GLY C 120 -20.15 0.94 -42.04
CA GLY C 120 -19.06 0.75 -41.11
C GLY C 120 -18.66 2.02 -40.41
N ARG C 121 -18.93 3.18 -41.03
CA ARG C 121 -18.74 4.46 -40.35
C ARG C 121 -19.78 4.64 -39.26
N LEU C 122 -21.00 4.17 -39.50
CA LEU C 122 -22.05 4.23 -38.49
C LEU C 122 -21.82 3.23 -37.38
N LEU C 123 -21.17 2.11 -37.70
CA LEU C 123 -20.97 1.03 -36.75
C LEU C 123 -19.87 1.35 -35.74
N ARG C 124 -18.83 2.06 -36.16
CA ARG C 124 -17.78 2.46 -35.23
C ARG C 124 -18.21 3.60 -34.33
N ARG C 125 -19.04 4.51 -34.84
CA ARG C 125 -19.49 5.62 -34.01
C ARG C 125 -20.49 5.16 -32.96
N THR C 126 -21.27 4.12 -33.26
CA THR C 126 -22.24 3.63 -32.29
C THR C 126 -21.57 2.84 -31.17
N LEU C 127 -20.48 2.15 -31.48
CA LEU C 127 -19.72 1.47 -30.44
C LEU C 127 -19.11 2.44 -29.45
N MET C 128 -18.44 3.47 -29.95
CA MET C 128 -17.83 4.46 -29.05
C MET C 128 -18.84 5.36 -28.39
N ARG C 129 -20.07 5.43 -28.90
CA ARG C 129 -21.10 6.18 -28.20
C ARG C 129 -21.72 5.35 -27.09
N TYR C 130 -21.73 4.02 -27.23
CA TYR C 130 -22.16 3.15 -26.14
C TYR C 130 -21.13 3.08 -25.02
N SER C 131 -19.85 3.23 -25.33
CA SER C 131 -18.84 3.23 -24.28
C SER C 131 -18.86 4.54 -23.50
N ASN C 132 -19.19 5.64 -24.18
CA ASN C 132 -19.27 6.91 -23.47
C ASN C 132 -20.56 7.01 -22.68
N LEU C 133 -21.64 6.39 -23.17
CA LEU C 133 -22.90 6.40 -22.44
C LEU C 133 -22.83 5.52 -21.20
N CYS C 134 -22.04 4.45 -21.23
CA CYS C 134 -21.90 3.58 -20.06
C CYS C 134 -21.11 4.27 -18.96
N SER C 135 -20.41 5.35 -19.29
CA SER C 135 -19.66 6.19 -18.34
C SER C 135 -20.43 7.41 -17.89
N VAL C 136 -21.29 7.99 -18.74
CA VAL C 136 -22.09 9.13 -18.32
C VAL C 136 -23.15 8.70 -17.32
N LEU C 137 -23.72 7.50 -17.50
CA LEU C 137 -24.77 7.03 -16.63
C LEU C 137 -24.27 6.66 -15.25
N ILE C 138 -22.99 6.38 -15.08
CA ILE C 138 -22.46 6.19 -13.74
C ILE C 138 -21.94 7.50 -13.15
N LEU C 139 -21.51 8.44 -13.98
CA LEU C 139 -21.06 9.71 -13.44
C LEU C 139 -22.25 10.57 -12.98
N ARG C 140 -23.40 10.46 -13.62
CA ARG C 140 -24.54 11.20 -13.11
C ARG C 140 -25.21 10.52 -11.93
N SER C 141 -24.74 9.34 -11.53
CA SER C 141 -25.13 8.75 -10.27
C SER C 141 -24.19 9.10 -9.13
N VAL C 142 -22.91 9.35 -9.43
CA VAL C 142 -21.90 9.57 -8.40
C VAL C 142 -21.47 11.02 -8.30
N SER C 143 -21.81 11.86 -9.27
CA SER C 143 -21.40 13.26 -9.26
C SER C 143 -22.64 14.15 -9.26
N THR C 144 -22.64 15.16 -8.39
CA THR C 144 -23.69 16.15 -8.42
C THR C 144 -23.44 17.24 -9.46
N ALA C 145 -22.23 17.33 -9.99
CA ALA C 145 -21.96 18.26 -11.07
C ALA C 145 -22.45 17.73 -12.41
N VAL C 146 -22.39 16.43 -12.61
CA VAL C 146 -22.91 15.84 -13.83
C VAL C 146 -24.43 15.74 -13.76
N TYR C 147 -24.98 15.50 -12.57
CA TYR C 147 -26.43 15.37 -12.42
C TYR C 147 -27.14 16.70 -12.63
N LYS C 148 -26.52 17.82 -12.24
CA LYS C 148 -27.14 19.11 -12.49
C LYS C 148 -27.04 19.51 -13.96
N ARG C 149 -26.13 18.90 -14.71
CA ARG C 149 -26.09 19.11 -16.15
C ARG C 149 -27.12 18.24 -16.86
N PHE C 150 -27.28 16.98 -16.43
CA PHE C 150 -28.24 16.05 -16.99
C PHE C 150 -29.22 15.63 -15.91
N PRO C 151 -30.25 16.43 -15.63
CA PRO C 151 -31.17 16.08 -14.54
C PRO C 151 -32.08 14.91 -14.89
N SER C 152 -32.52 14.83 -16.14
CA SER C 152 -33.34 13.74 -16.61
C SER C 152 -32.67 13.11 -17.82
N MET C 153 -33.25 11.98 -18.25
CA MET C 153 -32.69 11.27 -19.39
C MET C 153 -33.01 11.96 -20.71
N GLU C 154 -33.97 12.88 -20.71
CA GLU C 154 -34.25 13.69 -21.89
C GLU C 154 -33.10 14.66 -22.16
N HIS C 155 -32.38 15.10 -21.11
CA HIS C 155 -31.22 15.95 -21.32
C HIS C 155 -30.06 15.20 -21.94
N VAL C 156 -29.99 13.88 -21.73
CA VAL C 156 -28.92 13.09 -22.34
C VAL C 156 -29.18 12.93 -23.83
N VAL C 157 -30.46 12.86 -24.23
CA VAL C 157 -30.79 12.75 -25.64
C VAL C 157 -30.51 14.07 -26.37
N ARG C 158 -30.71 15.19 -25.70
CA ARG C 158 -30.48 16.50 -26.31
C ARG C 158 -29.00 16.80 -26.50
N ALA C 159 -28.11 16.12 -25.78
CA ALA C 159 -26.69 16.34 -25.91
C ALA C 159 -26.03 15.47 -26.96
N GLY C 160 -26.79 14.60 -27.62
CA GLY C 160 -26.25 13.72 -28.63
C GLY C 160 -25.61 12.45 -28.11
N LEU C 161 -25.67 12.21 -26.81
CA LEU C 161 -25.14 10.99 -26.23
C LEU C 161 -26.05 9.79 -26.43
N MET C 162 -27.30 10.00 -26.82
CA MET C 162 -28.28 8.93 -26.95
C MET C 162 -29.30 9.35 -27.99
N THR C 163 -29.51 8.51 -28.99
CA THR C 163 -30.52 8.79 -29.99
C THR C 163 -31.91 8.52 -29.42
N PRO C 164 -32.97 9.12 -29.98
CA PRO C 164 -34.31 8.88 -29.43
C PRO C 164 -34.81 7.45 -29.57
N GLU C 165 -34.27 6.66 -30.49
CA GLU C 165 -34.66 5.26 -30.58
C GLU C 165 -34.05 4.44 -29.46
N GLU C 166 -32.91 4.89 -28.92
CA GLU C 166 -32.26 4.21 -27.81
C GLU C 166 -32.90 4.55 -26.48
N HIS C 167 -33.56 5.71 -26.38
CA HIS C 167 -34.26 6.06 -25.15
C HIS C 167 -35.53 5.23 -24.97
N LYS C 168 -36.18 4.85 -26.07
CA LYS C 168 -37.33 3.96 -25.96
C LYS C 168 -36.93 2.57 -25.53
N LYS C 169 -35.78 2.09 -26.03
CA LYS C 169 -35.27 0.79 -25.62
C LYS C 169 -34.72 0.83 -24.20
N PHE C 170 -34.24 2.00 -23.75
CA PHE C 170 -33.72 2.15 -22.40
C PHE C 170 -34.83 2.20 -21.36
N GLU C 171 -36.04 2.61 -21.75
CA GLU C 171 -37.16 2.64 -20.83
C GLU C 171 -37.98 1.37 -20.83
N SER C 172 -37.99 0.63 -21.95
CA SER C 172 -38.73 -0.62 -22.00
C SER C 172 -38.05 -1.72 -21.21
N LEU C 173 -36.74 -1.59 -20.97
CA LEU C 173 -36.01 -2.54 -20.13
C LEU C 173 -36.36 -2.23 -18.68
N ASN C 174 -37.19 -3.09 -18.08
CA ASN C 174 -37.75 -2.83 -16.75
C ASN C 174 -36.81 -3.39 -15.70
N SER C 175 -36.19 -2.50 -14.93
CA SER C 175 -35.30 -2.90 -13.86
C SER C 175 -35.44 -1.88 -12.74
N PRO C 176 -35.62 -2.32 -11.49
CA PRO C 176 -35.75 -1.37 -10.38
C PRO C 176 -34.43 -0.80 -9.89
N HIS C 177 -33.31 -1.24 -10.44
CA HIS C 177 -32.00 -0.84 -9.96
C HIS C 177 -31.40 0.19 -10.89
N ASN C 178 -30.14 0.55 -10.65
CA ASN C 178 -29.43 1.49 -11.51
C ASN C 178 -29.09 0.81 -12.83
N LYS C 179 -29.33 1.53 -13.93
CA LYS C 179 -29.22 0.96 -15.27
C LYS C 179 -27.96 1.41 -16.00
N PHE C 180 -26.87 1.63 -15.28
CA PHE C 180 -25.63 2.06 -15.94
C PHE C 180 -24.98 0.92 -16.72
N TRP C 181 -25.39 -0.32 -16.48
CA TRP C 181 -24.85 -1.50 -17.14
C TRP C 181 -25.52 -1.79 -18.48
N ILE C 182 -26.57 -1.04 -18.84
CA ILE C 182 -27.27 -1.28 -20.11
C ILE C 182 -26.40 -1.03 -21.35
N PRO C 183 -25.69 0.11 -21.50
CA PRO C 183 -24.93 0.30 -22.75
C PRO C 183 -23.71 -0.58 -22.85
N CYS C 184 -23.19 -1.08 -21.73
CA CYS C 184 -22.09 -2.02 -21.80
C CYS C 184 -22.53 -3.41 -22.25
N VAL C 185 -23.83 -3.71 -22.21
CA VAL C 185 -24.33 -4.93 -22.81
C VAL C 185 -24.69 -4.71 -24.29
N TRP C 186 -25.17 -3.51 -24.63
CA TRP C 186 -25.38 -3.15 -26.03
C TRP C 186 -24.08 -3.10 -26.83
N PHE C 187 -22.97 -2.79 -26.16
CA PHE C 187 -21.68 -2.77 -26.84
C PHE C 187 -21.28 -4.16 -27.28
N SER C 188 -21.36 -5.12 -26.37
CA SER C 188 -20.88 -6.46 -26.66
C SER C 188 -21.79 -7.20 -27.63
N ASN C 189 -23.07 -6.85 -27.66
CA ASN C 189 -23.96 -7.44 -28.64
C ASN C 189 -23.82 -6.81 -30.02
N LEU C 190 -23.36 -5.57 -30.08
CA LEU C 190 -23.12 -4.93 -31.35
C LEU C 190 -21.76 -5.31 -31.93
N ALA C 191 -20.78 -5.57 -31.06
CA ALA C 191 -19.48 -6.03 -31.54
C ALA C 191 -19.54 -7.46 -32.08
N VAL C 192 -20.43 -8.28 -31.55
CA VAL C 192 -20.62 -9.62 -32.09
C VAL C 192 -21.43 -9.57 -33.38
N LYS C 193 -22.43 -8.68 -33.43
CA LYS C 193 -23.17 -8.44 -34.66
C LYS C 193 -22.26 -7.88 -35.75
N ALA C 194 -21.26 -7.09 -35.37
CA ALA C 194 -20.29 -6.59 -36.33
C ALA C 194 -19.40 -7.70 -36.86
N ARG C 195 -19.06 -8.69 -36.02
CA ARG C 195 -18.22 -9.78 -36.49
C ARG C 195 -19.00 -10.72 -37.41
N ASN C 196 -20.26 -11.00 -37.07
CA ASN C 196 -21.08 -11.90 -37.87
C ASN C 196 -21.47 -11.32 -39.22
N GLU C 197 -21.25 -10.02 -39.44
CA GLU C 197 -21.43 -9.40 -40.74
C GLU C 197 -20.10 -9.20 -41.47
N GLY C 198 -18.99 -9.64 -40.89
CA GLY C 198 -17.70 -9.57 -41.53
C GLY C 198 -16.91 -8.31 -41.28
N ARG C 199 -17.36 -7.44 -40.39
CA ARG C 199 -16.66 -6.18 -40.18
C ARG C 199 -15.44 -6.36 -39.28
N ILE C 200 -15.57 -7.16 -38.23
CA ILE C 200 -14.42 -7.57 -37.43
C ILE C 200 -13.93 -8.90 -37.98
N ARG C 201 -12.62 -9.00 -38.21
CA ARG C 201 -12.06 -10.08 -39.01
C ARG C 201 -12.07 -11.42 -38.28
N ASP C 202 -11.38 -11.50 -37.14
CA ASP C 202 -11.24 -12.75 -36.42
C ASP C 202 -11.86 -12.66 -35.04
N SER C 203 -11.89 -13.79 -34.35
CA SER C 203 -12.40 -13.85 -32.99
C SER C 203 -11.36 -13.43 -31.97
N VAL C 204 -10.07 -13.45 -32.34
CA VAL C 204 -9.05 -12.93 -31.45
C VAL C 204 -9.15 -11.41 -31.37
N LEU C 205 -9.54 -10.79 -32.48
CA LEU C 205 -9.75 -9.35 -32.52
C LEU C 205 -11.06 -8.95 -31.86
N LEU C 206 -12.06 -9.82 -31.90
CA LEU C 206 -13.29 -9.58 -31.18
C LEU C 206 -13.09 -9.66 -29.68
N GLN C 207 -12.35 -10.67 -29.22
CA GLN C 207 -12.13 -10.83 -27.79
C GLN C 207 -11.24 -9.73 -27.22
N GLY C 208 -10.37 -9.16 -28.05
CA GLY C 208 -9.59 -8.02 -27.60
C GLY C 208 -10.42 -6.78 -27.39
N ILE C 209 -11.47 -6.60 -28.19
CA ILE C 209 -12.39 -5.50 -27.99
C ILE C 209 -13.26 -5.75 -26.76
N LEU C 210 -13.69 -7.00 -26.57
CA LEU C 210 -14.52 -7.33 -25.42
C LEU C 210 -13.76 -7.34 -24.11
N ASN C 211 -12.44 -7.51 -24.14
CA ASN C 211 -11.66 -7.41 -22.91
C ASN C 211 -11.52 -5.97 -22.46
N GLU C 212 -11.46 -5.02 -23.39
CA GLU C 212 -11.40 -3.62 -22.99
C GLU C 212 -12.75 -3.07 -22.60
N LEU C 213 -13.84 -3.72 -23.02
CA LEU C 213 -15.15 -3.35 -22.53
C LEU C 213 -15.30 -3.74 -21.06
N ASN C 214 -14.85 -4.94 -20.70
CA ASN C 214 -14.97 -5.38 -19.32
C ASN C 214 -14.01 -4.67 -18.39
N THR C 215 -12.91 -4.13 -18.93
CA THR C 215 -12.05 -3.28 -18.12
C THR C 215 -12.73 -1.96 -17.81
N LEU C 216 -13.46 -1.42 -18.78
CA LEU C 216 -14.22 -0.19 -18.53
C LEU C 216 -15.46 -0.46 -17.68
N ARG C 217 -15.99 -1.68 -17.75
CA ARG C 217 -17.07 -2.05 -16.84
C ARG C 217 -16.58 -2.18 -15.41
N SER C 218 -15.33 -2.62 -15.22
CA SER C 218 -14.77 -2.67 -13.87
C SER C 218 -14.45 -1.28 -13.34
N GLN C 219 -14.16 -0.33 -14.22
CA GLN C 219 -13.95 1.06 -13.79
C GLN C 219 -15.25 1.67 -13.29
N CYS C 220 -16.36 1.41 -13.98
CA CYS C 220 -17.65 1.93 -13.56
C CYS C 220 -18.13 1.25 -12.28
N GLY C 221 -17.73 0.00 -12.06
CA GLY C 221 -18.11 -0.68 -10.84
C GLY C 221 -17.37 -0.17 -9.61
N ARG C 222 -16.17 0.37 -9.80
CA ARG C 222 -15.45 0.96 -8.69
C ARG C 222 -16.05 2.31 -8.30
N LEU C 223 -16.46 3.11 -9.28
CA LEU C 223 -17.13 4.37 -8.98
C LEU C 223 -18.48 4.14 -8.30
N TYR C 224 -19.14 3.03 -8.61
CA TYR C 224 -20.36 2.67 -7.91
C TYR C 224 -20.06 2.23 -6.49
N GLY C 225 -18.87 1.68 -6.24
CA GLY C 225 -18.55 1.22 -4.91
C GLY C 225 -18.21 2.34 -3.95
N TYR C 226 -17.44 3.32 -4.41
CA TYR C 226 -17.06 4.43 -3.55
C TYR C 226 -18.22 5.38 -3.27
N ASP C 227 -19.20 5.45 -4.15
CA ASP C 227 -20.38 6.27 -3.89
C ASP C 227 -21.34 5.58 -2.93
N TRP C 228 -21.46 4.27 -3.02
CA TRP C 228 -22.41 3.53 -2.20
C TRP C 228 -21.83 3.14 -0.85
N ILE C 229 -20.58 2.73 -0.79
CA ILE C 229 -19.94 2.36 0.46
C ILE C 229 -19.13 3.58 0.89
N SER C 230 -19.76 4.43 1.68
CA SER C 230 -19.12 5.66 2.14
C SER C 230 -18.09 5.37 3.21
N ILE C 231 -17.34 6.40 3.58
CA ILE C 231 -16.67 6.39 4.88
C ILE C 231 -17.73 6.24 5.95
N PRO C 232 -17.55 5.37 6.96
CA PRO C 232 -18.61 5.12 7.93
C PRO C 232 -19.01 6.37 8.70
N LEU C 233 -20.33 6.56 8.84
CA LEU C 233 -20.91 7.75 9.45
C LEU C 233 -20.46 7.91 10.89
N VAL C 234 -20.17 6.79 11.56
CA VAL C 234 -19.63 6.81 12.89
C VAL C 234 -18.24 7.43 12.95
N TYR C 235 -17.45 7.37 11.87
CA TYR C 235 -16.18 8.11 11.82
C TYR C 235 -16.38 9.59 11.59
N THR C 236 -17.34 9.95 10.73
CA THR C 236 -17.57 11.36 10.43
C THR C 236 -18.13 12.09 11.64
N GLN C 237 -18.94 11.42 12.45
CA GLN C 237 -19.51 12.03 13.64
C GLN C 237 -18.51 12.18 14.77
N VAL C 238 -17.53 11.29 14.86
CA VAL C 238 -16.53 11.40 15.93
C VAL C 238 -15.56 12.54 15.66
N VAL C 239 -15.14 12.72 14.41
CA VAL C 239 -14.15 13.75 14.11
C VAL C 239 -14.74 15.16 14.12
N THR C 240 -16.04 15.31 13.92
CA THR C 240 -16.64 16.62 14.01
C THR C 240 -17.01 16.99 15.43
N VAL C 241 -16.99 16.03 16.36
CA VAL C 241 -17.05 16.36 17.77
C VAL C 241 -15.67 16.64 18.33
N ALA C 242 -14.66 15.92 17.84
CA ALA C 242 -13.30 16.09 18.36
C ALA C 242 -12.71 17.45 18.01
N VAL C 243 -13.04 17.98 16.84
CA VAL C 243 -12.55 19.31 16.49
C VAL C 243 -13.42 20.38 17.13
N TYR C 244 -14.74 20.20 17.14
CA TYR C 244 -15.60 21.26 17.64
C TYR C 244 -15.63 21.34 19.15
N SER C 245 -15.48 20.23 19.88
CA SER C 245 -15.42 20.32 21.33
C SER C 245 -14.07 20.82 21.81
N PHE C 246 -13.03 20.67 21.01
CA PHE C 246 -11.72 21.16 21.42
C PHE C 246 -11.68 22.69 21.37
N PHE C 247 -12.22 23.29 20.32
CA PHE C 247 -12.23 24.73 20.22
C PHE C 247 -13.42 25.36 20.90
N LEU C 248 -14.39 24.56 21.35
CA LEU C 248 -15.37 25.06 22.30
C LEU C 248 -14.74 25.24 23.67
N ALA C 249 -13.79 24.38 24.02
CA ALA C 249 -13.06 24.55 25.27
C ALA C 249 -12.02 25.67 25.16
N CYS C 250 -11.55 25.97 23.96
CA CYS C 250 -10.58 27.04 23.77
C CYS C 250 -11.22 28.42 23.77
N LEU C 251 -12.55 28.52 23.76
CA LEU C 251 -13.19 29.82 23.93
C LEU C 251 -13.13 30.26 25.38
N ILE C 252 -13.04 29.32 26.31
CA ILE C 252 -12.91 29.63 27.72
C ILE C 252 -11.45 29.55 28.18
N GLY C 253 -10.74 28.50 27.78
CA GLY C 253 -9.42 28.24 28.32
C GLY C 253 -8.33 29.14 27.78
N ARG C 254 -8.50 29.65 26.56
CA ARG C 254 -7.48 30.50 25.95
C ARG C 254 -7.77 31.97 26.14
N GLN C 255 -8.65 32.33 27.06
CA GLN C 255 -8.85 33.73 27.39
C GLN C 255 -7.60 34.28 28.07
N PHE C 256 -7.34 35.56 27.86
CA PHE C 256 -6.28 36.23 28.60
C PHE C 256 -6.82 36.61 29.97
N LEU C 257 -6.27 36.01 31.01
CA LEU C 257 -6.76 36.26 32.36
C LEU C 257 -6.11 37.53 32.89
N ASP C 258 -6.45 37.89 34.12
CA ASP C 258 -6.00 39.15 34.71
C ASP C 258 -4.54 39.02 35.14
N PRO C 259 -3.64 39.87 34.66
CA PRO C 259 -2.24 39.78 35.09
C PRO C 259 -2.01 40.22 36.53
N GLU C 260 -2.92 41.01 37.11
CA GLU C 260 -2.78 41.44 38.49
C GLU C 260 -3.02 40.32 39.48
N LYS C 261 -3.72 39.26 39.07
CA LYS C 261 -3.91 38.10 39.94
C LYS C 261 -2.71 37.17 39.93
N ALA C 262 -1.82 37.30 38.93
CA ALA C 262 -0.54 36.60 38.83
C ALA C 262 -0.71 35.09 38.79
N TYR C 263 -1.44 34.63 37.78
CA TYR C 263 -1.55 33.19 37.56
C TYR C 263 -0.31 32.66 36.84
N PRO C 264 0.05 31.40 37.07
CA PRO C 264 1.15 30.80 36.31
C PRO C 264 0.81 30.60 34.84
N GLY C 265 1.50 31.34 33.97
CA GLY C 265 1.25 31.24 32.55
C GLY C 265 0.60 32.47 31.99
N HIS C 266 -0.35 33.04 32.73
CA HIS C 266 -1.08 34.22 32.28
C HIS C 266 -0.46 35.49 32.86
N GLU C 267 0.80 35.73 32.46
CA GLU C 267 1.54 36.88 32.94
C GLU C 267 1.58 38.02 31.95
N LEU C 268 1.00 37.85 30.77
CA LEU C 268 1.03 38.88 29.73
C LEU C 268 -0.33 38.94 29.06
N ASP C 269 -0.80 40.16 28.85
CA ASP C 269 -2.09 40.41 28.20
C ASP C 269 -1.82 41.02 26.83
N LEU C 270 -2.32 40.37 25.78
CA LEU C 270 -2.10 40.82 24.42
C LEU C 270 -3.37 41.06 23.62
N PHE C 271 -4.53 40.65 24.14
CA PHE C 271 -5.89 40.86 23.62
C PHE C 271 -6.20 40.04 22.37
N VAL C 272 -5.20 39.41 21.74
CA VAL C 272 -5.39 38.59 20.55
C VAL C 272 -4.53 37.33 20.66
N PRO C 273 -5.13 36.16 20.83
CA PRO C 273 -4.33 34.94 20.89
C PRO C 273 -3.90 34.49 19.50
N VAL C 274 -2.64 34.77 19.18
CA VAL C 274 -2.15 34.49 17.84
C VAL C 274 -1.92 32.99 17.68
N PHE C 275 -1.49 32.32 18.74
CA PHE C 275 -1.20 30.90 18.66
C PHE C 275 -2.42 30.02 18.90
N THR C 276 -3.53 30.60 19.35
CA THR C 276 -4.80 29.89 19.35
C THR C 276 -5.50 30.01 18.01
N PHE C 277 -5.43 31.19 17.39
CA PHE C 277 -6.03 31.38 16.08
C PHE C 277 -5.24 30.64 15.02
N LEU C 278 -3.94 30.47 15.22
CA LEU C 278 -3.18 29.58 14.34
C LEU C 278 -3.54 28.13 14.58
N GLN C 279 -3.80 27.74 15.83
CA GLN C 279 -4.13 26.34 16.09
C GLN C 279 -5.51 25.98 15.55
N PHE C 280 -6.41 26.96 15.46
CA PHE C 280 -7.67 26.76 14.76
C PHE C 280 -7.46 26.66 13.26
N PHE C 281 -6.41 27.31 12.75
CA PHE C 281 -6.15 27.31 11.32
C PHE C 281 -5.69 25.95 10.82
N PHE C 282 -5.09 25.13 11.67
CA PHE C 282 -4.60 23.83 11.24
C PHE C 282 -5.53 22.69 11.59
N TYR C 283 -6.08 22.67 12.81
CA TYR C 283 -6.97 21.58 13.21
C TYR C 283 -8.31 21.68 12.49
N ALA C 284 -8.90 22.86 12.45
CA ALA C 284 -10.09 23.03 11.62
C ALA C 284 -9.73 23.23 10.15
N GLY C 285 -8.45 23.43 9.83
CA GLY C 285 -8.06 23.45 8.44
C GLY C 285 -8.11 22.07 7.79
N PHE C 286 -7.54 21.07 8.46
CA PHE C 286 -7.56 19.70 7.95
C PHE C 286 -8.95 19.10 7.98
N LEU C 287 -9.83 19.57 8.86
CA LEU C 287 -11.19 19.08 8.83
C LEU C 287 -11.92 19.58 7.59
N LYS C 288 -11.68 20.84 7.19
CA LYS C 288 -12.33 21.38 6.00
C LYS C 288 -11.76 20.81 4.71
N VAL C 289 -10.52 20.35 4.70
CA VAL C 289 -10.01 19.63 3.53
C VAL C 289 -10.70 18.28 3.41
N ALA C 290 -10.89 17.60 4.54
CA ALA C 290 -11.57 16.32 4.53
C ALA C 290 -13.04 16.46 4.16
N GLU C 291 -13.65 17.61 4.45
CA GLU C 291 -15.02 17.88 4.00
C GLU C 291 -15.07 18.08 2.50
N GLN C 292 -13.97 18.49 1.90
CA GLN C 292 -13.93 18.77 0.47
C GLN C 292 -13.64 17.51 -0.33
N LEU C 293 -12.75 16.66 0.17
CA LEU C 293 -12.26 15.52 -0.57
C LEU C 293 -13.03 14.24 -0.26
N ILE C 294 -14.02 14.28 0.62
CA ILE C 294 -14.77 13.06 0.94
C ILE C 294 -15.70 12.70 -0.23
N ASN C 295 -16.12 13.69 -1.00
CA ASN C 295 -16.83 13.46 -2.26
C ASN C 295 -16.15 14.37 -3.26
N PRO C 296 -15.18 13.86 -4.02
CA PRO C 296 -14.48 14.69 -5.00
C PRO C 296 -15.21 14.85 -6.33
N PHE C 297 -16.49 14.51 -6.39
CA PHE C 297 -17.28 14.65 -7.60
C PHE C 297 -18.36 15.71 -7.45
N GLY C 298 -18.24 16.57 -6.46
CA GLY C 298 -19.17 17.64 -6.24
C GLY C 298 -18.80 18.88 -7.03
N GLU C 299 -19.15 20.04 -6.48
CA GLU C 299 -18.96 21.32 -7.15
C GLU C 299 -18.04 22.24 -6.38
N ASP C 300 -17.09 21.68 -5.64
CA ASP C 300 -16.06 22.51 -5.01
C ASP C 300 -15.07 23.00 -6.07
N ASP C 301 -14.20 23.92 -5.66
CA ASP C 301 -13.21 24.44 -6.60
C ASP C 301 -12.14 23.40 -6.90
N ASP C 302 -11.91 22.46 -5.98
CA ASP C 302 -10.86 21.48 -6.13
C ASP C 302 -11.43 20.07 -6.22
N ASP C 303 -12.70 19.93 -6.57
CA ASP C 303 -13.24 18.64 -6.96
C ASP C 303 -12.87 18.34 -8.40
N PHE C 304 -13.17 17.12 -8.82
CA PHE C 304 -12.77 16.67 -10.15
C PHE C 304 -13.64 17.32 -11.22
N GLU C 305 -13.00 17.78 -12.28
CA GLU C 305 -13.71 18.42 -13.39
C GLU C 305 -14.28 17.32 -14.29
N THR C 306 -15.46 16.85 -13.92
CA THR C 306 -16.08 15.74 -14.63
C THR C 306 -16.95 16.19 -15.78
N ASN C 307 -17.51 17.40 -15.73
CA ASN C 307 -18.23 17.90 -16.91
C ASN C 307 -17.27 18.24 -18.03
N TRP C 308 -16.07 18.69 -17.70
CA TRP C 308 -15.04 18.88 -18.71
C TRP C 308 -14.66 17.56 -19.35
N LEU C 309 -14.50 16.51 -18.54
CA LEU C 309 -13.92 15.27 -19.00
C LEU C 309 -14.89 14.47 -19.84
N ILE C 310 -16.20 14.66 -19.64
CA ILE C 310 -17.20 14.09 -20.53
C ILE C 310 -17.13 14.74 -21.90
N ASP C 311 -16.93 16.06 -21.95
CA ASP C 311 -16.82 16.76 -23.22
C ASP C 311 -15.54 16.40 -23.97
N ARG C 312 -14.47 16.11 -23.24
CA ARG C 312 -13.25 15.63 -23.89
C ARG C 312 -13.44 14.24 -24.46
N ASN C 313 -14.02 13.33 -23.66
CA ASN C 313 -14.08 11.93 -24.07
C ASN C 313 -15.03 11.70 -25.22
N LEU C 314 -16.05 12.55 -25.36
CA LEU C 314 -16.96 12.39 -26.48
C LEU C 314 -16.36 12.91 -27.77
N GLN C 315 -15.60 14.00 -27.70
CA GLN C 315 -15.04 14.59 -28.92
C GLN C 315 -13.84 13.77 -29.40
N VAL C 316 -13.03 13.24 -28.49
CA VAL C 316 -11.84 12.49 -28.87
C VAL C 316 -12.21 11.12 -29.41
N SER C 317 -13.25 10.49 -28.85
CA SER C 317 -13.66 9.16 -29.28
C SER C 317 -14.22 9.18 -30.69
N LEU C 318 -15.13 10.11 -30.97
CA LEU C 318 -15.74 10.17 -32.29
C LEU C 318 -14.83 10.79 -33.33
N MET C 319 -13.67 11.30 -32.93
CA MET C 319 -12.67 11.79 -33.85
C MET C 319 -11.75 10.68 -34.32
N ALA C 320 -11.43 9.75 -33.43
CA ALA C 320 -10.46 8.71 -33.75
C ALA C 320 -11.06 7.54 -34.50
N VAL C 321 -12.38 7.32 -34.40
CA VAL C 321 -13.01 6.22 -35.11
C VAL C 321 -13.72 6.66 -36.37
N ASP C 322 -13.84 7.96 -36.62
CA ASP C 322 -14.49 8.47 -37.81
C ASP C 322 -13.50 9.17 -38.73
N GLU C 323 -12.79 10.17 -38.24
CA GLU C 323 -11.85 10.91 -39.08
C GLU C 323 -10.47 10.28 -39.15
N MET C 324 -10.20 9.25 -38.36
CA MET C 324 -8.86 8.69 -38.26
C MET C 324 -8.85 7.19 -38.47
N HIS C 325 -9.78 6.66 -39.27
CA HIS C 325 -9.90 5.21 -39.40
C HIS C 325 -8.78 4.62 -40.25
N GLN C 326 -8.68 5.01 -41.52
CA GLN C 326 -7.53 4.62 -42.32
C GLN C 326 -6.77 5.83 -42.83
N ASP C 327 -6.95 6.98 -42.18
CA ASP C 327 -6.27 8.21 -42.58
C ASP C 327 -4.91 8.24 -41.89
N LEU C 328 -3.94 7.65 -42.56
CA LEU C 328 -2.57 7.64 -42.08
C LEU C 328 -1.74 8.62 -42.90
N PRO C 329 -0.71 9.23 -42.30
CA PRO C 329 0.24 10.00 -43.10
C PRO C 329 1.10 9.10 -43.96
N ILE C 330 1.76 9.71 -44.93
CA ILE C 330 2.53 8.97 -45.92
C ILE C 330 3.81 8.45 -45.27
N LEU C 331 4.13 7.17 -45.50
CA LEU C 331 5.36 6.58 -45.00
C LEU C 331 6.56 7.25 -45.65
N GLU C 332 7.46 7.76 -44.81
CA GLU C 332 8.61 8.54 -45.25
C GLU C 332 9.84 8.08 -44.50
N LYS C 333 10.98 8.11 -45.18
CA LYS C 333 12.25 7.90 -44.52
C LYS C 333 12.53 9.05 -43.56
N ASP C 334 12.84 8.73 -42.32
CA ASP C 334 13.07 9.74 -41.29
C ASP C 334 14.49 10.29 -41.40
N LEU C 335 14.90 11.06 -40.38
CA LEU C 335 16.19 11.73 -40.39
C LEU C 335 17.35 10.74 -40.26
N TYR C 336 17.18 9.71 -39.45
CA TYR C 336 18.19 8.66 -39.29
C TYR C 336 17.80 7.49 -40.18
N TRP C 337 18.41 7.38 -41.35
CA TRP C 337 18.10 6.26 -42.24
C TRP C 337 19.32 5.40 -42.53
N ASN C 338 20.42 5.98 -43.00
CA ASN C 338 21.63 5.21 -43.20
C ASN C 338 22.84 5.93 -42.60
N THR D 1 18.92 13.24 -11.88
CA THR D 1 19.11 12.72 -10.55
C THR D 1 20.57 12.61 -10.19
N VAL D 2 20.84 12.54 -8.91
CA VAL D 2 22.18 12.32 -8.39
C VAL D 2 22.22 10.90 -7.86
N THR D 3 22.93 10.02 -8.57
CA THR D 3 23.01 8.62 -8.20
C THR D 3 24.22 8.38 -7.33
N TYR D 4 24.00 7.76 -6.17
CA TYR D 4 25.08 7.39 -5.25
C TYR D 4 24.93 5.96 -4.78
N THR D 5 24.18 5.13 -5.52
CA THR D 5 23.90 3.76 -5.11
C THR D 5 25.16 2.91 -5.11
N ASN D 6 26.09 3.18 -6.01
CA ASN D 6 27.35 2.45 -6.07
C ASN D 6 28.26 2.76 -4.88
N ARG D 7 28.01 3.85 -4.16
CA ARG D 7 28.86 4.23 -3.05
C ARG D 7 28.38 3.70 -1.71
N VAL D 8 27.12 3.27 -1.61
CA VAL D 8 26.54 2.84 -0.35
C VAL D 8 26.15 1.37 -0.44
N ALA D 9 26.91 0.60 -1.22
CA ALA D 9 26.62 -0.83 -1.37
C ALA D 9 26.92 -1.59 -0.09
N ASP D 10 28.00 -1.23 0.60
CA ASP D 10 28.33 -1.79 1.90
C ASP D 10 28.12 -0.72 2.97
N ALA D 11 28.32 -1.12 4.23
CA ALA D 11 28.11 -0.22 5.37
C ALA D 11 29.29 -0.35 6.33
N ARG D 12 30.36 0.43 6.12
CA ARG D 12 31.50 0.20 7.00
C ARG D 12 31.67 1.21 8.15
N LEU D 13 32.08 2.46 7.92
CA LEU D 13 32.03 3.48 8.96
C LEU D 13 31.41 4.78 8.47
N GLY D 14 32.05 5.37 7.47
CA GLY D 14 31.63 6.61 6.89
C GLY D 14 30.82 6.35 5.65
N THR D 15 29.80 5.51 5.80
CA THR D 15 28.95 5.16 4.67
C THR D 15 28.13 6.35 4.22
N PHE D 16 27.52 7.06 5.18
CA PHE D 16 26.80 8.29 4.89
C PHE D 16 27.61 9.54 5.21
N SER D 17 28.75 9.40 5.87
CA SER D 17 29.55 10.57 6.22
C SER D 17 30.31 11.13 5.04
N GLN D 18 30.64 10.29 4.07
CA GLN D 18 31.27 10.79 2.85
C GLN D 18 30.27 11.43 1.90
N LEU D 19 28.98 11.25 2.13
CA LEU D 19 27.96 11.86 1.30
C LEU D 19 27.56 13.24 1.75
N LEU D 20 27.93 13.66 2.96
CA LEU D 20 27.60 15.01 3.41
C LEU D 20 28.66 16.02 3.05
N LEU D 21 29.64 15.65 2.21
CA LEU D 21 30.60 16.58 1.66
C LEU D 21 30.34 16.86 0.19
N GLN D 22 29.18 16.50 -0.32
CA GLN D 22 28.83 16.69 -1.71
C GLN D 22 27.86 17.85 -1.84
N TRP D 23 28.08 18.68 -2.87
CA TRP D 23 27.29 19.90 -3.08
C TRP D 23 26.14 19.72 -4.04
N LYS D 24 26.29 18.93 -5.09
CA LYS D 24 25.26 18.83 -6.12
C LYS D 24 24.13 17.93 -5.65
N GLY D 25 22.92 18.46 -5.68
CA GLY D 25 21.76 17.73 -5.22
C GLY D 25 21.71 17.56 -3.72
N SER D 26 22.19 18.54 -2.97
CA SER D 26 22.36 18.43 -1.54
C SER D 26 21.33 19.28 -0.81
N ILE D 27 21.26 19.08 0.51
CA ILE D 27 20.47 19.93 1.37
C ILE D 27 21.10 21.33 1.48
N TYR D 28 22.41 21.43 1.28
CA TYR D 28 23.08 22.72 1.40
C TYR D 28 22.78 23.64 0.22
N LYS D 29 22.44 23.09 -0.94
CA LYS D 29 22.07 23.93 -2.07
C LYS D 29 20.61 24.37 -1.97
N LEU D 30 19.74 23.52 -1.44
CA LEU D 30 18.32 23.86 -1.36
C LEU D 30 18.06 24.93 -0.30
N LEU D 31 18.62 24.75 0.89
CA LEU D 31 18.34 25.64 2.01
C LEU D 31 19.20 26.90 2.04
N TYR D 32 20.09 27.10 1.08
CA TYR D 32 21.11 28.15 1.19
C TYR D 32 20.50 29.57 1.21
N SER D 33 19.37 29.77 0.54
CA SER D 33 18.77 31.10 0.55
C SER D 33 17.86 31.29 1.75
N GLU D 34 17.11 30.26 2.15
CA GLU D 34 16.22 30.41 3.29
C GLU D 34 16.98 30.42 4.61
N PHE D 35 18.15 29.80 4.65
CA PHE D 35 18.94 29.78 5.87
C PHE D 35 19.52 31.15 6.15
N LEU D 36 20.11 31.79 5.14
CA LEU D 36 20.73 33.10 5.33
C LEU D 36 19.72 34.19 5.62
N ILE D 37 18.48 34.04 5.18
CA ILE D 37 17.44 34.96 5.60
C ILE D 37 17.11 34.74 7.08
N PHE D 38 17.04 33.48 7.50
CA PHE D 38 16.69 33.16 8.89
C PHE D 38 17.83 33.52 9.85
N ILE D 39 19.08 33.39 9.41
CA ILE D 39 20.21 33.81 10.25
C ILE D 39 20.22 35.33 10.39
N SER D 40 20.02 36.05 9.28
CA SER D 40 20.11 37.50 9.31
C SER D 40 18.92 38.13 10.01
N LEU D 41 17.74 37.53 9.90
CA LEU D 41 16.59 38.02 10.66
C LEU D 41 16.75 37.73 12.14
N TYR D 42 17.46 36.66 12.50
CA TYR D 42 17.69 36.38 13.91
C TYR D 42 18.67 37.37 14.51
N PHE D 43 19.82 37.54 13.87
CA PHE D 43 20.88 38.40 14.40
C PHE D 43 20.51 39.87 14.34
N ALA D 44 19.56 40.26 13.50
CA ALA D 44 19.07 41.63 13.54
C ALA D 44 18.29 41.88 14.82
N ILE D 45 17.38 40.96 15.17
CA ILE D 45 16.59 41.10 16.39
C ILE D 45 17.48 40.96 17.62
N SER D 46 18.55 40.17 17.53
CA SER D 46 19.46 40.02 18.66
C SER D 46 20.28 41.29 18.89
N LEU D 47 20.75 41.92 17.81
CA LEU D 47 21.54 43.14 17.98
C LEU D 47 20.69 44.35 18.31
N VAL D 48 19.42 44.35 17.92
CA VAL D 48 18.53 45.44 18.31
C VAL D 48 18.19 45.33 19.79
N TYR D 49 17.99 44.11 20.29
CA TYR D 49 17.73 43.88 21.71
C TYR D 49 18.92 44.22 22.58
N ARG D 50 20.13 44.01 22.10
CA ARG D 50 21.33 44.21 22.91
C ARG D 50 21.92 45.60 22.81
N LEU D 51 21.49 46.41 21.85
CA LEU D 51 22.15 47.69 21.63
C LEU D 51 21.20 48.88 21.55
N ILE D 52 19.97 48.65 21.11
CA ILE D 52 19.07 49.73 20.72
C ILE D 52 17.96 49.94 21.75
N LEU D 53 17.35 48.87 22.25
CA LEU D 53 16.27 49.01 23.22
C LEU D 53 16.79 49.56 24.54
N SER D 54 15.97 50.40 25.19
CA SER D 54 16.29 50.95 26.49
C SER D 54 15.92 49.95 27.58
N GLU D 55 16.27 50.28 28.83
CA GLU D 55 16.08 49.37 29.95
C GLU D 55 14.61 49.15 30.27
N SER D 56 13.78 50.17 30.09
CA SER D 56 12.34 49.99 30.26
C SER D 56 11.70 49.31 29.06
N GLN D 57 12.40 49.23 27.93
CA GLN D 57 11.86 48.58 26.75
C GLN D 57 12.43 47.18 26.53
N ARG D 58 13.57 46.85 27.13
CA ARG D 58 14.05 45.48 27.07
C ARG D 58 13.15 44.54 27.86
N LEU D 59 12.57 45.04 28.96
CA LEU D 59 11.72 44.20 29.80
C LEU D 59 10.39 43.90 29.10
N MET D 60 9.98 44.74 28.15
CA MET D 60 8.80 44.42 27.36
C MET D 60 9.11 43.32 26.35
N PHE D 61 10.34 43.29 25.85
CA PHE D 61 10.76 42.24 24.93
C PHE D 61 10.97 40.91 25.64
N GLU D 62 11.34 40.95 26.92
CA GLU D 62 11.54 39.73 27.69
C GLU D 62 10.23 39.02 27.95
N LYS D 63 9.14 39.78 28.10
CA LYS D 63 7.83 39.18 28.32
C LYS D 63 7.27 38.56 27.06
N LEU D 64 7.53 39.17 25.89
CA LEU D 64 7.11 38.57 24.63
C LEU D 64 7.95 37.36 24.27
N ALA D 65 9.23 37.36 24.63
CA ALA D 65 10.08 36.23 24.30
C ALA D 65 9.72 35.00 25.11
N LEU D 66 9.20 35.20 26.32
CA LEU D 66 8.74 34.07 27.11
C LEU D 66 7.35 33.61 26.70
N TYR D 67 6.51 34.52 26.22
CA TYR D 67 5.21 34.13 25.71
C TYR D 67 5.34 33.35 24.42
N CYS D 68 6.19 33.82 23.50
CA CYS D 68 6.35 33.16 22.21
C CYS D 68 7.17 31.89 22.31
N ASN D 69 7.86 31.66 23.42
CA ASN D 69 8.60 30.41 23.59
C ASN D 69 7.68 29.31 24.11
N SER D 70 6.75 29.66 24.98
CA SER D 70 5.90 28.67 25.61
C SER D 70 4.78 28.20 24.68
N TYR D 71 4.22 29.11 23.89
CA TYR D 71 3.02 28.81 23.12
C TYR D 71 3.28 28.61 21.63
N ALA D 72 4.54 28.62 21.20
CA ALA D 72 4.83 28.21 19.83
C ALA D 72 4.74 26.71 19.64
N GLU D 73 4.69 25.95 20.74
CA GLU D 73 4.48 24.52 20.66
C GLU D 73 3.06 24.13 20.32
N LEU D 74 2.13 25.10 20.30
CA LEU D 74 0.77 24.83 19.85
C LEU D 74 0.65 24.69 18.36
N ILE D 75 1.68 25.07 17.59
CA ILE D 75 1.67 24.92 16.15
C ILE D 75 2.07 23.48 15.83
N PRO D 76 1.16 22.65 15.31
CA PRO D 76 1.49 21.23 15.12
C PRO D 76 2.36 21.00 13.88
N VAL D 77 3.65 21.33 14.01
CA VAL D 77 4.53 21.35 12.85
C VAL D 77 4.82 19.93 12.36
N SER D 78 5.11 19.01 13.30
CA SER D 78 5.41 17.64 12.90
C SER D 78 4.16 16.90 12.39
N PHE D 79 2.98 17.27 12.89
CA PHE D 79 1.76 16.65 12.40
C PHE D 79 1.41 17.15 11.01
N VAL D 80 1.57 18.44 10.77
CA VAL D 80 1.20 19.01 9.47
C VAL D 80 2.24 18.67 8.42
N LEU D 81 3.52 18.80 8.75
CA LEU D 81 4.58 18.50 7.79
C LEU D 81 4.75 17.00 7.58
N GLY D 82 4.51 16.19 8.60
CA GLY D 82 4.66 14.76 8.45
C GLY D 82 3.61 14.14 7.56
N PHE D 83 2.42 14.73 7.51
CA PHE D 83 1.40 14.24 6.59
C PHE D 83 1.69 14.66 5.16
N TYR D 84 2.30 15.82 4.99
CA TYR D 84 2.50 16.37 3.66
C TYR D 84 3.64 15.68 2.93
N VAL D 85 4.68 15.33 3.66
CA VAL D 85 5.83 14.66 3.07
C VAL D 85 5.47 13.22 2.70
N SER D 86 4.47 12.65 3.36
CA SER D 86 3.97 11.33 2.96
C SER D 86 3.23 11.38 1.63
N LEU D 87 2.54 12.49 1.34
CA LEU D 87 1.86 12.63 0.06
C LEU D 87 2.84 12.83 -1.08
N VAL D 88 3.88 13.63 -0.87
CA VAL D 88 4.80 13.96 -1.94
C VAL D 88 5.65 12.75 -2.31
N VAL D 89 6.04 11.96 -1.31
CA VAL D 89 6.88 10.79 -1.54
C VAL D 89 6.07 9.64 -2.14
N SER D 90 4.80 9.50 -1.75
CA SER D 90 3.95 8.45 -2.32
C SER D 90 3.69 8.69 -3.80
N ARG D 91 3.56 9.94 -4.20
CA ARG D 91 3.38 10.28 -5.61
C ARG D 91 4.69 10.32 -6.36
N TRP D 92 5.83 10.37 -5.66
CA TRP D 92 7.11 10.54 -6.31
C TRP D 92 7.52 9.30 -7.08
N TRP D 93 7.52 8.14 -6.44
CA TRP D 93 7.91 6.92 -7.11
C TRP D 93 6.82 6.43 -8.06
N ALA D 94 5.57 6.80 -7.81
CA ALA D 94 4.50 6.41 -8.71
C ALA D 94 4.54 7.14 -10.05
N GLN D 95 5.21 8.29 -10.12
CA GLN D 95 5.38 8.97 -11.38
C GLN D 95 6.62 8.52 -12.14
N TYR D 96 7.59 7.92 -11.47
CA TYR D 96 8.69 7.30 -12.21
C TYR D 96 8.21 6.06 -12.94
N GLU D 97 7.35 5.28 -12.30
CA GLU D 97 6.82 4.07 -12.90
C GLU D 97 5.83 4.34 -14.03
N SER D 98 5.33 5.56 -14.13
CA SER D 98 4.42 5.93 -15.21
C SER D 98 5.15 6.40 -16.44
N ILE D 99 6.47 6.56 -16.39
CA ILE D 99 7.25 6.97 -17.55
C ILE D 99 7.30 5.80 -18.52
N PRO D 100 6.83 5.96 -19.75
CA PRO D 100 6.77 4.83 -20.67
C PRO D 100 8.12 4.48 -21.26
N TRP D 101 8.36 3.18 -21.38
CA TRP D 101 9.53 2.57 -21.98
C TRP D 101 9.13 1.80 -23.22
N PRO D 102 9.90 1.90 -24.31
CA PRO D 102 9.49 1.26 -25.57
C PRO D 102 9.80 -0.21 -25.64
N ASP D 103 10.47 -0.77 -24.63
CA ASP D 103 11.19 -2.02 -24.79
C ASP D 103 10.30 -3.25 -24.87
N ARG D 104 9.04 -3.15 -24.43
CA ARG D 104 8.12 -4.27 -24.63
C ARG D 104 7.51 -4.24 -26.03
N ILE D 105 7.22 -3.06 -26.56
CA ILE D 105 6.81 -2.96 -27.96
C ILE D 105 7.97 -3.28 -28.87
N MET D 106 9.17 -2.87 -28.46
CA MET D 106 10.38 -3.03 -29.25
C MET D 106 10.74 -4.49 -29.47
N ASN D 107 10.42 -5.35 -28.50
CA ASN D 107 10.68 -6.77 -28.66
C ASN D 107 9.74 -7.41 -29.66
N LEU D 108 8.51 -6.92 -29.77
CA LEU D 108 7.51 -7.55 -30.62
C LEU D 108 7.49 -7.00 -32.03
N VAL D 109 7.85 -5.74 -32.23
CA VAL D 109 7.95 -5.19 -33.57
C VAL D 109 9.20 -5.70 -34.27
N SER D 110 10.26 -5.95 -33.50
CA SER D 110 11.52 -6.40 -34.08
C SER D 110 11.46 -7.82 -34.62
N CYS D 111 10.49 -8.62 -34.22
CA CYS D 111 10.42 -10.00 -34.63
C CYS D 111 9.18 -10.36 -35.44
N ASN D 112 8.04 -9.72 -35.18
CA ASN D 112 6.79 -10.13 -35.80
C ASN D 112 6.44 -9.37 -37.08
N VAL D 113 7.08 -8.25 -37.35
CA VAL D 113 6.81 -7.47 -38.56
C VAL D 113 7.88 -7.85 -39.57
N ASP D 114 7.51 -8.69 -40.52
CA ASP D 114 8.48 -9.35 -41.38
C ASP D 114 8.98 -8.43 -42.48
N GLY D 115 10.04 -8.86 -43.14
CA GLY D 115 10.57 -8.12 -44.26
C GLY D 115 11.97 -7.59 -44.05
N GLU D 116 12.90 -7.97 -44.93
CA GLU D 116 14.23 -7.40 -44.95
C GLU D 116 14.41 -6.37 -46.05
N ASP D 117 13.42 -6.20 -46.91
CA ASP D 117 13.47 -5.20 -47.97
C ASP D 117 13.27 -3.80 -47.40
N GLU D 118 13.29 -2.80 -48.29
CA GLU D 118 13.24 -1.42 -47.85
C GLU D 118 11.87 -0.99 -47.39
N TYR D 119 10.82 -1.76 -47.66
CA TYR D 119 9.48 -1.41 -47.21
C TYR D 119 9.19 -1.95 -45.81
N GLY D 120 9.56 -3.19 -45.53
CA GLY D 120 9.42 -3.70 -44.18
C GLY D 120 10.39 -3.07 -43.22
N ARG D 121 11.53 -2.61 -43.73
CA ARG D 121 12.46 -1.84 -42.91
C ARG D 121 11.88 -0.47 -42.57
N LEU D 122 11.16 0.12 -43.51
CA LEU D 122 10.49 1.39 -43.28
C LEU D 122 9.29 1.24 -42.36
N LEU D 123 8.65 0.08 -42.40
CA LEU D 123 7.43 -0.17 -41.66
C LEU D 123 7.70 -0.40 -40.18
N ARG D 124 8.82 -1.03 -39.84
CA ARG D 124 9.18 -1.22 -38.44
C ARG D 124 9.70 0.04 -37.80
N ARG D 125 10.41 0.88 -38.57
CA ARG D 125 10.92 2.13 -38.00
C ARG D 125 9.80 3.12 -37.77
N THR D 126 8.74 3.09 -38.58
CA THR D 126 7.64 4.02 -38.40
C THR D 126 6.77 3.64 -37.21
N LEU D 127 6.64 2.34 -36.93
CA LEU D 127 5.91 1.91 -35.74
C LEU D 127 6.62 2.36 -34.47
N MET D 128 7.92 2.12 -34.36
CA MET D 128 8.64 2.52 -33.17
C MET D 128 8.86 4.01 -33.08
N ARG D 129 8.70 4.76 -34.17
CA ARG D 129 8.74 6.20 -34.09
C ARG D 129 7.40 6.77 -33.63
N TYR D 130 6.31 6.07 -33.93
CA TYR D 130 5.01 6.47 -33.39
C TYR D 130 4.88 6.17 -31.91
N SER D 131 5.55 5.13 -31.42
CA SER D 131 5.51 4.84 -30.00
C SER D 131 6.34 5.83 -29.21
N ASN D 132 7.44 6.29 -29.78
CA ASN D 132 8.26 7.28 -29.11
C ASN D 132 7.63 8.65 -29.17
N LEU D 133 6.92 8.95 -30.25
CA LEU D 133 6.23 10.24 -30.37
C LEU D 133 5.04 10.33 -29.43
N CYS D 134 4.38 9.21 -29.15
CA CYS D 134 3.25 9.21 -28.23
C CYS D 134 3.70 9.42 -26.79
N SER D 135 5.00 9.27 -26.53
CA SER D 135 5.63 9.51 -25.24
C SER D 135 6.27 10.89 -25.13
N VAL D 136 6.79 11.43 -26.23
CA VAL D 136 7.37 12.77 -26.20
C VAL D 136 6.28 13.82 -26.03
N LEU D 137 5.12 13.59 -26.65
CA LEU D 137 4.03 14.56 -26.60
C LEU D 137 3.37 14.62 -25.23
N ILE D 138 3.49 13.59 -24.42
CA ILE D 138 3.01 13.69 -23.04
C ILE D 138 4.11 14.19 -22.10
N LEU D 139 5.38 13.94 -22.41
CA LEU D 139 6.43 14.46 -21.56
C LEU D 139 6.62 15.96 -21.74
N ARG D 140 6.37 16.49 -22.93
CA ARG D 140 6.45 17.94 -23.05
C ARG D 140 5.21 18.66 -22.55
N SER D 141 4.19 17.91 -22.11
CA SER D 141 3.08 18.49 -21.39
C SER D 141 3.29 18.45 -19.87
N VAL D 142 4.04 17.47 -19.38
CA VAL D 142 4.20 17.27 -17.94
C VAL D 142 5.56 17.68 -17.42
N SER D 143 6.54 17.91 -18.30
CA SER D 143 7.88 18.28 -17.89
C SER D 143 8.24 19.63 -18.46
N THR D 144 8.80 20.50 -17.63
CA THR D 144 9.33 21.76 -18.11
C THR D 144 10.73 21.62 -18.68
N ALA D 145 11.41 20.50 -18.42
CA ALA D 145 12.71 20.27 -19.04
C ALA D 145 12.58 19.79 -20.47
N VAL D 146 11.52 19.03 -20.77
CA VAL D 146 11.29 18.60 -22.14
C VAL D 146 10.67 19.73 -22.94
N TYR D 147 9.84 20.56 -22.31
CA TYR D 147 9.20 21.67 -23.02
C TYR D 147 10.20 22.75 -23.42
N LYS D 148 11.23 22.98 -22.61
CA LYS D 148 12.23 23.96 -23.00
C LYS D 148 13.15 23.42 -24.09
N ARG D 149 13.21 22.11 -24.27
CA ARG D 149 13.93 21.54 -25.40
C ARG D 149 13.08 21.58 -26.68
N PHE D 150 11.78 21.28 -26.56
CA PHE D 150 10.86 21.32 -27.69
C PHE D 150 9.76 22.35 -27.41
N PRO D 151 10.02 23.64 -27.66
CA PRO D 151 9.00 24.65 -27.33
C PRO D 151 7.82 24.62 -28.28
N SER D 152 8.07 24.36 -29.55
CA SER D 152 7.01 24.25 -30.54
C SER D 152 7.12 22.91 -31.24
N MET D 153 6.11 22.60 -32.05
CA MET D 153 6.09 21.34 -32.76
C MET D 153 7.07 21.32 -33.93
N GLU D 154 7.55 22.49 -34.35
CA GLU D 154 8.60 22.56 -35.36
C GLU D 154 9.92 22.04 -34.83
N HIS D 155 10.16 22.17 -33.51
CA HIS D 155 11.36 21.60 -32.91
C HIS D 155 11.32 20.08 -32.86
N VAL D 156 10.13 19.49 -32.82
CA VAL D 156 10.01 18.04 -32.82
C VAL D 156 10.33 17.49 -34.21
N VAL D 157 10.00 18.24 -35.26
CA VAL D 157 10.30 17.81 -36.62
C VAL D 157 11.80 17.91 -36.88
N ARG D 158 12.47 18.90 -36.29
CA ARG D 158 13.90 19.06 -36.51
C ARG D 158 14.73 18.01 -35.79
N ALA D 159 14.17 17.33 -34.79
CA ALA D 159 14.89 16.31 -34.05
C ALA D 159 14.72 14.92 -34.67
N GLY D 160 13.96 14.79 -35.74
CA GLY D 160 13.74 13.51 -36.37
C GLY D 160 12.66 12.66 -35.75
N LEU D 161 11.95 13.16 -34.76
CA LEU D 161 10.85 12.44 -34.13
C LEU D 161 9.58 12.47 -34.97
N MET D 162 9.50 13.34 -35.96
CA MET D 162 8.29 13.51 -36.76
C MET D 162 8.69 14.01 -38.13
N THR D 163 8.25 13.33 -39.17
CA THR D 163 8.53 13.78 -40.52
C THR D 163 7.63 14.95 -40.86
N PRO D 164 8.00 15.79 -41.84
CA PRO D 164 7.15 16.94 -42.18
C PRO D 164 5.78 16.57 -42.75
N GLU D 165 5.62 15.37 -43.31
CA GLU D 165 4.30 14.97 -43.77
C GLU D 165 3.38 14.60 -42.62
N GLU D 166 3.96 14.20 -41.50
CA GLU D 166 3.17 13.88 -40.31
C GLU D 166 2.77 15.13 -39.53
N HIS D 167 3.52 16.22 -39.68
CA HIS D 167 3.14 17.47 -39.02
C HIS D 167 1.94 18.11 -39.70
N LYS D 168 1.79 17.93 -41.00
CA LYS D 168 0.60 18.44 -41.69
C LYS D 168 -0.63 17.64 -41.27
N LYS D 169 -0.49 16.34 -41.10
CA LYS D 169 -1.60 15.50 -40.64
C LYS D 169 -1.90 15.75 -39.16
N PHE D 170 -0.89 16.14 -38.39
CA PHE D 170 -1.09 16.42 -36.97
C PHE D 170 -1.79 17.75 -36.74
N GLU D 171 -1.69 18.69 -37.68
CA GLU D 171 -2.37 19.97 -37.56
C GLU D 171 -3.75 19.98 -38.18
N SER D 172 -3.98 19.14 -39.19
CA SER D 172 -5.30 19.07 -39.82
C SER D 172 -6.31 18.38 -38.92
N LEU D 173 -5.86 17.56 -37.98
CA LEU D 173 -6.74 16.93 -37.00
C LEU D 173 -7.12 17.99 -35.97
N ASN D 174 -8.37 18.48 -36.06
CA ASN D 174 -8.81 19.61 -35.27
C ASN D 174 -9.37 19.11 -33.94
N SER D 175 -8.68 19.41 -32.84
CA SER D 175 -9.11 19.02 -31.52
C SER D 175 -8.68 20.11 -30.56
N PRO D 176 -9.57 20.60 -29.70
CA PRO D 176 -9.19 21.64 -28.75
C PRO D 176 -8.45 21.14 -27.52
N HIS D 177 -8.26 19.83 -27.40
CA HIS D 177 -7.65 19.25 -26.22
C HIS D 177 -6.20 18.86 -26.50
N ASN D 178 -5.57 18.19 -25.55
CA ASN D 178 -4.20 17.73 -25.75
C ASN D 178 -4.20 16.55 -26.71
N LYS D 179 -3.25 16.58 -27.66
CA LYS D 179 -3.22 15.64 -28.76
C LYS D 179 -2.14 14.57 -28.60
N PHE D 180 -1.85 14.16 -27.37
CA PHE D 180 -0.83 13.14 -27.16
C PHE D 180 -1.32 11.75 -27.57
N TRP D 181 -2.62 11.57 -27.76
CA TRP D 181 -3.23 10.31 -28.15
C TRP D 181 -3.20 10.09 -29.66
N ILE D 182 -2.77 11.07 -30.44
CA ILE D 182 -2.75 10.92 -31.90
C ILE D 182 -1.80 9.83 -32.39
N PRO D 183 -0.51 9.78 -31.97
CA PRO D 183 0.36 8.74 -32.54
C PRO D 183 0.04 7.34 -32.05
N CYS D 184 -0.62 7.21 -30.90
CA CYS D 184 -1.06 5.89 -30.46
C CYS D 184 -2.24 5.37 -31.25
N VAL D 185 -2.96 6.22 -31.99
CA VAL D 185 -3.97 5.74 -32.93
C VAL D 185 -3.35 5.46 -34.30
N TRP D 186 -2.34 6.24 -34.70
CA TRP D 186 -1.58 5.96 -35.91
C TRP D 186 -0.82 4.65 -35.83
N PHE D 187 -0.41 4.25 -34.62
CA PHE D 187 0.28 2.98 -34.44
C PHE D 187 -0.64 1.81 -34.76
N SER D 188 -1.84 1.82 -34.18
CA SER D 188 -2.73 0.69 -34.32
C SER D 188 -3.32 0.60 -35.71
N ASN D 189 -3.43 1.71 -36.42
CA ASN D 189 -3.89 1.67 -37.80
C ASN D 189 -2.80 1.26 -38.76
N LEU D 190 -1.53 1.47 -38.40
CA LEU D 190 -0.43 1.02 -39.23
C LEU D 190 -0.11 -0.45 -38.97
N ALA D 191 -0.32 -0.93 -37.75
CA ALA D 191 -0.11 -2.34 -37.46
C ALA D 191 -1.17 -3.21 -38.12
N VAL D 192 -2.39 -2.70 -38.29
CA VAL D 192 -3.41 -3.45 -39.01
C VAL D 192 -3.17 -3.37 -40.51
N LYS D 193 -2.71 -2.22 -41.00
CA LYS D 193 -2.29 -2.10 -42.40
C LYS D 193 -1.10 -3.01 -42.71
N ALA D 194 -0.23 -3.21 -41.73
CA ALA D 194 0.88 -4.14 -41.90
C ALA D 194 0.40 -5.58 -41.97
N ARG D 195 -0.65 -5.93 -41.23
CA ARG D 195 -1.15 -7.29 -41.28
C ARG D 195 -1.89 -7.56 -42.59
N ASN D 196 -2.67 -6.59 -43.06
CA ASN D 196 -3.44 -6.76 -44.29
C ASN D 196 -2.56 -6.79 -45.54
N GLU D 197 -1.29 -6.43 -45.42
CA GLU D 197 -0.33 -6.58 -46.50
C GLU D 197 0.54 -7.82 -46.33
N GLY D 198 0.32 -8.60 -45.28
CA GLY D 198 1.05 -9.84 -45.08
C GLY D 198 2.32 -9.73 -44.27
N ARG D 199 2.60 -8.57 -43.68
CA ARG D 199 3.85 -8.41 -42.95
C ARG D 199 3.77 -9.01 -41.56
N ILE D 200 2.65 -8.83 -40.88
CA ILE D 200 2.38 -9.54 -39.63
C ILE D 200 1.59 -10.79 -39.97
N ARG D 201 2.02 -11.93 -39.43
CA ARG D 201 1.55 -13.23 -39.91
C ARG D 201 0.13 -13.54 -39.49
N ASP D 202 -0.13 -13.58 -38.19
CA ASP D 202 -1.44 -13.97 -37.67
C ASP D 202 -2.07 -12.83 -36.89
N SER D 203 -3.31 -13.04 -36.48
CA SER D 203 -4.02 -12.08 -35.66
C SER D 203 -3.69 -12.22 -34.19
N VAL D 204 -3.15 -13.36 -33.77
CA VAL D 204 -2.67 -13.49 -32.40
C VAL D 204 -1.42 -12.66 -32.20
N LEU D 205 -0.60 -12.56 -33.25
CA LEU D 205 0.60 -11.73 -33.21
C LEU D 205 0.27 -10.25 -33.37
N LEU D 206 -0.81 -9.93 -34.07
CA LEU D 206 -1.27 -8.56 -34.14
C LEU D 206 -1.82 -8.08 -32.81
N GLN D 207 -2.62 -8.92 -32.15
CA GLN D 207 -3.21 -8.52 -30.88
C GLN D 207 -2.18 -8.42 -29.77
N GLY D 208 -1.09 -9.17 -29.88
CA GLY D 208 0.01 -9.02 -28.94
C GLY D 208 0.74 -7.70 -29.07
N ILE D 209 0.84 -7.18 -30.30
CA ILE D 209 1.41 -5.86 -30.51
C ILE D 209 0.45 -4.78 -30.03
N LEU D 210 -0.85 -4.96 -30.28
CA LEU D 210 -1.84 -3.98 -29.85
C LEU D 210 -2.06 -3.98 -28.34
N ASN D 211 -1.76 -5.07 -27.65
CA ASN D 211 -1.86 -5.06 -26.20
C ASN D 211 -0.73 -4.27 -25.57
N GLU D 212 0.45 -4.29 -26.16
CA GLU D 212 1.55 -3.49 -25.63
C GLU D 212 1.43 -2.03 -26.00
N LEU D 213 0.67 -1.71 -27.05
CA LEU D 213 0.36 -0.32 -27.32
C LEU D 213 -0.57 0.26 -26.26
N ASN D 214 -1.59 -0.49 -25.86
CA ASN D 214 -2.52 0.01 -24.87
C ASN D 214 -1.91 0.04 -23.47
N THR D 215 -0.88 -0.77 -23.22
CA THR D 215 -0.14 -0.66 -21.97
C THR D 215 0.65 0.63 -21.93
N LEU D 216 1.25 1.01 -23.07
CA LEU D 216 1.97 2.28 -23.14
C LEU D 216 1.01 3.46 -23.17
N ARG D 217 -0.20 3.26 -23.68
CA ARG D 217 -1.22 4.30 -23.60
C ARG D 217 -1.69 4.50 -22.16
N SER D 218 -1.72 3.44 -21.36
CA SER D 218 -2.08 3.59 -19.96
C SER D 218 -0.96 4.25 -19.16
N GLN D 219 0.29 4.09 -19.59
CA GLN D 219 1.40 4.79 -18.95
C GLN D 219 1.33 6.28 -19.19
N CYS D 220 0.98 6.69 -20.41
CA CYS D 220 0.85 8.10 -20.72
C CYS D 220 -0.37 8.71 -20.05
N GLY D 221 -1.40 7.92 -19.80
CA GLY D 221 -2.56 8.42 -19.10
C GLY D 221 -2.33 8.65 -17.63
N ARG D 222 -1.38 7.92 -17.03
CA ARG D 222 -1.04 8.16 -15.64
C ARG D 222 -0.21 9.42 -15.48
N LEU D 223 0.71 9.67 -16.41
CA LEU D 223 1.47 10.92 -16.38
C LEU D 223 0.57 12.13 -16.62
N TYR D 224 -0.50 11.96 -17.39
CA TYR D 224 -1.47 13.03 -17.55
C TYR D 224 -2.27 13.23 -16.28
N GLY D 225 -2.45 12.18 -15.47
CA GLY D 225 -3.23 12.30 -14.26
C GLY D 225 -2.49 13.02 -13.15
N TYR D 226 -1.22 12.70 -12.96
CA TYR D 226 -0.44 13.33 -11.90
C TYR D 226 -0.10 14.77 -12.20
N ASP D 227 -0.04 15.17 -13.47
CA ASP D 227 0.18 16.56 -13.82
C ASP D 227 -1.08 17.39 -13.66
N TRP D 228 -2.24 16.81 -13.96
CA TRP D 228 -3.49 17.54 -13.93
C TRP D 228 -4.13 17.53 -12.55
N ILE D 229 -4.09 16.40 -11.84
CA ILE D 229 -4.66 16.31 -10.51
C ILE D 229 -3.49 16.46 -9.56
N SER D 230 -3.23 17.70 -9.15
CA SER D 230 -2.13 18.01 -8.27
C SER D 230 -2.43 17.57 -6.84
N ILE D 231 -1.43 17.65 -5.99
CA ILE D 231 -1.68 17.73 -4.55
C ILE D 231 -2.55 18.94 -4.30
N PRO D 232 -3.62 18.83 -3.48
CA PRO D 232 -4.55 19.95 -3.31
C PRO D 232 -3.87 21.19 -2.75
N LEU D 233 -4.20 22.34 -3.36
CA LEU D 233 -3.58 23.63 -3.02
C LEU D 233 -3.82 24.00 -1.57
N VAL D 234 -4.94 23.55 -1.02
CA VAL D 234 -5.23 23.74 0.39
C VAL D 234 -4.25 23.01 1.31
N TYR D 235 -3.64 21.91 0.85
CA TYR D 235 -2.57 21.28 1.61
C TYR D 235 -1.25 22.03 1.50
N THR D 236 -0.95 22.54 0.31
CA THR D 236 0.31 23.26 0.11
C THR D 236 0.32 24.57 0.89
N GLN D 237 -0.84 25.22 1.00
CA GLN D 237 -0.92 26.48 1.72
C GLN D 237 -0.87 26.30 3.23
N VAL D 238 -1.34 25.16 3.75
CA VAL D 238 -1.32 24.93 5.19
C VAL D 238 0.10 24.64 5.66
N VAL D 239 0.85 23.85 4.89
CA VAL D 239 2.19 23.46 5.35
C VAL D 239 3.21 24.58 5.21
N THR D 240 2.98 25.54 4.32
CA THR D 240 3.89 26.66 4.23
C THR D 240 3.56 27.75 5.23
N VAL D 241 2.41 27.69 5.88
CA VAL D 241 2.15 28.53 7.04
C VAL D 241 2.65 27.87 8.31
N ALA D 242 2.54 26.54 8.39
CA ALA D 242 2.94 25.82 9.59
C ALA D 242 4.46 25.87 9.81
N VAL D 243 5.23 25.84 8.74
CA VAL D 243 6.68 25.96 8.89
C VAL D 243 7.08 27.41 9.08
N TYR D 244 6.50 28.33 8.31
CA TYR D 244 6.94 29.72 8.36
C TYR D 244 6.45 30.45 9.61
N SER D 245 5.27 30.12 10.13
CA SER D 245 4.85 30.77 11.37
C SER D 245 5.55 30.21 12.58
N PHE D 246 6.06 28.98 12.50
CA PHE D 246 6.78 28.42 13.63
C PHE D 246 8.13 29.09 13.81
N PHE D 247 8.85 29.32 12.72
CA PHE D 247 10.14 29.96 12.83
C PHE D 247 10.04 31.48 12.79
N LEU D 248 8.87 32.02 12.50
CA LEU D 248 8.63 33.43 12.79
C LEU D 248 8.49 33.65 14.28
N ALA D 249 7.93 32.68 15.00
CA ALA D 249 7.87 32.76 16.45
C ALA D 249 9.22 32.46 17.09
N CYS D 250 10.08 31.71 16.41
CA CYS D 250 11.40 31.41 16.94
C CYS D 250 12.39 32.56 16.76
N LEU D 251 12.03 33.61 16.02
CA LEU D 251 12.88 34.78 15.97
C LEU D 251 12.76 35.60 17.24
N ILE D 252 11.64 35.50 17.93
CA ILE D 252 11.43 36.17 19.20
C ILE D 252 11.68 35.24 20.38
N GLY D 253 11.14 34.02 20.31
CA GLY D 253 11.18 33.13 21.46
C GLY D 253 12.51 32.49 21.74
N ARG D 254 13.34 32.32 20.72
CA ARG D 254 14.65 31.69 20.91
C ARG D 254 15.76 32.69 21.09
N GLN D 255 15.45 33.94 21.39
CA GLN D 255 16.48 34.91 21.73
C GLN D 255 17.12 34.53 23.05
N PHE D 256 18.39 34.84 23.20
CA PHE D 256 19.06 34.70 24.48
C PHE D 256 18.71 35.90 25.35
N LEU D 257 17.98 35.66 26.43
CA LEU D 257 17.56 36.75 27.28
C LEU D 257 18.68 37.10 28.25
N ASP D 258 18.43 38.08 29.11
CA ASP D 258 19.46 38.60 30.00
C ASP D 258 19.67 37.63 31.16
N PRO D 259 20.90 37.13 31.38
CA PRO D 259 21.12 36.23 32.52
C PRO D 259 21.05 36.91 33.86
N GLU D 260 21.22 38.23 33.93
CA GLU D 260 21.15 38.95 35.19
C GLU D 260 19.73 39.04 35.72
N LYS D 261 18.72 38.88 34.86
CA LYS D 261 17.34 38.86 35.31
C LYS D 261 16.92 37.50 35.86
N ALA D 262 17.71 36.45 35.56
CA ALA D 262 17.56 35.11 36.11
C ALA D 262 16.20 34.49 35.79
N TYR D 263 15.92 34.37 34.50
CA TYR D 263 14.72 33.67 34.08
C TYR D 263 14.93 32.16 34.11
N PRO D 264 13.87 31.39 34.34
CA PRO D 264 13.99 29.92 34.27
C PRO D 264 14.25 29.43 32.85
N GLY D 265 15.42 28.87 32.62
CA GLY D 265 15.77 28.38 31.30
C GLY D 265 16.84 29.21 30.63
N HIS D 266 16.75 30.53 30.78
CA HIS D 266 17.70 31.44 30.15
C HIS D 266 18.80 31.83 31.14
N GLU D 267 19.57 30.83 31.56
CA GLU D 267 20.64 31.03 32.52
C GLU D 267 22.02 31.10 31.87
N LEU D 268 22.10 30.93 30.56
CA LEU D 268 23.37 30.93 29.87
C LEU D 268 23.22 31.69 28.56
N ASP D 269 24.21 32.54 28.26
CA ASP D 269 24.23 33.34 27.05
C ASP D 269 25.36 32.82 26.16
N LEU D 270 25.01 32.43 24.93
CA LEU D 270 25.98 31.86 24.01
C LEU D 270 26.05 32.57 22.68
N PHE D 271 25.11 33.50 22.39
CA PHE D 271 25.03 34.38 21.22
C PHE D 271 24.67 33.67 19.93
N VAL D 272 24.69 32.34 19.90
CA VAL D 272 24.34 31.55 18.71
C VAL D 272 23.49 30.36 19.13
N PRO D 273 22.22 30.33 18.77
CA PRO D 273 21.40 29.17 19.12
C PRO D 273 21.66 28.00 18.17
N VAL D 274 22.44 27.04 18.65
CA VAL D 274 22.84 25.93 17.80
C VAL D 274 21.69 24.96 17.61
N PHE D 275 20.85 24.80 18.63
CA PHE D 275 19.74 23.87 18.55
C PHE D 275 18.50 24.48 17.94
N THR D 276 18.46 25.80 17.75
CA THR D 276 17.41 26.42 16.95
C THR D 276 17.78 26.41 15.48
N PHE D 277 19.05 26.65 15.16
CA PHE D 277 19.49 26.60 13.77
C PHE D 277 19.50 25.17 13.26
N LEU D 278 19.71 24.19 14.13
CA LEU D 278 19.52 22.81 13.73
C LEU D 278 18.05 22.50 13.53
N GLN D 279 17.16 23.06 14.36
CA GLN D 279 15.74 22.76 14.21
C GLN D 279 15.17 23.40 12.95
N PHE D 280 15.75 24.51 12.50
CA PHE D 280 15.41 25.05 11.19
C PHE D 280 15.95 24.17 10.07
N PHE D 281 17.03 23.46 10.33
CA PHE D 281 17.66 22.63 9.30
C PHE D 281 16.81 21.41 8.97
N PHE D 282 15.99 20.94 9.91
CA PHE D 282 15.18 19.76 9.66
C PHE D 282 13.74 20.08 9.28
N TYR D 283 13.10 21.02 9.97
CA TYR D 283 11.72 21.35 9.65
C TYR D 283 11.61 22.10 8.32
N ALA D 284 12.46 23.09 8.10
CA ALA D 284 12.52 23.69 6.78
C ALA D 284 13.35 22.86 5.81
N GLY D 285 14.05 21.85 6.29
CA GLY D 285 14.72 20.94 5.39
C GLY D 285 13.74 20.04 4.65
N PHE D 286 12.81 19.42 5.39
CA PHE D 286 11.80 18.56 4.78
C PHE D 286 10.80 19.33 3.95
N LEU D 287 10.59 20.61 4.24
CA LEU D 287 9.73 21.40 3.37
C LEU D 287 10.38 21.63 2.02
N LYS D 288 11.69 21.88 1.99
CA LYS D 288 12.39 22.09 0.72
C LYS D 288 12.55 20.82 -0.09
N VAL D 289 12.56 19.65 0.54
CA VAL D 289 12.54 18.40 -0.22
C VAL D 289 11.18 18.23 -0.88
N ALA D 290 10.12 18.55 -0.15
CA ALA D 290 8.78 18.45 -0.70
C ALA D 290 8.55 19.46 -1.81
N GLU D 291 9.23 20.61 -1.77
CA GLU D 291 9.17 21.56 -2.87
C GLU D 291 9.88 21.03 -4.10
N GLN D 292 10.83 20.12 -3.92
CA GLN D 292 11.61 19.59 -5.03
C GLN D 292 10.91 18.41 -5.68
N LEU D 293 10.28 17.56 -4.88
CA LEU D 293 9.71 16.31 -5.36
C LEU D 293 8.23 16.42 -5.70
N ILE D 294 7.61 17.59 -5.53
CA ILE D 294 6.20 17.71 -5.85
C ILE D 294 6.00 17.72 -7.37
N ASN D 295 6.99 18.16 -8.12
CA ASN D 295 7.02 18.03 -9.57
C ASN D 295 8.40 17.50 -9.89
N PRO D 296 8.56 16.18 -10.02
CA PRO D 296 9.87 15.62 -10.33
C PRO D 296 10.26 15.65 -11.80
N PHE D 297 9.55 16.42 -12.62
CA PHE D 297 9.86 16.55 -14.03
C PHE D 297 10.37 17.94 -14.38
N GLY D 298 10.79 18.70 -13.39
CA GLY D 298 11.34 20.03 -13.61
C GLY D 298 12.82 19.99 -13.89
N GLU D 299 13.50 21.04 -13.48
CA GLU D 299 14.93 21.20 -13.76
C GLU D 299 15.76 21.30 -12.48
N ASP D 300 15.32 20.64 -11.41
CA ASP D 300 16.15 20.54 -10.23
C ASP D 300 17.29 19.55 -10.48
N ASP D 301 18.23 19.51 -9.53
CA ASP D 301 19.35 18.59 -9.67
C ASP D 301 18.92 17.15 -9.44
N ASP D 302 17.84 16.94 -8.69
CA ASP D 302 17.39 15.61 -8.35
C ASP D 302 16.01 15.32 -8.93
N ASP D 303 15.59 16.08 -9.94
CA ASP D 303 14.44 15.68 -10.71
C ASP D 303 14.82 14.62 -11.73
N PHE D 304 13.81 14.07 -12.41
CA PHE D 304 14.04 12.97 -13.33
C PHE D 304 14.70 13.45 -14.60
N GLU D 305 15.71 12.71 -15.05
CA GLU D 305 16.43 13.05 -16.27
C GLU D 305 15.63 12.57 -17.46
N THR D 306 14.68 13.41 -17.88
CA THR D 306 13.77 13.03 -18.95
C THR D 306 14.28 13.38 -20.34
N ASN D 307 15.13 14.41 -20.46
CA ASN D 307 15.77 14.67 -21.75
C ASN D 307 16.79 13.60 -22.09
N TRP D 308 17.45 13.05 -21.08
CA TRP D 308 18.34 11.92 -21.30
C TRP D 308 17.54 10.71 -21.77
N LEU D 309 16.40 10.46 -21.16
CA LEU D 309 15.67 9.22 -21.38
C LEU D 309 14.96 9.20 -22.72
N ILE D 310 14.61 10.37 -23.25
CA ILE D 310 14.11 10.45 -24.62
C ILE D 310 15.21 10.09 -25.61
N ASP D 311 16.43 10.55 -25.37
CA ASP D 311 17.55 10.24 -26.26
C ASP D 311 17.93 8.77 -26.20
N ARG D 312 17.77 8.14 -25.04
CA ARG D 312 18.00 6.70 -24.94
C ARG D 312 16.93 5.92 -25.69
N ASN D 313 15.66 6.28 -25.49
CA ASN D 313 14.58 5.47 -26.03
C ASN D 313 14.48 5.59 -27.54
N LEU D 314 14.93 6.69 -28.12
CA LEU D 314 14.88 6.80 -29.57
C LEU D 314 16.01 6.02 -30.22
N GLN D 315 17.19 6.01 -29.59
CA GLN D 315 18.33 5.30 -30.19
C GLN D 315 18.19 3.79 -30.02
N VAL D 316 17.67 3.35 -28.88
CA VAL D 316 17.56 1.92 -28.62
C VAL D 316 16.44 1.29 -29.45
N SER D 317 15.34 2.02 -29.66
CA SER D 317 14.21 1.50 -30.41
C SER D 317 14.55 1.32 -31.88
N LEU D 318 15.15 2.32 -32.50
CA LEU D 318 15.48 2.22 -33.91
C LEU D 318 16.71 1.37 -34.16
N MET D 319 17.39 0.91 -33.11
CA MET D 319 18.49 -0.03 -33.24
C MET D 319 18.00 -1.47 -33.25
N ALA D 320 16.98 -1.75 -32.46
CA ALA D 320 16.51 -3.12 -32.31
C ALA D 320 15.56 -3.56 -33.41
N VAL D 321 14.90 -2.63 -34.10
CA VAL D 321 13.99 -2.99 -35.18
C VAL D 321 14.60 -2.81 -36.55
N ASP D 322 15.78 -2.21 -36.65
CA ASP D 322 16.44 -2.00 -37.93
C ASP D 322 17.72 -2.82 -38.04
N GLU D 323 18.65 -2.67 -37.10
CA GLU D 323 19.91 -3.40 -37.17
C GLU D 323 19.85 -4.78 -36.53
N MET D 324 18.75 -5.12 -35.85
CA MET D 324 18.68 -6.36 -35.10
C MET D 324 17.45 -7.17 -35.46
N HIS D 325 16.97 -7.08 -36.70
CA HIS D 325 15.72 -7.74 -37.07
C HIS D 325 15.88 -9.24 -37.20
N GLN D 326 16.72 -9.71 -38.13
CA GLN D 326 17.06 -11.12 -38.19
C GLN D 326 18.55 -11.34 -38.01
N ASP D 327 19.25 -10.37 -37.45
CA ASP D 327 20.69 -10.48 -37.23
C ASP D 327 20.91 -11.18 -35.91
N LEU D 328 20.98 -12.49 -35.97
CA LEU D 328 21.25 -13.32 -34.82
C LEU D 328 22.68 -13.85 -34.89
N PRO D 329 23.32 -14.07 -33.75
CA PRO D 329 24.61 -14.77 -33.77
C PRO D 329 24.43 -16.24 -34.10
N ILE D 330 25.54 -16.89 -34.44
CA ILE D 330 25.50 -18.27 -34.90
C ILE D 330 25.24 -19.19 -33.72
N LEU D 331 24.31 -20.13 -33.90
CA LEU D 331 24.04 -21.13 -32.87
C LEU D 331 25.25 -22.02 -32.63
N GLU D 332 25.69 -22.08 -31.38
CA GLU D 332 26.91 -22.76 -31.01
C GLU D 332 26.64 -23.59 -29.75
N LYS D 333 27.30 -24.74 -29.66
CA LYS D 333 27.29 -25.51 -28.42
C LYS D 333 28.04 -24.74 -27.35
N ASP D 334 27.41 -24.57 -26.20
CA ASP D 334 27.99 -23.81 -25.10
C ASP D 334 28.98 -24.67 -24.32
N LEU D 335 29.41 -24.15 -23.17
CA LEU D 335 30.42 -24.81 -22.36
C LEU D 335 29.91 -26.11 -21.73
N TYR D 336 28.66 -26.12 -21.29
CA TYR D 336 28.02 -27.30 -20.72
C TYR D 336 27.20 -27.96 -21.82
N TRP D 337 27.74 -29.00 -22.44
CA TRP D 337 26.99 -29.69 -23.48
C TRP D 337 26.75 -31.16 -23.16
N ASN D 338 27.79 -31.93 -22.84
CA ASN D 338 27.60 -33.30 -22.42
C ASN D 338 28.41 -33.60 -21.17
N THR E 1 22.12 -13.40 2.68
CA THR E 1 21.23 -13.18 3.81
C THR E 1 21.48 -14.19 4.91
N VAL E 2 21.04 -13.86 6.11
CA VAL E 2 21.11 -14.74 7.25
C VAL E 2 19.69 -15.21 7.53
N THR E 3 19.41 -16.47 7.23
CA THR E 3 18.08 -17.04 7.39
C THR E 3 17.96 -17.68 8.76
N TYR E 4 16.93 -17.29 9.50
CA TYR E 4 16.62 -17.87 10.81
C TYR E 4 15.14 -18.22 10.93
N THR E 5 14.45 -18.37 9.79
CA THR E 5 13.01 -18.62 9.79
C THR E 5 12.67 -19.97 10.39
N ASN E 6 13.55 -20.96 10.21
CA ASN E 6 13.34 -22.29 10.78
C ASN E 6 13.48 -22.31 12.30
N ARG E 7 14.09 -21.28 12.89
CA ARG E 7 14.30 -21.24 14.32
C ARG E 7 13.19 -20.52 15.08
N VAL E 8 12.37 -19.73 14.39
CA VAL E 8 11.34 -18.94 15.04
C VAL E 8 9.96 -19.36 14.56
N ALA E 9 9.82 -20.66 14.25
CA ALA E 9 8.55 -21.18 13.78
C ALA E 9 7.50 -21.19 14.90
N ASP E 10 7.93 -21.53 16.11
CA ASP E 10 7.08 -21.47 17.30
C ASP E 10 7.55 -20.33 18.18
N ALA E 11 6.81 -20.10 19.26
CA ALA E 11 7.12 -19.01 20.19
C ALA E 11 7.03 -19.52 21.63
N ARG E 12 8.13 -20.07 22.16
CA ARG E 12 7.99 -20.65 23.49
C ARG E 12 8.51 -19.78 24.66
N LEU E 13 9.82 -19.60 24.86
CA LEU E 13 10.31 -18.61 25.81
C LEU E 13 11.41 -17.76 25.23
N GLY E 14 12.51 -18.41 24.86
CA GLY E 14 13.66 -17.77 24.30
C GLY E 14 13.61 -17.83 22.80
N THR E 15 12.50 -17.38 22.24
CA THR E 15 12.32 -17.41 20.80
C THR E 15 13.26 -16.43 20.13
N PHE E 16 13.34 -15.20 20.66
CA PHE E 16 14.27 -14.21 20.17
C PHE E 16 15.50 -14.09 21.05
N SER E 17 15.52 -14.73 22.21
CA SER E 17 16.67 -14.60 23.11
C SER E 17 17.84 -15.46 22.64
N GLN E 18 17.58 -16.54 21.92
CA GLN E 18 18.66 -17.33 21.35
C GLN E 18 19.24 -16.70 20.10
N LEU E 19 18.57 -15.69 19.54
CA LEU E 19 19.07 -15.01 18.35
C LEU E 19 19.99 -13.84 18.67
N LEU E 20 20.03 -13.39 19.92
CA LEU E 20 20.93 -12.30 20.28
C LEU E 20 22.29 -12.79 20.72
N LEU E 21 22.58 -14.08 20.54
CA LEU E 21 23.92 -14.62 20.75
C LEU E 21 24.63 -14.95 19.44
N GLN E 22 24.11 -14.46 18.32
CA GLN E 22 24.66 -14.74 17.01
C GLN E 22 25.41 -13.51 16.51
N TRP E 23 26.57 -13.74 15.90
CA TRP E 23 27.45 -12.67 15.45
C TRP E 23 27.28 -12.31 13.98
N LYS E 24 27.02 -13.27 13.11
CA LYS E 24 26.96 -13.00 11.69
C LYS E 24 25.64 -12.35 11.31
N GLY E 25 25.72 -11.19 10.67
CA GLY E 25 24.53 -10.45 10.31
C GLY E 25 23.82 -9.82 11.48
N SER E 26 24.56 -9.38 12.49
CA SER E 26 24.00 -8.93 13.74
C SER E 26 24.14 -7.41 13.88
N ILE E 27 23.45 -6.87 14.88
CA ILE E 27 23.64 -5.48 15.25
C ILE E 27 25.01 -5.25 15.87
N TYR E 28 25.61 -6.29 16.46
CA TYR E 28 26.90 -6.13 17.10
C TYR E 28 28.03 -6.00 16.09
N LYS E 29 27.87 -6.52 14.88
CA LYS E 29 28.89 -6.34 13.85
C LYS E 29 28.76 -4.99 13.16
N LEU E 30 27.54 -4.48 13.00
CA LEU E 30 27.36 -3.21 12.32
C LEU E 30 27.80 -2.04 13.18
N LEU E 31 27.40 -2.01 14.44
CA LEU E 31 27.68 -0.88 15.31
C LEU E 31 29.03 -0.92 15.98
N TYR E 32 29.87 -1.94 15.73
CA TYR E 32 31.07 -2.16 16.53
C TYR E 32 32.09 -1.03 16.38
N SER E 33 32.15 -0.37 15.23
CA SER E 33 33.10 0.72 15.07
C SER E 33 32.54 2.04 15.57
N GLU E 34 31.26 2.30 15.33
CA GLU E 34 30.66 3.55 15.78
C GLU E 34 30.45 3.58 17.28
N PHE E 35 30.29 2.41 17.90
CA PHE E 35 30.07 2.36 19.34
C PHE E 35 31.36 2.69 20.07
N LEU E 36 32.48 2.08 19.66
CA LEU E 36 33.75 2.32 20.33
C LEU E 36 34.27 3.73 20.14
N ILE E 37 33.90 4.40 19.06
CA ILE E 37 34.20 5.82 18.96
C ILE E 37 33.36 6.62 19.94
N PHE E 38 32.08 6.27 20.07
CA PHE E 38 31.20 7.00 20.98
C PHE E 38 31.53 6.75 22.44
N ILE E 39 31.98 5.53 22.78
CA ILE E 39 32.42 5.26 24.14
C ILE E 39 33.69 6.03 24.46
N SER E 40 34.65 6.02 23.54
CA SER E 40 35.94 6.65 23.81
C SER E 40 35.85 8.16 23.79
N LEU E 41 34.98 8.73 22.95
CA LEU E 41 34.75 10.16 22.99
C LEU E 41 34.01 10.58 24.26
N TYR E 42 33.18 9.70 24.80
CA TYR E 42 32.50 10.02 26.05
C TYR E 42 33.46 10.00 27.23
N PHE E 43 34.23 8.93 27.38
CA PHE E 43 35.11 8.78 28.51
C PHE E 43 36.31 9.72 28.44
N ALA E 44 36.64 10.25 27.27
CA ALA E 44 37.66 11.29 27.20
C ALA E 44 37.15 12.57 27.84
N ILE E 45 35.93 12.98 27.51
CA ILE E 45 35.34 14.19 28.07
C ILE E 45 35.07 14.00 29.56
N SER E 46 34.76 12.78 29.99
CA SER E 46 34.52 12.52 31.40
C SER E 46 35.82 12.61 32.20
N LEU E 47 36.91 12.06 31.68
CA LEU E 47 38.17 12.10 32.42
C LEU E 47 38.83 13.48 32.37
N VAL E 48 38.55 14.27 31.33
CA VAL E 48 39.07 15.63 31.29
C VAL E 48 38.32 16.50 32.29
N TYR E 49 37.01 16.29 32.43
CA TYR E 49 36.21 17.03 33.41
C TYR E 49 36.58 16.67 34.85
N ARG E 50 36.97 15.44 35.11
CA ARG E 50 37.23 14.99 36.47
C ARG E 50 38.68 15.15 36.89
N LEU E 51 39.60 15.43 35.97
CA LEU E 51 41.01 15.43 36.34
C LEU E 51 41.77 16.68 35.88
N ILE E 52 41.32 17.31 34.81
CA ILE E 52 42.10 18.32 34.12
C ILE E 52 41.55 19.73 34.36
N LEU E 53 40.23 19.91 34.30
CA LEU E 53 39.65 21.23 34.50
C LEU E 53 39.82 21.70 35.94
N SER E 54 40.05 22.99 36.10
CA SER E 54 40.15 23.60 37.42
C SER E 54 38.76 23.90 37.98
N GLU E 55 38.72 24.35 39.23
CA GLU E 55 37.46 24.56 39.93
C GLU E 55 36.65 25.71 39.33
N SER E 56 37.34 26.75 38.85
CA SER E 56 36.65 27.83 38.16
C SER E 56 36.29 27.46 36.72
N GLN E 57 36.86 26.39 36.19
CA GLN E 57 36.54 25.95 34.84
C GLN E 57 35.59 24.77 34.79
N ARG E 58 35.45 24.01 35.89
CA ARG E 58 34.44 22.97 35.93
C ARG E 58 33.05 23.57 35.95
N LEU E 59 32.88 24.73 36.59
CA LEU E 59 31.58 25.36 36.67
C LEU E 59 31.13 25.91 35.33
N MET E 60 32.07 26.20 34.43
CA MET E 60 31.70 26.59 33.08
C MET E 60 31.21 25.38 32.28
N PHE E 61 31.77 24.21 32.56
CA PHE E 61 31.32 22.98 31.91
C PHE E 61 29.97 22.53 32.44
N GLU E 62 29.67 22.83 33.70
CA GLU E 62 28.39 22.43 34.27
C GLU E 62 27.25 23.22 33.66
N LYS E 63 27.50 24.48 33.27
CA LYS E 63 26.46 25.28 32.65
C LYS E 63 26.20 24.84 31.21
N LEU E 64 27.24 24.42 30.48
CA LEU E 64 27.03 23.89 29.13
C LEU E 64 26.39 22.52 29.15
N ALA E 65 26.68 21.71 30.17
CA ALA E 65 26.09 20.37 30.24
C ALA E 65 24.61 20.43 30.54
N LEU E 66 24.16 21.46 31.25
CA LEU E 66 22.74 21.63 31.51
C LEU E 66 22.04 22.29 30.33
N TYR E 67 22.74 23.14 29.57
CA TYR E 67 22.15 23.72 28.38
C TYR E 67 21.99 22.67 27.29
N CYS E 68 23.01 21.84 27.08
CA CYS E 68 22.96 20.83 26.04
C CYS E 68 22.07 19.66 26.41
N ASN E 69 21.70 19.52 27.67
CA ASN E 69 20.80 18.44 28.07
C ASN E 69 19.35 18.85 27.83
N SER E 70 19.02 20.12 28.07
CA SER E 70 17.64 20.56 27.97
C SER E 70 17.22 20.78 26.52
N TYR E 71 18.11 21.28 25.68
CA TYR E 71 17.74 21.71 24.34
C TYR E 71 18.18 20.75 23.25
N ALA E 72 18.77 19.60 23.60
CA ALA E 72 19.01 18.58 22.59
C ALA E 72 17.74 17.86 22.19
N GLU E 73 16.66 18.02 22.95
CA GLU E 73 15.37 17.46 22.60
C GLU E 73 14.70 18.22 21.46
N LEU E 74 15.23 19.36 21.06
CA LEU E 74 14.72 20.08 19.90
C LEU E 74 15.12 19.43 18.58
N ILE E 75 16.05 18.48 18.59
CA ILE E 75 16.44 17.77 17.38
C ILE E 75 15.43 16.65 17.16
N PRO E 76 14.61 16.70 16.12
CA PRO E 76 13.55 15.71 15.96
C PRO E 76 14.08 14.38 15.41
N VAL E 77 14.73 13.61 16.28
CA VAL E 77 15.46 12.43 15.83
C VAL E 77 14.50 11.33 15.42
N SER E 78 13.45 11.09 16.22
CA SER E 78 12.50 10.03 15.89
C SER E 78 11.64 10.41 14.69
N PHE E 79 11.39 11.70 14.47
CA PHE E 79 10.63 12.12 13.30
C PHE E 79 11.45 11.99 12.02
N VAL E 80 12.72 12.38 12.08
CA VAL E 80 13.57 12.35 10.90
C VAL E 80 13.99 10.92 10.58
N LEU E 81 14.40 10.15 11.59
CA LEU E 81 14.83 8.78 11.35
C LEU E 81 13.67 7.85 11.08
N GLY E 82 12.52 8.11 11.69
CA GLY E 82 11.36 7.25 11.46
C GLY E 82 10.80 7.36 10.06
N PHE E 83 10.94 8.52 9.43
CA PHE E 83 10.52 8.65 8.05
C PHE E 83 11.51 7.99 7.10
N TYR E 84 12.79 7.99 7.45
CA TYR E 84 13.81 7.51 6.54
C TYR E 84 13.85 5.99 6.51
N VAL E 85 13.62 5.36 7.64
CA VAL E 85 13.62 3.91 7.72
C VAL E 85 12.38 3.34 7.02
N SER E 86 11.31 4.13 6.92
CA SER E 86 10.15 3.70 6.15
C SER E 86 10.43 3.70 4.65
N LEU E 87 11.28 4.61 4.17
CA LEU E 87 11.64 4.61 2.75
C LEU E 87 12.56 3.45 2.40
N VAL E 88 13.51 3.14 3.27
CA VAL E 88 14.50 2.11 2.95
C VAL E 88 13.85 0.74 2.97
N VAL E 89 12.94 0.51 3.91
CA VAL E 89 12.27 -0.79 4.04
C VAL E 89 11.23 -0.97 2.95
N SER E 90 10.54 0.09 2.52
CA SER E 90 9.56 -0.01 1.45
C SER E 90 10.21 -0.36 0.12
N ARG E 91 11.42 0.14 -0.12
CA ARG E 91 12.16 -0.19 -1.32
C ARG E 91 12.90 -1.51 -1.19
N TRP E 92 13.05 -2.03 0.03
CA TRP E 92 13.86 -3.22 0.24
C TRP E 92 13.19 -4.46 -0.32
N TRP E 93 11.94 -4.71 0.07
CA TRP E 93 11.26 -5.89 -0.44
C TRP E 93 10.82 -5.72 -1.88
N ALA E 94 10.65 -4.48 -2.34
CA ALA E 94 10.28 -4.25 -3.72
C ALA E 94 11.41 -4.55 -4.69
N GLN E 95 12.66 -4.54 -4.23
CA GLN E 95 13.78 -4.92 -5.08
C GLN E 95 14.07 -6.40 -5.06
N TYR E 96 13.61 -7.14 -4.04
CA TYR E 96 13.70 -8.59 -4.12
C TYR E 96 12.72 -9.13 -5.13
N GLU E 97 11.53 -8.56 -5.20
CA GLU E 97 10.52 -9.00 -6.14
C GLU E 97 10.85 -8.62 -7.58
N SER E 98 11.79 -7.71 -7.79
CA SER E 98 12.21 -7.33 -9.13
C SER E 98 13.30 -8.23 -9.67
N ILE E 99 13.86 -9.11 -8.86
CA ILE E 99 14.89 -10.04 -9.32
C ILE E 99 14.24 -11.06 -10.24
N PRO E 100 14.68 -11.18 -11.48
CA PRO E 100 14.00 -12.09 -12.41
C PRO E 100 14.35 -13.55 -12.17
N TRP E 101 13.34 -14.39 -12.32
CA TRP E 101 13.41 -15.83 -12.23
C TRP E 101 13.06 -16.45 -13.57
N PRO E 102 13.80 -17.47 -14.01
CA PRO E 102 13.57 -18.03 -15.34
C PRO E 102 12.40 -19.00 -15.42
N ASP E 103 11.77 -19.32 -14.30
CA ASP E 103 10.97 -20.52 -14.18
C ASP E 103 9.64 -20.46 -14.91
N ARG E 104 9.15 -19.27 -15.25
CA ARG E 104 7.95 -19.18 -16.07
C ARG E 104 8.28 -19.33 -17.55
N ILE E 105 9.42 -18.80 -17.99
CA ILE E 105 9.88 -19.05 -19.36
C ILE E 105 10.32 -20.50 -19.49
N MET E 106 10.91 -21.03 -18.43
CA MET E 106 11.46 -22.38 -18.41
C MET E 106 10.37 -23.44 -18.58
N ASN E 107 9.17 -23.17 -18.07
CA ASN E 107 8.07 -24.11 -18.24
C ASN E 107 7.57 -24.15 -19.68
N LEU E 108 7.64 -23.03 -20.39
CA LEU E 108 7.07 -22.95 -21.72
C LEU E 108 8.05 -23.32 -22.81
N VAL E 109 9.34 -23.08 -22.61
CA VAL E 109 10.34 -23.49 -23.59
C VAL E 109 10.57 -24.99 -23.51
N SER E 110 10.41 -25.58 -22.32
CA SER E 110 10.64 -27.01 -22.15
C SER E 110 9.59 -27.87 -22.81
N CYS E 111 8.43 -27.33 -23.14
CA CYS E 111 7.35 -28.12 -23.68
C CYS E 111 6.93 -27.71 -25.09
N ASN E 112 7.02 -26.43 -25.44
CA ASN E 112 6.47 -25.95 -26.70
C ASN E 112 7.49 -25.89 -27.83
N VAL E 113 8.78 -25.97 -27.55
CA VAL E 113 9.80 -25.93 -28.59
C VAL E 113 10.19 -27.38 -28.87
N ASP E 114 9.69 -27.93 -29.96
CA ASP E 114 9.73 -29.36 -30.19
C ASP E 114 11.10 -29.79 -30.70
N GLY E 115 11.32 -31.10 -30.71
CA GLY E 115 12.55 -31.66 -31.22
C GLY E 115 13.39 -32.37 -30.19
N GLU E 116 13.67 -33.65 -30.44
CA GLU E 116 14.62 -34.41 -29.62
C GLU E 116 15.98 -34.54 -30.29
N ASP E 117 16.12 -34.10 -31.53
CA ASP E 117 17.39 -34.14 -32.24
C ASP E 117 18.35 -33.07 -31.71
N GLU E 118 19.55 -33.02 -32.29
CA GLU E 118 20.57 -32.12 -31.76
C GLU E 118 20.33 -30.67 -32.11
N TYR E 119 19.41 -30.37 -33.03
CA TYR E 119 19.11 -28.99 -33.36
C TYR E 119 18.04 -28.39 -32.46
N GLY E 120 16.97 -29.13 -32.18
CA GLY E 120 15.99 -28.66 -31.23
C GLY E 120 16.52 -28.67 -29.81
N ARG E 121 17.48 -29.55 -29.53
CA ARG E 121 18.15 -29.52 -28.23
C ARG E 121 19.03 -28.29 -28.11
N LEU E 122 19.65 -27.88 -29.22
CA LEU E 122 20.46 -26.66 -29.23
C LEU E 122 19.59 -25.42 -29.17
N LEU E 123 18.38 -25.49 -29.72
CA LEU E 123 17.50 -24.35 -29.82
C LEU E 123 16.85 -24.00 -28.49
N ARG E 124 16.54 -25.01 -27.67
CA ARG E 124 15.98 -24.74 -26.35
C ARG E 124 17.03 -24.24 -25.38
N ARG E 125 18.26 -24.74 -25.49
CA ARG E 125 19.31 -24.28 -24.59
C ARG E 125 19.73 -22.85 -24.89
N THR E 126 19.65 -22.44 -26.15
CA THR E 126 20.04 -21.08 -26.51
C THR E 126 18.98 -20.06 -26.08
N LEU E 127 17.71 -20.45 -26.09
CA LEU E 127 16.66 -19.57 -25.58
C LEU E 127 16.82 -19.32 -24.09
N MET E 128 16.99 -20.38 -23.30
CA MET E 128 17.15 -20.20 -21.87
C MET E 128 18.49 -19.61 -21.47
N ARG E 129 19.48 -19.64 -22.36
CA ARG E 129 20.73 -18.95 -22.09
C ARG E 129 20.62 -17.46 -22.39
N TYR E 130 19.76 -17.08 -23.34
CA TYR E 130 19.50 -15.67 -23.58
C TYR E 130 18.64 -15.05 -22.48
N SER E 131 17.77 -15.83 -21.84
CA SER E 131 16.99 -15.31 -20.74
C SER E 131 17.84 -15.12 -19.49
N ASN E 132 18.81 -15.99 -19.29
CA ASN E 132 19.70 -15.84 -18.15
C ASN E 132 20.72 -14.74 -18.37
N LEU E 133 21.14 -14.54 -19.62
CA LEU E 133 22.07 -13.47 -19.93
C LEU E 133 21.42 -12.10 -19.82
N CYS E 134 20.12 -12.00 -20.12
CA CYS E 134 19.42 -10.74 -20.00
C CYS E 134 19.23 -10.33 -18.55
N SER E 135 19.42 -11.27 -17.62
CA SER E 135 19.37 -11.05 -16.18
C SER E 135 20.74 -10.84 -15.55
N VAL E 136 21.78 -11.48 -16.08
CA VAL E 136 23.14 -11.27 -15.56
C VAL E 136 23.63 -9.87 -15.90
N LEU E 137 23.29 -9.37 -17.10
CA LEU E 137 23.75 -8.08 -17.53
C LEU E 137 23.09 -6.93 -16.78
N ILE E 138 21.92 -7.14 -16.18
CA ILE E 138 21.36 -6.11 -15.32
C ILE E 138 21.82 -6.29 -13.87
N LEU E 139 22.12 -7.51 -13.44
CA LEU E 139 22.61 -7.68 -12.08
C LEU E 139 24.05 -7.20 -11.93
N ARG E 140 24.87 -7.29 -12.97
CA ARG E 140 26.20 -6.73 -12.84
C ARG E 140 26.23 -5.22 -13.03
N SER E 141 25.09 -4.60 -13.34
CA SER E 141 24.96 -3.15 -13.30
C SER E 141 24.45 -2.66 -11.97
N VAL E 142 23.66 -3.47 -11.26
CA VAL E 142 23.01 -3.03 -10.02
C VAL E 142 23.63 -3.64 -8.78
N SER E 143 24.46 -4.67 -8.92
CA SER E 143 25.08 -5.33 -7.77
C SER E 143 26.59 -5.22 -7.86
N THR E 144 27.22 -4.86 -6.76
CA THR E 144 28.67 -4.88 -6.69
C THR E 144 29.22 -6.27 -6.38
N ALA E 145 28.37 -7.20 -5.94
CA ALA E 145 28.82 -8.57 -5.74
C ALA E 145 28.87 -9.34 -7.05
N VAL E 146 27.97 -9.04 -7.98
CA VAL E 146 28.02 -9.67 -9.29
C VAL E 146 29.10 -9.03 -10.15
N TYR E 147 29.33 -7.72 -9.99
CA TYR E 147 30.34 -7.03 -10.78
C TYR E 147 31.75 -7.46 -10.41
N LYS E 148 31.99 -7.77 -9.14
CA LYS E 148 33.31 -8.25 -8.76
C LYS E 148 33.55 -9.69 -9.21
N ARG E 149 32.48 -10.43 -9.50
CA ARG E 149 32.63 -11.75 -10.09
C ARG E 149 32.86 -11.66 -11.59
N PHE E 150 32.14 -10.76 -12.28
CA PHE E 150 32.27 -10.54 -13.71
C PHE E 150 32.71 -9.10 -13.95
N PRO E 151 34.01 -8.80 -13.85
CA PRO E 151 34.44 -7.41 -14.03
C PRO E 151 34.37 -6.95 -15.47
N SER E 152 34.69 -7.82 -16.41
CA SER E 152 34.61 -7.52 -17.82
C SER E 152 33.72 -8.56 -18.50
N MET E 153 33.43 -8.30 -19.77
CA MET E 153 32.57 -9.20 -20.53
C MET E 153 33.30 -10.47 -20.93
N GLU E 154 34.64 -10.47 -20.86
CA GLU E 154 35.41 -11.69 -21.09
C GLU E 154 35.19 -12.70 -19.97
N HIS E 155 34.90 -12.23 -18.76
CA HIS E 155 34.58 -13.13 -17.65
C HIS E 155 33.23 -13.79 -17.84
N VAL E 156 32.31 -13.15 -18.55
CA VAL E 156 31.00 -13.76 -18.80
C VAL E 156 31.13 -14.88 -19.82
N VAL E 157 32.06 -14.74 -20.77
CA VAL E 157 32.29 -15.78 -21.76
C VAL E 157 32.95 -17.00 -21.13
N ARG E 158 33.83 -16.78 -20.14
CA ARG E 158 34.51 -17.88 -19.49
C ARG E 158 33.60 -18.67 -18.57
N ALA E 159 32.46 -18.12 -18.16
CA ALA E 159 31.54 -18.83 -17.29
C ALA E 159 30.50 -19.62 -18.06
N GLY E 160 30.52 -19.59 -19.39
CA GLY E 160 29.56 -20.32 -20.18
C GLY E 160 28.25 -19.63 -20.40
N LEU E 161 28.09 -18.40 -19.91
CA LEU E 161 26.87 -17.63 -20.13
C LEU E 161 26.78 -17.02 -21.52
N MET E 162 27.89 -16.99 -22.26
CA MET E 162 27.93 -16.35 -23.56
C MET E 162 29.00 -17.04 -24.39
N THR E 163 28.63 -17.49 -25.58
CA THR E 163 29.61 -18.10 -26.46
C THR E 163 30.46 -17.00 -27.11
N PRO E 164 31.67 -17.34 -27.59
CA PRO E 164 32.52 -16.29 -28.20
C PRO E 164 31.96 -15.69 -29.48
N GLU E 165 31.06 -16.38 -30.18
CA GLU E 165 30.45 -15.78 -31.36
C GLU E 165 29.40 -14.74 -30.98
N GLU E 166 28.83 -14.86 -29.78
CA GLU E 166 27.87 -13.87 -29.30
C GLU E 166 28.54 -12.64 -28.72
N HIS E 167 29.79 -12.75 -28.29
CA HIS E 167 30.51 -11.59 -27.80
C HIS E 167 30.93 -10.67 -28.94
N LYS E 168 31.19 -11.23 -30.12
CA LYS E 168 31.49 -10.39 -31.27
C LYS E 168 30.25 -9.64 -31.75
N LYS E 169 29.09 -10.30 -31.68
CA LYS E 169 27.84 -9.64 -32.05
C LYS E 169 27.42 -8.65 -30.98
N PHE E 170 27.80 -8.87 -29.72
CA PHE E 170 27.47 -7.95 -28.64
C PHE E 170 28.32 -6.69 -28.67
N GLU E 171 29.51 -6.75 -29.27
CA GLU E 171 30.35 -5.57 -29.38
C GLU E 171 30.13 -4.80 -30.67
N SER E 172 29.70 -5.47 -31.73
CA SER E 172 29.44 -4.78 -32.99
C SER E 172 28.17 -3.93 -32.93
N LEU E 173 27.26 -4.25 -32.01
CA LEU E 173 26.07 -3.43 -31.78
C LEU E 173 26.50 -2.18 -31.03
N ASN E 174 26.55 -1.05 -31.73
CA ASN E 174 27.10 0.19 -31.19
C ASN E 174 26.00 0.97 -30.48
N SER E 175 26.08 1.07 -29.15
CA SER E 175 25.12 1.80 -28.37
C SER E 175 25.87 2.43 -27.20
N PRO E 176 25.69 3.73 -26.94
CA PRO E 176 26.38 4.36 -25.81
C PRO E 176 25.73 4.09 -24.46
N HIS E 177 24.62 3.39 -24.41
CA HIS E 177 23.86 3.19 -23.19
C HIS E 177 24.12 1.77 -22.66
N ASN E 178 23.39 1.40 -21.61
CA ASN E 178 23.50 0.06 -21.07
C ASN E 178 22.83 -0.94 -22.00
N LYS E 179 23.51 -2.06 -22.23
CA LYS E 179 23.09 -3.03 -23.24
C LYS E 179 22.46 -4.27 -22.63
N PHE E 180 21.75 -4.14 -21.52
CA PHE E 180 21.12 -5.30 -20.91
C PHE E 180 19.91 -5.77 -21.70
N TRP E 181 19.39 -4.95 -22.60
CA TRP E 181 18.23 -5.26 -23.44
C TRP E 181 18.59 -6.06 -24.69
N ILE E 182 19.88 -6.28 -24.95
CA ILE E 182 20.28 -7.01 -26.15
C ILE E 182 19.83 -8.48 -26.15
N PRO E 183 20.05 -9.29 -25.10
CA PRO E 183 19.63 -10.70 -25.20
C PRO E 183 18.13 -10.90 -25.17
N CYS E 184 17.38 -9.94 -24.63
CA CYS E 184 15.93 -10.04 -24.68
C CYS E 184 15.38 -9.73 -26.06
N VAL E 185 16.16 -9.12 -26.95
CA VAL E 185 15.74 -9.00 -28.34
C VAL E 185 16.21 -10.21 -29.15
N TRP E 186 17.36 -10.79 -28.81
CA TRP E 186 17.80 -12.04 -29.42
C TRP E 186 16.87 -13.19 -29.09
N PHE E 187 16.22 -13.16 -27.93
CA PHE E 187 15.28 -14.20 -27.54
C PHE E 187 14.07 -14.20 -28.48
N SER E 188 13.48 -13.03 -28.68
CA SER E 188 12.24 -12.95 -29.44
C SER E 188 12.48 -13.16 -30.93
N ASN E 189 13.68 -12.87 -31.42
CA ASN E 189 14.00 -13.16 -32.80
C ASN E 189 14.34 -14.63 -33.03
N LEU E 190 14.81 -15.31 -31.99
CA LEU E 190 15.07 -16.74 -32.11
C LEU E 190 13.82 -17.56 -31.92
N ALA E 191 12.88 -17.08 -31.10
CA ALA E 191 11.61 -17.78 -30.93
C ALA E 191 10.74 -17.67 -32.17
N VAL E 192 10.86 -16.59 -32.93
CA VAL E 192 10.13 -16.49 -34.19
C VAL E 192 10.83 -17.31 -35.27
N LYS E 193 12.16 -17.33 -35.26
CA LYS E 193 12.90 -18.21 -36.15
C LYS E 193 12.61 -19.68 -35.86
N ALA E 194 12.37 -20.02 -34.59
CA ALA E 194 11.98 -21.37 -34.23
C ALA E 194 10.60 -21.71 -34.75
N ARG E 195 9.68 -20.74 -34.77
CA ARG E 195 8.34 -21.04 -35.27
C ARG E 195 8.34 -21.19 -36.79
N ASN E 196 9.10 -20.35 -37.48
CA ASN E 196 9.16 -20.39 -38.94
C ASN E 196 9.86 -21.62 -39.48
N GLU E 197 10.55 -22.38 -38.62
CA GLU E 197 11.13 -23.66 -38.97
C GLU E 197 10.28 -24.83 -38.50
N GLY E 198 9.14 -24.57 -37.88
CA GLY E 198 8.23 -25.61 -37.47
C GLY E 198 8.44 -26.15 -36.08
N ARG E 199 9.33 -25.55 -35.29
CA ARG E 199 9.61 -26.10 -33.97
C ARG E 199 8.55 -25.70 -32.95
N ILE E 200 8.10 -24.47 -33.00
CA ILE E 200 6.94 -24.03 -32.23
C ILE E 200 5.71 -24.19 -33.11
N ARG E 201 4.66 -24.80 -32.58
CA ARG E 201 3.55 -25.28 -33.40
C ARG E 201 2.66 -24.14 -33.89
N ASP E 202 2.06 -23.39 -32.99
CA ASP E 202 1.11 -22.35 -33.35
C ASP E 202 1.61 -20.98 -32.92
N SER E 203 0.87 -19.95 -33.32
CA SER E 203 1.19 -18.59 -32.91
C SER E 203 0.63 -18.25 -31.54
N VAL E 204 -0.33 -19.01 -31.05
CA VAL E 204 -0.79 -18.83 -29.68
C VAL E 204 0.28 -19.29 -28.71
N LEU E 205 1.01 -20.33 -29.09
CA LEU E 205 2.11 -20.84 -28.27
C LEU E 205 3.34 -19.96 -28.40
N LEU E 206 3.52 -19.31 -29.54
CA LEU E 206 4.61 -18.34 -29.68
C LEU E 206 4.36 -17.10 -28.84
N GLN E 207 3.12 -16.60 -28.85
CA GLN E 207 2.81 -15.38 -28.11
C GLN E 207 2.83 -15.64 -26.60
N GLY E 208 2.58 -16.87 -26.17
CA GLY E 208 2.72 -17.19 -24.77
C GLY E 208 4.16 -17.18 -24.30
N ILE E 209 5.09 -17.56 -25.17
CA ILE E 209 6.51 -17.47 -24.85
C ILE E 209 6.95 -16.02 -24.85
N LEU E 210 6.46 -15.24 -25.81
CA LEU E 210 6.84 -13.83 -25.89
C LEU E 210 6.23 -12.98 -24.79
N ASN E 211 5.11 -13.42 -24.20
CA ASN E 211 4.57 -12.68 -23.07
C ASN E 211 5.39 -12.88 -21.81
N GLU E 212 5.98 -14.06 -21.63
CA GLU E 212 6.84 -14.28 -20.48
C GLU E 212 8.22 -13.66 -20.67
N LEU E 213 8.63 -13.39 -21.90
CA LEU E 213 9.84 -12.63 -22.12
C LEU E 213 9.65 -11.19 -21.69
N ASN E 214 8.52 -10.58 -22.05
CA ASN E 214 8.29 -9.19 -21.68
C ASN E 214 8.01 -9.02 -20.21
N THR E 215 7.54 -10.06 -19.54
CA THR E 215 7.43 -10.01 -18.08
C THR E 215 8.80 -10.00 -17.44
N LEU E 216 9.74 -10.77 -17.98
CA LEU E 216 11.10 -10.75 -17.46
C LEU E 216 11.83 -9.49 -17.88
N ARG E 217 11.45 -8.89 -19.00
CA ARG E 217 11.99 -7.58 -19.37
C ARG E 217 11.49 -6.48 -18.44
N SER E 218 10.26 -6.61 -17.94
CA SER E 218 9.76 -5.63 -16.97
C SER E 218 10.41 -5.81 -15.61
N GLN E 219 10.84 -7.04 -15.27
CA GLN E 219 11.58 -7.26 -14.03
C GLN E 219 12.95 -6.60 -14.08
N CYS E 220 13.62 -6.70 -15.22
CA CYS E 220 14.93 -6.07 -15.37
C CYS E 220 14.83 -4.56 -15.43
N GLY E 221 13.69 -4.04 -15.90
CA GLY E 221 13.51 -2.60 -15.92
C GLY E 221 13.25 -2.02 -14.55
N ARG E 222 12.70 -2.81 -13.64
CA ARG E 222 12.51 -2.33 -12.27
C ARG E 222 13.82 -2.29 -11.51
N LEU E 223 14.69 -3.29 -11.72
CA LEU E 223 16.01 -3.27 -11.12
C LEU E 223 16.86 -2.13 -11.65
N TYR E 224 16.64 -1.73 -12.91
CA TYR E 224 17.32 -0.56 -13.44
C TYR E 224 16.77 0.72 -12.82
N GLY E 225 15.50 0.70 -12.40
CA GLY E 225 14.91 1.91 -11.84
C GLY E 225 15.37 2.18 -10.43
N TYR E 226 15.43 1.14 -9.59
CA TYR E 226 15.86 1.32 -8.21
C TYR E 226 17.34 1.62 -8.08
N ASP E 227 18.16 1.19 -9.04
CA ASP E 227 19.57 1.53 -9.00
C ASP E 227 19.82 2.94 -9.47
N TRP E 228 19.06 3.41 -10.45
CA TRP E 228 19.26 4.73 -11.03
C TRP E 228 18.55 5.83 -10.27
N ILE E 229 17.33 5.57 -9.82
CA ILE E 229 16.56 6.56 -9.06
C ILE E 229 16.73 6.17 -7.60
N SER E 230 17.75 6.75 -6.97
CA SER E 230 18.07 6.45 -5.58
C SER E 230 17.06 7.11 -4.65
N ILE E 231 17.15 6.77 -3.38
CA ILE E 231 16.61 7.65 -2.33
C ILE E 231 17.28 9.00 -2.46
N PRO E 232 16.55 10.11 -2.41
CA PRO E 232 17.16 11.42 -2.64
C PRO E 232 18.26 11.75 -1.64
N LEU E 233 19.38 12.27 -2.19
CA LEU E 233 20.57 12.56 -1.39
C LEU E 233 20.30 13.56 -0.30
N VAL E 234 19.33 14.44 -0.53
CA VAL E 234 18.89 15.40 0.47
C VAL E 234 18.24 14.71 1.68
N TYR E 235 17.64 13.53 1.50
CA TYR E 235 17.18 12.75 2.66
C TYR E 235 18.30 12.06 3.40
N THR E 236 19.28 11.53 2.67
CA THR E 236 20.38 10.83 3.31
C THR E 236 21.25 11.79 4.11
N GLN E 237 21.40 13.03 3.64
CA GLN E 237 22.21 14.01 4.35
C GLN E 237 21.51 14.56 5.58
N VAL E 238 20.19 14.62 5.59
CA VAL E 238 19.48 15.13 6.76
C VAL E 238 19.50 14.13 7.89
N VAL E 239 19.33 12.84 7.60
CA VAL E 239 19.27 11.85 8.66
C VAL E 239 20.63 11.54 9.27
N THR E 240 21.72 11.77 8.55
CA THR E 240 23.03 11.56 9.12
C THR E 240 23.51 12.77 9.90
N VAL E 241 22.84 13.91 9.77
CA VAL E 241 23.07 15.02 10.68
C VAL E 241 22.19 14.90 11.91
N ALA E 242 20.97 14.39 11.74
CA ALA E 242 20.03 14.29 12.87
C ALA E 242 20.49 13.27 13.90
N VAL E 243 21.11 12.18 13.46
CA VAL E 243 21.64 11.21 14.41
C VAL E 243 22.97 11.67 14.98
N TYR E 244 23.85 12.21 14.14
CA TYR E 244 25.19 12.55 14.62
C TYR E 244 25.22 13.82 15.45
N SER E 245 24.35 14.80 15.17
CA SER E 245 24.32 15.98 16.03
C SER E 245 23.62 15.73 17.34
N PHE E 246 22.75 14.72 17.40
CA PHE E 246 22.08 14.41 18.66
C PHE E 246 23.04 13.78 19.64
N PHE E 247 23.87 12.86 19.19
CA PHE E 247 24.82 12.23 20.09
C PHE E 247 26.13 13.01 20.21
N LEU E 248 26.33 14.03 19.37
CA LEU E 248 27.36 15.00 19.66
C LEU E 248 26.97 15.88 20.83
N ALA E 249 25.68 16.18 20.97
CA ALA E 249 25.19 16.90 22.14
C ALA E 249 25.14 16.03 23.38
N CYS E 250 25.02 14.72 23.21
CA CYS E 250 25.00 13.80 24.34
C CYS E 250 26.39 13.51 24.90
N LEU E 251 27.45 13.95 24.23
CA LEU E 251 28.77 13.83 24.82
C LEU E 251 28.99 14.87 25.90
N ILE E 252 28.28 15.99 25.81
CA ILE E 252 28.34 17.04 26.82
C ILE E 252 27.18 16.93 27.80
N GLY E 253 25.96 16.73 27.29
CA GLY E 253 24.79 16.82 28.14
C GLY E 253 24.57 15.63 29.04
N ARG E 254 25.05 14.45 28.65
CA ARG E 254 24.86 13.25 29.45
C ARG E 254 26.04 12.95 30.34
N GLN E 255 26.91 13.93 30.58
CA GLN E 255 27.97 13.74 31.56
C GLN E 255 27.37 13.68 32.96
N PHE E 256 28.00 12.92 33.84
CA PHE E 256 27.62 12.92 35.24
C PHE E 256 28.25 14.14 35.90
N LEU E 257 27.41 15.07 36.35
CA LEU E 257 27.90 16.29 36.95
C LEU E 257 28.23 16.04 38.42
N ASP E 258 28.69 17.07 39.10
CA ASP E 258 29.15 16.93 40.47
C ASP E 258 27.96 16.84 41.41
N PRO E 259 27.84 15.77 42.22
CA PRO E 259 26.72 15.68 43.15
C PRO E 259 26.79 16.67 44.30
N GLU E 260 27.98 17.18 44.62
CA GLU E 260 28.12 18.15 45.71
C GLU E 260 27.54 19.51 45.35
N LYS E 261 27.38 19.81 44.06
CA LYS E 261 26.75 21.05 43.65
C LYS E 261 25.23 20.97 43.69
N ALA E 262 24.68 19.75 43.74
CA ALA E 262 23.26 19.47 43.94
C ALA E 262 22.39 20.06 42.83
N TYR E 263 22.66 19.63 41.61
CA TYR E 263 21.81 20.03 40.49
C TYR E 263 20.55 19.17 40.45
N PRO E 264 19.44 19.72 39.93
CA PRO E 264 18.25 18.90 39.76
C PRO E 264 18.41 17.84 38.69
N GLY E 265 18.40 16.58 39.08
CA GLY E 265 18.56 15.49 38.15
C GLY E 265 19.88 14.77 38.30
N HIS E 266 20.94 15.53 38.54
CA HIS E 266 22.28 14.96 38.68
C HIS E 266 22.62 14.75 40.15
N GLU E 267 21.84 13.88 40.79
CA GLU E 267 22.02 13.59 42.21
C GLU E 267 22.77 12.29 42.47
N LEU E 268 23.12 11.55 41.42
CA LEU E 268 23.80 10.27 41.57
C LEU E 268 24.89 10.17 40.52
N ASP E 269 26.06 9.69 40.94
CA ASP E 269 27.21 9.51 40.07
C ASP E 269 27.45 8.01 39.91
N LEU E 270 27.44 7.54 38.66
CA LEU E 270 27.59 6.12 38.37
C LEU E 270 28.72 5.80 37.41
N PHE E 271 29.32 6.82 36.78
CA PHE E 271 30.49 6.78 35.90
C PHE E 271 30.23 6.13 34.54
N VAL E 272 29.09 5.48 34.35
CA VAL E 272 28.71 4.84 33.09
C VAL E 272 27.24 5.11 32.79
N PRO E 273 26.94 5.90 31.78
CA PRO E 273 25.52 6.13 31.46
C PRO E 273 24.94 4.95 30.68
N VAL E 274 24.18 4.12 31.38
CA VAL E 274 23.66 2.91 30.77
C VAL E 274 22.50 3.25 29.84
N PHE E 275 21.72 4.26 30.19
CA PHE E 275 20.58 4.63 29.37
C PHE E 275 20.92 5.60 28.25
N THR E 276 22.12 6.16 28.25
CA THR E 276 22.62 6.89 27.09
C THR E 276 23.26 5.95 26.09
N PHE E 277 24.00 4.95 26.58
CA PHE E 277 24.61 3.97 25.69
C PHE E 277 23.55 3.06 25.08
N LEU E 278 22.45 2.83 25.79
CA LEU E 278 21.32 2.14 25.18
C LEU E 278 20.64 3.03 24.14
N GLN E 279 20.55 4.33 24.40
CA GLN E 279 19.88 5.20 23.44
C GLN E 279 20.70 5.37 22.16
N PHE E 280 22.03 5.25 22.27
CA PHE E 280 22.86 5.17 21.08
C PHE E 280 22.68 3.85 20.35
N PHE E 281 22.32 2.80 21.08
CA PHE E 281 22.17 1.48 20.48
C PHE E 281 20.96 1.40 19.59
N PHE E 282 19.94 2.22 19.82
CA PHE E 282 18.72 2.17 19.02
C PHE E 282 18.67 3.24 17.94
N TYR E 283 19.04 4.48 18.26
CA TYR E 283 18.99 5.54 17.27
C TYR E 283 20.07 5.38 16.22
N ALA E 284 21.31 5.11 16.65
CA ALA E 284 22.33 4.76 15.68
C ALA E 284 22.24 3.30 15.24
N GLY E 285 21.41 2.50 15.90
CA GLY E 285 21.16 1.16 15.41
C GLY E 285 20.32 1.15 14.15
N PHE E 286 19.22 1.89 14.15
CA PHE E 286 18.35 1.99 12.97
C PHE E 286 19.00 2.74 11.83
N LEU E 287 19.95 3.62 12.12
CA LEU E 287 20.66 4.26 11.04
C LEU E 287 21.58 3.28 10.32
N LYS E 288 22.23 2.38 11.07
CA LYS E 288 23.10 1.39 10.45
C LYS E 288 22.35 0.30 9.72
N VAL E 289 21.09 0.02 10.09
CA VAL E 289 20.27 -0.89 9.29
C VAL E 289 19.92 -0.24 7.97
N ALA E 290 19.59 1.05 8.00
CA ALA E 290 19.27 1.77 6.79
C ALA E 290 20.48 1.92 5.88
N GLU E 291 21.69 1.96 6.46
CA GLU E 291 22.90 1.96 5.64
C GLU E 291 23.12 0.62 4.96
N GLN E 292 22.57 -0.44 5.53
CA GLN E 292 22.76 -1.77 4.99
C GLN E 292 21.74 -2.09 3.91
N LEU E 293 20.50 -1.66 4.10
CA LEU E 293 19.39 -2.03 3.23
C LEU E 293 19.13 -1.02 2.13
N ILE E 294 19.89 0.08 2.08
CA ILE E 294 19.65 1.07 1.03
C ILE E 294 20.14 0.55 -0.31
N ASN E 295 21.13 -0.33 -0.31
CA ASN E 295 21.56 -1.06 -1.49
C ASN E 295 21.66 -2.51 -1.05
N PRO E 296 20.61 -3.31 -1.24
CA PRO E 296 20.66 -4.71 -0.83
C PRO E 296 21.35 -5.64 -1.81
N PHE E 297 22.08 -5.11 -2.77
CA PHE E 297 22.81 -5.92 -3.74
C PHE E 297 24.32 -5.81 -3.55
N GLY E 298 24.77 -5.32 -2.41
CA GLY E 298 26.17 -5.21 -2.10
C GLY E 298 26.73 -6.48 -1.51
N GLU E 299 27.73 -6.32 -0.65
CA GLU E 299 28.44 -7.45 -0.06
C GLU E 299 28.32 -7.47 1.46
N ASP E 300 27.22 -6.96 2.01
CA ASP E 300 26.97 -7.11 3.42
C ASP E 300 26.57 -8.55 3.74
N ASP E 301 26.50 -8.86 5.03
CA ASP E 301 26.12 -10.21 5.43
C ASP E 301 24.64 -10.46 5.18
N ASP E 302 23.83 -9.41 5.17
CA ASP E 302 22.39 -9.54 5.02
C ASP E 302 21.90 -8.88 3.73
N ASP E 303 22.79 -8.66 2.77
CA ASP E 303 22.35 -8.31 1.43
C ASP E 303 21.92 -9.57 0.68
N PHE E 304 21.36 -9.37 -0.50
CA PHE E 304 20.80 -10.47 -1.27
C PHE E 304 21.90 -11.32 -1.87
N GLU E 305 21.75 -12.63 -1.77
CA GLU E 305 22.74 -13.57 -2.32
C GLU E 305 22.49 -13.71 -3.82
N THR E 306 23.06 -12.80 -4.58
CA THR E 306 22.82 -12.76 -6.02
C THR E 306 23.80 -13.61 -6.80
N ASN E 307 25.01 -13.82 -6.29
CA ASN E 307 25.92 -14.76 -6.96
C ASN E 307 25.45 -16.18 -6.80
N TRP E 308 24.82 -16.49 -5.67
CA TRP E 308 24.19 -17.80 -5.50
C TRP E 308 23.06 -17.99 -6.50
N LEU E 309 22.24 -16.96 -6.68
CA LEU E 309 21.00 -17.09 -7.42
C LEU E 309 21.24 -17.16 -8.91
N ILE E 310 22.33 -16.59 -9.39
CA ILE E 310 22.75 -16.78 -10.78
C ILE E 310 23.15 -18.22 -11.02
N ASP E 311 23.87 -18.83 -10.07
CA ASP E 311 24.28 -20.21 -10.22
C ASP E 311 23.10 -21.18 -10.14
N ARG E 312 22.07 -20.83 -9.36
CA ARG E 312 20.87 -21.64 -9.34
C ARG E 312 20.11 -21.53 -10.66
N ASN E 313 19.94 -20.31 -11.16
CA ASN E 313 19.07 -20.10 -12.32
C ASN E 313 19.68 -20.66 -13.59
N LEU E 314 21.00 -20.74 -13.67
CA LEU E 314 21.62 -21.30 -14.86
C LEU E 314 21.54 -22.82 -14.85
N GLN E 315 21.69 -23.44 -13.68
CA GLN E 315 21.67 -24.90 -13.62
C GLN E 315 20.25 -25.43 -13.76
N VAL E 316 19.27 -24.74 -13.18
CA VAL E 316 17.88 -25.22 -13.21
C VAL E 316 17.28 -25.03 -14.60
N SER E 317 17.63 -23.94 -15.29
CA SER E 317 17.08 -23.66 -16.61
C SER E 317 17.56 -24.67 -17.64
N LEU E 318 18.87 -24.93 -17.67
CA LEU E 318 19.40 -25.87 -18.65
C LEU E 318 19.15 -27.32 -18.28
N MET E 319 18.59 -27.57 -17.11
CA MET E 319 18.18 -28.91 -16.72
C MET E 319 16.77 -29.22 -17.18
N ALA E 320 15.89 -28.23 -17.15
CA ALA E 320 14.49 -28.46 -17.47
C ALA E 320 14.21 -28.43 -18.96
N VAL E 321 15.06 -27.79 -19.77
CA VAL E 321 14.82 -27.77 -21.21
C VAL E 321 15.69 -28.75 -21.96
N ASP E 322 16.63 -29.41 -21.30
CA ASP E 322 17.50 -30.39 -21.95
C ASP E 322 17.23 -31.80 -21.43
N GLU E 323 17.34 -32.02 -20.12
CA GLU E 323 17.14 -33.34 -19.56
C GLU E 323 15.69 -33.66 -19.26
N MET E 324 14.78 -32.69 -19.37
CA MET E 324 13.40 -32.87 -18.95
C MET E 324 12.41 -32.48 -20.04
N HIS E 325 12.80 -32.63 -21.31
CA HIS E 325 11.95 -32.16 -22.39
C HIS E 325 10.73 -33.06 -22.61
N GLN E 326 10.94 -34.33 -22.96
CA GLN E 326 9.84 -35.28 -22.99
C GLN E 326 10.07 -36.44 -22.05
N ASP E 327 10.94 -36.26 -21.06
CA ASP E 327 11.25 -37.30 -20.09
C ASP E 327 10.22 -37.21 -18.97
N LEU E 328 9.12 -37.91 -19.16
CA LEU E 328 8.07 -37.99 -18.18
C LEU E 328 8.10 -39.34 -17.50
N PRO E 329 7.70 -39.44 -16.23
CA PRO E 329 7.53 -40.75 -15.61
C PRO E 329 6.30 -41.46 -16.19
N ILE E 330 6.22 -42.76 -15.92
CA ILE E 330 5.18 -43.59 -16.49
C ILE E 330 3.86 -43.29 -15.79
N LEU E 331 2.79 -43.12 -16.58
CA LEU E 331 1.46 -42.91 -16.03
C LEU E 331 1.00 -44.15 -15.27
N GLU E 332 0.65 -43.95 -14.00
CA GLU E 332 0.30 -45.03 -13.10
C GLU E 332 -0.96 -44.66 -12.33
N LYS E 333 -1.77 -45.66 -12.04
CA LYS E 333 -2.91 -45.47 -11.13
C LYS E 333 -2.38 -45.20 -9.73
N ASP E 334 -2.87 -44.11 -9.13
CA ASP E 334 -2.41 -43.70 -7.81
C ASP E 334 -3.12 -44.51 -6.72
N LEU E 335 -2.94 -44.07 -5.47
CA LEU E 335 -3.49 -44.80 -4.33
C LEU E 335 -5.00 -44.73 -4.26
N TYR E 336 -5.58 -43.59 -4.62
CA TYR E 336 -7.04 -43.42 -4.66
C TYR E 336 -7.48 -43.60 -6.11
N TRP E 337 -7.98 -44.78 -6.45
CA TRP E 337 -8.45 -45.00 -7.81
C TRP E 337 -9.93 -45.36 -7.87
N ASN E 338 -10.37 -46.37 -7.12
CA ASN E 338 -11.79 -46.69 -7.07
C ASN E 338 -12.24 -46.88 -5.63
CA CA F . 4.63 -19.03 14.45
CA CA G . -20.41 -5.94 11.81
CA CA H . -16.25 17.95 -2.64
CA CA I . 11.22 19.60 -8.98
CA CA J . 24.11 -3.17 1.54
#